data_5N6Y
#
_entry.id   5N6Y
#
_cell.length_a   75.250
_cell.length_b   79.790
_cell.length_c   106.970
_cell.angle_alpha   84.06
_cell.angle_beta   72.62
_cell.angle_gamma   75.15
#
_symmetry.space_group_name_H-M   'P 1'
#
loop_
_entity.id
_entity.type
_entity.pdbx_description
1 polymer 'Nitrogenase vanadium-iron protein alpha chain'
2 polymer 'Nitrogenase vanadium-iron protein beta chain'
3 polymer 'Nitrogenase vanadium-iron protein delta chain'
4 non-polymer '3-HYDROXY-3-CARBOXY-ADIPIC ACID'
5 non-polymer 'C Fe7 S8 V'
6 non-polymer 'CARBONATE ION'
7 non-polymer 'FE(8)-S(7) CLUSTER'
8 non-polymer 'MAGNESIUM ION'
9 water water
#
loop_
_entity_poly.entity_id
_entity_poly.type
_entity_poly.pdbx_seq_one_letter_code
_entity_poly.pdbx_strand_id
1 'polypeptide(L)'
;MPMVLLECDKDIPERQKHIYLKAPNEDTREFLPIANAATIPGTLSERGCAFCGAKLVIGGVLKDTIQMIHGPLGCAYDTW
HTKRYPTDNGHFNMKYVWSTDMKESHVVFGGEKRLEKSMHEAFDEMPDIKRMIVYTTCPTALIGDDIKAVAKKVMKDRPD
VDVFTVECPGFSGVSQSKGHHVLNIGWINEKVETMEKEITSEYTMNFIGDFNIQGDTQLLQTYWDRLGIQVVAHFTGNGT
YDDLRCMHQAQLNVVNCARSSGYIANELKKRYGIPRLDIDSWGFNYMAEGIRKICAFFGIEEKGEELIAEEYAKWKPKLD
WYKERLQGKKMAIWTGGPRLWHWTKSVEDDLGVQVVAMSSKFGHEEDFEKVIARGKEGTYYIDDGNELEFFEIIDLVKPD
VIFTGPRVGELVKKLHIPYVNGHGYHNGPYMGFEGFVNLARDMYNAVHNPLRHLAAVDIRDKSQTTPVIVRGAA
;
A,D
2 'polypeptide(L)'
;MSNCELTVLKPAEVKLSPRDREGIINPMYDCQPAGAQYAGIGIKDCIPLVHGGQGCTMFVRLLFAQHFKENFDVASTSLH
EESAVFGGAKRVEEGVLVLARRYPNLRVIPIITTCSTEVIGDDIEGSIRVCNRALEAEFPDRKIYLAPVHTPSFKGSHVT
GYAECVKSVFKTITDAHGKGQPSGKLNVFPGWVNPGDVVLLKRYFKEMDVEANIYMDTEDFDSPMLPNKSIETHGRTTVE
DIADSANALATLSLARYEGNTTGELLQKTFAVPNALVNTPYGIKNTDDMLRKIAEVTGKEIPESLVRERGIALDALADLA
HMFFANKKVAIFGHPDLVLGLAQFCMEVELEPVLLLIGDDQGNKYKKDPRIEELKNTAHFDIEIVHNADLWELEKRINAG
LQLDLIMGHSKGRYVAIEANIPMVRVGFPTFDRAGLYRKPSIGYQGAMELGEMIANAMFAHMEYTRNKEWILNTW
;
E,B
3 'polypeptide(L)'
;MSQSHLDDLFAYVEERCLWQFFSRTWDREENIEGVLNQVGRLLTGQEPLRGTPQERLFYADALAMANDVRERFPWASQVN
KEEIEFLLDGLKSRLVDVTITRSTNRELNHHLY
;
C,F
#
loop_
_chem_comp.id
_chem_comp.type
_chem_comp.name
_chem_comp.formula
8P8 non-polymer 'C Fe7 S8 V' 'C Fe7 S8 V -4'
CLF non-polymer 'FE(8)-S(7) CLUSTER' 'Fe8 S7'
CO3 non-polymer 'CARBONATE ION' 'C O3 -2'
HCA non-polymer '3-HYDROXY-3-CARBOXY-ADIPIC ACID' 'C7 H10 O7'
MG non-polymer 'MAGNESIUM ION' 'Mg 2'
#
# COMPACT_ATOMS: atom_id res chain seq x y z
N PRO A 2 30.88 -33.63 -29.35
CA PRO A 2 30.78 -33.19 -30.73
C PRO A 2 30.03 -31.87 -30.88
N MET A 3 30.08 -31.27 -32.06
CA MET A 3 29.22 -30.10 -32.37
C MET A 3 27.77 -30.61 -32.57
N VAL A 4 26.80 -29.87 -32.12
CA VAL A 4 25.42 -30.30 -32.11
C VAL A 4 24.51 -29.50 -32.99
N LEU A 5 23.80 -30.21 -33.87
CA LEU A 5 22.69 -29.65 -34.68
C LEU A 5 21.40 -29.95 -33.94
N LEU A 6 20.84 -28.96 -33.25
CA LEU A 6 19.55 -29.09 -32.57
C LEU A 6 18.43 -29.17 -33.61
N GLU A 7 17.39 -29.90 -33.23
CA GLU A 7 16.18 -30.03 -34.07
C GLU A 7 15.60 -28.69 -34.49
N CYS A 8 15.56 -27.77 -33.54
CA CYS A 8 15.08 -26.42 -33.86
C CYS A 8 15.91 -25.59 -34.74
N ASP A 9 17.09 -26.09 -35.06
CA ASP A 9 18.07 -25.38 -35.95
C ASP A 9 18.21 -26.05 -37.30
N LYS A 10 17.39 -27.03 -37.65
CA LYS A 10 17.50 -27.71 -38.93
C LYS A 10 17.49 -26.76 -40.11
N ASP A 11 16.77 -25.66 -40.03
CA ASP A 11 16.76 -24.64 -41.10
C ASP A 11 17.75 -23.54 -40.96
N ILE A 12 18.53 -23.53 -39.89
CA ILE A 12 19.63 -22.56 -39.69
C ILE A 12 20.84 -23.41 -39.25
N PRO A 13 21.27 -24.36 -40.11
CA PRO A 13 22.19 -25.36 -39.66
C PRO A 13 23.63 -24.82 -39.38
N GLU A 14 23.92 -23.57 -39.80
CA GLU A 14 25.17 -22.89 -39.33
C GLU A 14 25.23 -22.91 -37.81
N ARG A 15 24.08 -22.97 -37.07
CA ARG A 15 24.13 -22.93 -35.64
C ARG A 15 24.90 -24.14 -35.03
N GLN A 16 25.08 -25.23 -35.79
CA GLN A 16 25.86 -26.35 -35.29
C GLN A 16 27.30 -25.99 -34.88
N LYS A 17 27.87 -24.99 -35.57
CA LYS A 17 29.20 -24.56 -35.31
C LYS A 17 29.29 -23.73 -34.06
N HIS A 18 28.14 -23.48 -33.41
CA HIS A 18 28.05 -22.65 -32.20
C HIS A 18 27.68 -23.44 -30.96
N ILE A 19 27.50 -24.72 -31.07
CA ILE A 19 27.04 -25.52 -29.99
C ILE A 19 27.90 -26.77 -29.81
N TYR A 20 28.51 -26.91 -28.65
CA TYR A 20 29.44 -28.00 -28.32
C TYR A 20 28.87 -28.82 -27.21
N LEU A 21 28.80 -30.13 -27.41
CA LEU A 21 28.46 -31.10 -26.35
C LEU A 21 29.76 -31.80 -26.01
N LYS A 22 30.35 -31.59 -24.85
CA LYS A 22 31.68 -32.15 -24.49
C LYS A 22 31.54 -33.65 -24.21
N ALA A 23 32.34 -34.41 -24.95
CA ALA A 23 32.33 -35.90 -24.84
C ALA A 23 33.63 -36.42 -24.42
N PRO A 24 33.64 -37.60 -23.82
CA PRO A 24 34.93 -38.19 -23.35
C PRO A 24 35.94 -38.34 -24.45
N ASN A 25 37.19 -38.07 -24.03
CA ASN A 25 38.36 -38.24 -24.91
C ASN A 25 38.50 -37.29 -26.06
N GLU A 26 37.70 -36.27 -26.14
CA GLU A 26 37.77 -35.40 -27.31
C GLU A 26 38.92 -34.48 -27.10
N ASP A 27 39.56 -34.06 -28.22
CA ASP A 27 40.50 -32.94 -28.12
C ASP A 27 39.64 -31.68 -28.30
N THR A 28 39.48 -30.91 -27.23
CA THR A 28 38.60 -29.77 -27.27
C THR A 28 39.04 -28.67 -28.22
N ARG A 29 40.31 -28.67 -28.60
CA ARG A 29 40.77 -27.72 -29.58
C ARG A 29 40.12 -27.86 -30.93
N GLU A 30 39.53 -29.01 -31.20
CA GLU A 30 38.87 -29.23 -32.50
C GLU A 30 37.38 -28.89 -32.44
N PHE A 31 36.90 -28.40 -31.29
CA PHE A 31 35.43 -28.18 -31.07
C PHE A 31 35.18 -26.88 -30.46
N LEU A 32 36.02 -25.85 -30.65
CA LEU A 32 35.73 -24.53 -30.07
C LEU A 32 34.65 -23.80 -30.85
N PRO A 33 33.54 -23.44 -30.17
CA PRO A 33 32.47 -22.77 -30.93
C PRO A 33 33.01 -21.54 -31.60
N ILE A 34 32.45 -21.20 -32.75
CA ILE A 34 32.65 -19.94 -33.36
C ILE A 34 31.92 -19.02 -32.37
N ALA A 35 32.55 -17.97 -32.04
CA ALA A 35 31.92 -16.97 -31.19
C ALA A 35 32.19 -15.61 -31.71
N ASN A 36 31.43 -14.61 -31.26
CA ASN A 36 31.63 -13.22 -31.61
C ASN A 36 31.54 -12.99 -33.13
N ALA A 37 30.64 -13.77 -33.78
CA ALA A 37 30.28 -13.62 -35.20
C ALA A 37 28.90 -13.00 -35.36
N ALA A 38 28.49 -12.64 -36.55
CA ALA A 38 27.24 -12.05 -36.80
C ALA A 38 26.06 -12.87 -36.26
N THR A 39 25.03 -12.12 -35.82
CA THR A 39 23.77 -12.76 -35.42
C THR A 39 22.94 -13.16 -36.64
N ILE A 40 22.21 -14.26 -36.47
CA ILE A 40 21.25 -14.63 -37.52
C ILE A 40 19.93 -13.84 -37.30
N PRO A 41 19.45 -13.08 -38.27
CA PRO A 41 18.16 -12.35 -38.09
C PRO A 41 17.02 -13.27 -37.79
N GLY A 42 16.06 -12.81 -36.95
CA GLY A 42 14.81 -13.54 -36.75
C GLY A 42 14.87 -14.70 -35.78
N THR A 43 15.97 -14.89 -35.07
CA THR A 43 16.19 -16.03 -34.24
C THR A 43 15.68 -15.92 -32.81
N LEU A 44 15.47 -14.70 -32.32
CA LEU A 44 15.30 -14.45 -30.88
C LEU A 44 16.55 -14.82 -30.11
N SER A 45 17.70 -14.46 -30.70
CA SER A 45 19.00 -14.32 -30.01
C SER A 45 18.80 -13.39 -28.79
N GLU A 46 19.57 -13.65 -27.76
CA GLU A 46 19.56 -12.84 -26.52
C GLU A 46 20.41 -11.52 -26.61
N ARG A 47 21.09 -11.29 -27.70
CA ARG A 47 22.05 -10.26 -27.79
C ARG A 47 21.48 -8.88 -27.77
N GLY A 48 22.24 -7.95 -27.18
CA GLY A 48 21.98 -6.54 -27.23
C GLY A 48 22.91 -5.77 -28.16
N CYS A 49 22.99 -4.46 -28.01
CA CYS A 49 23.71 -3.61 -28.94
C CYS A 49 24.99 -3.03 -28.32
N ALA A 50 25.83 -2.48 -29.24
CA ALA A 50 27.10 -1.98 -28.78
C ALA A 50 26.94 -0.81 -27.80
N PHE A 51 25.97 0.07 -28.03
CA PHE A 51 25.70 1.19 -27.15
C PHE A 51 25.45 0.70 -25.74
N CYS A 52 24.71 -0.37 -25.65
CA CYS A 52 24.45 -0.98 -24.34
C CYS A 52 25.74 -1.29 -23.60
N GLY A 53 26.68 -1.92 -24.29
CA GLY A 53 27.94 -2.31 -23.66
C GLY A 53 28.77 -1.11 -23.17
N ALA A 54 28.70 0.02 -23.84
CA ALA A 54 29.37 1.21 -23.40
C ALA A 54 28.65 1.92 -22.24
N LYS A 55 27.39 2.26 -22.46
CA LYS A 55 26.69 3.11 -21.52
C LYS A 55 26.09 2.37 -20.31
N LEU A 56 25.35 1.35 -20.64
CA LEU A 56 24.62 0.62 -19.54
C LEU A 56 25.59 -0.15 -18.67
N VAL A 57 26.53 -0.82 -19.30
CA VAL A 57 27.39 -1.77 -18.60
C VAL A 57 28.53 -1.09 -17.86
N ILE A 58 29.24 -0.22 -18.58
CA ILE A 58 30.47 0.36 -18.02
C ILE A 58 30.39 1.83 -17.59
N GLY A 59 30.02 2.72 -18.52
CA GLY A 59 30.04 4.12 -18.18
C GLY A 59 29.04 4.51 -17.15
N GLY A 60 27.85 3.93 -17.26
CA GLY A 60 26.77 4.32 -16.42
C GLY A 60 26.85 3.93 -14.98
N VAL A 61 27.85 3.17 -14.62
CA VAL A 61 28.12 2.70 -13.29
C VAL A 61 28.67 3.87 -12.44
N LEU A 62 29.34 4.84 -13.07
CA LEU A 62 29.96 5.94 -12.34
C LEU A 62 28.99 6.78 -11.58
N LYS A 63 29.42 7.24 -10.39
CA LYS A 63 28.51 7.91 -9.52
C LYS A 63 28.36 9.43 -9.67
N ASP A 64 29.14 10.07 -10.53
CA ASP A 64 29.30 11.48 -10.52
C ASP A 64 29.32 12.08 -11.92
N THR A 65 28.74 11.39 -12.86
CA THR A 65 28.91 11.69 -14.26
C THR A 65 27.56 11.74 -14.99
N ILE A 66 27.31 12.76 -15.75
CA ILE A 66 26.22 12.83 -16.66
C ILE A 66 26.40 11.87 -17.83
N GLN A 67 25.35 11.07 -18.13
CA GLN A 67 25.41 10.07 -19.20
C GLN A 67 24.54 10.60 -20.35
N MET A 68 25.18 11.36 -21.29
CA MET A 68 24.47 12.10 -22.34
C MET A 68 24.35 11.23 -23.53
N ILE A 69 23.14 10.73 -23.85
CA ILE A 69 22.96 9.82 -24.97
C ILE A 69 22.49 10.64 -26.14
N HIS A 70 23.36 10.75 -27.16
CA HIS A 70 23.10 11.58 -28.33
C HIS A 70 22.35 10.71 -29.34
N GLY A 71 21.04 10.97 -29.37
CA GLY A 71 20.14 10.16 -30.16
C GLY A 71 18.68 10.47 -29.76
N PRO A 72 17.76 9.74 -30.40
CA PRO A 72 16.38 9.87 -30.01
C PRO A 72 16.17 9.26 -28.61
N LEU A 73 15.01 9.56 -28.04
CA LEU A 73 14.83 9.35 -26.59
C LEU A 73 14.78 7.90 -26.20
N GLY A 74 14.49 6.99 -27.11
CA GLY A 74 14.33 5.60 -26.75
C GLY A 74 15.54 4.90 -26.19
N CYS A 75 16.74 5.26 -26.75
CA CYS A 75 17.94 4.65 -26.26
C CYS A 75 18.17 5.01 -24.79
N ALA A 76 17.82 6.20 -24.44
CA ALA A 76 17.91 6.67 -23.04
C ALA A 76 16.86 6.02 -22.12
N TYR A 77 15.61 6.04 -22.58
CA TYR A 77 14.55 5.38 -21.76
C TYR A 77 14.91 3.96 -21.48
N ASP A 78 15.46 3.26 -22.50
CA ASP A 78 15.70 1.84 -22.47
C ASP A 78 16.84 1.40 -21.56
N THR A 79 17.66 2.40 -21.14
CA THR A 79 18.80 2.12 -20.26
C THR A 79 18.69 2.77 -18.92
N TRP A 80 17.45 2.89 -18.47
CA TRP A 80 17.10 3.63 -17.23
C TRP A 80 16.12 2.75 -16.40
N HIS A 81 16.41 2.53 -15.16
CA HIS A 81 15.65 1.61 -14.28
C HIS A 81 15.86 0.17 -14.66
N THR A 82 17.04 -0.20 -15.13
CA THR A 82 17.26 -1.57 -15.52
C THR A 82 18.51 -2.20 -14.91
N LYS A 83 19.31 -1.45 -14.18
CA LYS A 83 20.54 -2.00 -13.60
C LYS A 83 20.50 -1.87 -12.07
N ARG A 84 21.36 -2.66 -11.41
CA ARG A 84 21.43 -2.70 -9.99
C ARG A 84 22.90 -2.48 -9.54
N TYR A 85 23.36 -1.23 -9.69
CA TYR A 85 24.71 -0.84 -9.30
C TYR A 85 24.64 0.36 -8.36
N PRO A 86 24.40 0.06 -7.08
CA PRO A 86 24.35 1.15 -6.12
C PRO A 86 25.63 1.96 -5.98
N THR A 87 25.52 3.13 -5.37
CA THR A 87 26.66 3.95 -5.06
C THR A 87 26.60 4.33 -3.60
N ASP A 88 27.63 5.04 -3.17
CA ASP A 88 27.68 5.63 -1.83
C ASP A 88 27.30 7.09 -1.84
N ASN A 89 26.67 7.57 -2.88
CA ASN A 89 26.25 8.95 -2.96
C ASN A 89 24.73 9.08 -3.26
N GLY A 90 23.96 8.09 -2.90
CA GLY A 90 22.50 8.17 -3.10
C GLY A 90 22.08 7.68 -4.48
N HIS A 91 22.92 6.90 -5.18
CA HIS A 91 22.53 6.26 -6.42
C HIS A 91 22.18 7.19 -7.55
N PHE A 92 23.01 8.26 -7.66
CA PHE A 92 22.79 9.26 -8.71
C PHE A 92 22.74 8.58 -10.08
N ASN A 93 23.60 7.62 -10.31
CA ASN A 93 23.73 6.86 -11.57
C ASN A 93 22.42 6.20 -11.99
N MET A 94 21.65 5.71 -11.00
CA MET A 94 20.43 4.99 -11.37
C MET A 94 19.24 5.95 -11.40
N LYS A 95 19.30 7.15 -10.82
CA LYS A 95 18.18 7.99 -10.77
C LYS A 95 17.92 8.76 -12.07
N TYR A 96 18.98 8.95 -12.87
CA TYR A 96 18.94 9.84 -14.03
C TYR A 96 19.45 9.19 -15.35
N VAL A 97 18.82 9.68 -16.45
CA VAL A 97 19.37 9.42 -17.77
C VAL A 97 19.09 10.66 -18.59
N TRP A 98 20.01 10.89 -19.58
CA TRP A 98 19.93 12.12 -20.37
C TRP A 98 19.90 11.80 -21.85
N SER A 99 19.16 12.59 -22.62
CA SER A 99 19.05 12.41 -24.04
C SER A 99 19.09 13.74 -24.74
N THR A 100 19.63 13.74 -25.95
CA THR A 100 19.51 14.91 -26.75
C THR A 100 18.22 15.08 -27.51
N ASP A 101 17.30 14.11 -27.35
CA ASP A 101 15.96 14.17 -27.92
C ASP A 101 16.02 14.48 -29.40
N MET A 102 16.79 13.72 -30.16
CA MET A 102 16.90 13.94 -31.60
CA MET A 102 16.89 13.97 -31.60
C MET A 102 15.53 13.88 -32.29
N LYS A 103 15.28 14.88 -33.11
CA LYS A 103 14.04 15.02 -33.93
C LYS A 103 14.36 14.90 -35.39
N GLU A 104 13.33 14.88 -36.24
CA GLU A 104 13.55 14.74 -37.67
C GLU A 104 14.41 15.89 -38.21
N SER A 105 14.23 17.09 -37.72
CA SER A 105 14.97 18.25 -38.27
C SER A 105 16.45 18.04 -37.99
N HIS A 106 16.84 17.37 -36.94
CA HIS A 106 18.24 17.09 -36.63
C HIS A 106 18.81 16.01 -37.51
N VAL A 107 18.02 15.05 -37.91
CA VAL A 107 18.42 14.07 -38.90
C VAL A 107 18.72 14.77 -40.19
N VAL A 108 17.88 15.72 -40.55
CA VAL A 108 18.00 16.40 -41.85
C VAL A 108 19.19 17.38 -41.85
N PHE A 109 19.30 18.19 -40.84
CA PHE A 109 20.26 19.31 -40.80
C PHE A 109 21.49 19.12 -39.91
N GLY A 110 21.50 18.03 -39.13
CA GLY A 110 22.57 17.72 -38.19
C GLY A 110 22.16 17.93 -36.73
N GLY A 111 22.79 17.22 -35.82
CA GLY A 111 22.48 17.26 -34.43
C GLY A 111 23.53 17.86 -33.54
N GLU A 112 24.59 18.43 -34.11
CA GLU A 112 25.65 18.91 -33.26
C GLU A 112 25.30 20.09 -32.34
N LYS A 113 24.45 21.01 -32.87
CA LYS A 113 24.01 22.13 -32.03
C LYS A 113 22.99 21.65 -30.97
N ARG A 114 22.20 20.65 -31.32
CA ARG A 114 21.27 20.04 -30.38
C ARG A 114 22.03 19.38 -29.22
N LEU A 115 23.09 18.70 -29.52
CA LEU A 115 23.94 18.06 -28.55
C LEU A 115 24.56 19.11 -27.67
N GLU A 116 25.17 20.16 -28.30
CA GLU A 116 25.88 21.20 -27.55
C GLU A 116 24.87 21.86 -26.53
N LYS A 117 23.66 22.23 -27.02
CA LYS A 117 22.65 22.80 -26.17
C LYS A 117 22.29 21.88 -25.00
N SER A 118 22.08 20.67 -25.31
CA SER A 118 21.72 19.67 -24.28
C SER A 118 22.82 19.50 -23.21
N MET A 119 24.08 19.56 -23.64
CA MET A 119 25.18 19.41 -22.73
C MET A 119 25.27 20.60 -21.76
N HIS A 120 25.10 21.80 -22.32
CA HIS A 120 25.10 22.97 -21.41
C HIS A 120 23.88 22.93 -20.47
N GLU A 121 22.73 22.54 -20.99
CA GLU A 121 21.54 22.43 -20.14
C GLU A 121 21.81 21.45 -19.02
N ALA A 122 22.41 20.32 -19.29
CA ALA A 122 22.66 19.28 -18.25
C ALA A 122 23.54 19.83 -17.15
N PHE A 123 24.59 20.53 -17.56
CA PHE A 123 25.50 21.12 -16.57
C PHE A 123 24.84 22.28 -15.79
N ASP A 124 23.96 23.03 -16.43
CA ASP A 124 23.21 24.08 -15.77
C ASP A 124 22.20 23.56 -14.75
N GLU A 125 21.54 22.45 -15.09
CA GLU A 125 20.46 21.87 -14.23
C GLU A 125 21.06 21.24 -13.03
N MET A 126 22.28 20.73 -13.07
CA MET A 126 22.93 20.07 -11.94
C MET A 126 24.30 20.68 -11.77
N PRO A 127 24.36 21.85 -11.08
CA PRO A 127 25.64 22.58 -11.05
C PRO A 127 26.70 21.91 -10.26
N ASP A 128 26.42 20.90 -9.42
CA ASP A 128 27.49 20.20 -8.72
C ASP A 128 28.15 19.10 -9.56
N ILE A 129 27.62 18.80 -10.78
CA ILE A 129 28.15 17.70 -11.55
C ILE A 129 29.00 18.34 -12.69
N LYS A 130 30.25 17.93 -12.78
CA LYS A 130 31.22 18.56 -13.73
C LYS A 130 31.86 17.57 -14.66
N ARG A 131 31.28 16.39 -14.81
CA ARG A 131 31.84 15.32 -15.60
C ARG A 131 30.71 14.75 -16.49
N MET A 132 31.07 14.30 -17.66
CA MET A 132 30.10 13.84 -18.67
C MET A 132 30.70 12.85 -19.57
N ILE A 133 29.91 11.81 -19.93
CA ILE A 133 30.20 10.98 -21.06
C ILE A 133 29.11 11.16 -22.12
N VAL A 134 29.48 11.32 -23.40
CA VAL A 134 28.56 11.47 -24.50
C VAL A 134 28.69 10.23 -25.36
N TYR A 135 27.56 9.55 -25.62
CA TYR A 135 27.49 8.37 -26.45
C TYR A 135 26.75 8.65 -27.69
N THR A 136 27.25 8.13 -28.82
CA THR A 136 26.42 8.10 -30.05
C THR A 136 25.49 6.86 -30.02
N THR A 137 24.46 6.92 -30.84
CA THR A 137 23.52 5.85 -31.03
C THR A 137 23.32 5.67 -32.55
N CYS A 138 22.54 4.69 -32.96
CA CYS A 138 22.38 4.43 -34.38
C CYS A 138 22.27 5.64 -35.24
N PRO A 139 21.34 6.57 -35.03
CA PRO A 139 21.15 7.60 -36.07
C PRO A 139 22.17 8.69 -36.02
N THR A 140 22.72 9.03 -34.86
CA THR A 140 23.71 10.07 -34.79
C THR A 140 25.01 9.65 -35.39
N ALA A 141 25.29 8.36 -35.35
CA ALA A 141 26.44 7.80 -36.11
C ALA A 141 26.10 7.92 -37.60
N LEU A 142 24.92 7.55 -38.03
CA LEU A 142 24.65 7.55 -39.45
C LEU A 142 24.71 8.94 -40.05
N ILE A 143 24.33 9.96 -39.36
CA ILE A 143 24.37 11.31 -39.87
C ILE A 143 25.69 12.02 -39.72
N GLY A 144 26.60 11.34 -38.99
CA GLY A 144 27.97 11.85 -38.88
C GLY A 144 28.23 12.96 -37.97
N ASP A 145 27.41 13.10 -36.94
CA ASP A 145 27.71 14.19 -35.97
C ASP A 145 29.04 13.91 -35.28
N ASP A 146 29.85 14.96 -35.18
CA ASP A 146 31.18 14.81 -34.63
C ASP A 146 31.11 15.21 -33.10
N ILE A 147 30.82 14.22 -32.28
CA ILE A 147 30.62 14.48 -30.90
C ILE A 147 31.90 14.81 -30.20
N LYS A 148 33.05 14.39 -30.69
CA LYS A 148 34.37 14.72 -30.05
C LYS A 148 34.60 16.23 -30.25
N ALA A 149 34.24 16.75 -31.43
CA ALA A 149 34.44 18.19 -31.68
C ALA A 149 33.48 19.04 -30.87
N VAL A 150 32.24 18.54 -30.68
CA VAL A 150 31.34 19.26 -29.81
C VAL A 150 31.83 19.33 -28.38
N ALA A 151 32.27 18.18 -27.89
CA ALA A 151 32.84 18.05 -26.59
C ALA A 151 33.99 18.99 -26.35
N LYS A 152 34.84 19.13 -27.39
CA LYS A 152 36.00 20.03 -27.28
C LYS A 152 35.53 21.44 -27.14
N LYS A 153 34.50 21.84 -27.89
CA LYS A 153 33.96 23.20 -27.81
C LYS A 153 33.38 23.44 -26.41
N VAL A 154 32.59 22.49 -25.90
CA VAL A 154 32.01 22.67 -24.57
C VAL A 154 33.07 22.80 -23.53
N MET A 155 34.11 21.99 -23.56
CA MET A 155 35.17 22.15 -22.57
C MET A 155 35.95 23.46 -22.67
N LYS A 156 36.09 23.97 -23.88
CA LYS A 156 36.69 25.31 -24.03
C LYS A 156 35.81 26.38 -23.40
N ASP A 157 34.49 26.27 -23.65
CA ASP A 157 33.52 27.27 -23.16
C ASP A 157 33.23 27.18 -21.66
N ARG A 158 33.48 26.00 -21.09
CA ARG A 158 33.16 25.71 -19.68
C ARG A 158 34.34 25.03 -19.02
N PRO A 159 35.37 25.81 -18.63
CA PRO A 159 36.63 25.18 -18.27
C PRO A 159 36.60 24.32 -17.01
N ASP A 160 35.48 24.33 -16.25
CA ASP A 160 35.40 23.51 -15.12
C ASP A 160 34.82 22.09 -15.34
N VAL A 161 34.51 21.78 -16.59
CA VAL A 161 34.00 20.42 -16.85
C VAL A 161 35.01 19.59 -17.61
N ASP A 162 34.78 18.30 -17.61
CA ASP A 162 35.58 17.33 -18.38
C ASP A 162 34.61 16.39 -19.09
N VAL A 163 34.77 16.17 -20.38
CA VAL A 163 33.85 15.38 -21.19
C VAL A 163 34.61 14.33 -21.95
N PHE A 164 34.12 13.11 -21.91
CA PHE A 164 34.60 11.96 -22.67
C PHE A 164 33.53 11.56 -23.68
N THR A 165 33.93 11.05 -24.87
CA THR A 165 33.00 10.65 -25.90
C THR A 165 33.26 9.24 -26.37
N VAL A 166 32.17 8.56 -26.72
CA VAL A 166 32.14 7.22 -27.17
C VAL A 166 31.34 7.08 -28.46
N GLU A 167 31.94 6.55 -29.57
CA GLU A 167 31.24 6.31 -30.81
C GLU A 167 30.81 4.81 -30.78
N CYS A 168 29.58 4.54 -30.49
CA CYS A 168 29.06 3.19 -30.28
C CYS A 168 27.69 3.02 -30.72
N PRO A 169 27.37 3.24 -31.99
CA PRO A 169 26.02 3.03 -32.42
C PRO A 169 25.74 1.54 -32.30
N GLY A 170 24.44 1.24 -32.15
CA GLY A 170 24.01 -0.11 -31.87
C GLY A 170 24.33 -1.13 -32.97
N PHE A 171 24.46 -0.71 -34.24
CA PHE A 171 24.75 -1.58 -35.30
C PHE A 171 26.30 -1.89 -35.41
N SER A 172 27.12 -1.25 -34.61
CA SER A 172 28.56 -1.49 -34.68
C SER A 172 28.82 -2.88 -34.02
N GLY A 173 29.81 -3.59 -34.47
CA GLY A 173 30.05 -4.94 -33.99
C GLY A 173 28.80 -5.82 -34.13
N VAL A 174 28.60 -6.76 -33.22
CA VAL A 174 27.56 -7.76 -33.30
C VAL A 174 26.76 -7.91 -32.02
N SER A 175 27.13 -7.13 -30.98
CA SER A 175 26.67 -7.36 -29.64
C SER A 175 27.17 -6.22 -28.76
N GLN A 176 26.92 -6.33 -27.43
CA GLN A 176 27.46 -5.43 -26.42
C GLN A 176 29.00 -5.32 -26.46
N SER A 177 29.65 -6.39 -26.89
CA SER A 177 31.10 -6.49 -26.76
C SER A 177 31.85 -5.32 -27.45
N LYS A 178 31.37 -4.87 -28.61
CA LYS A 178 32.01 -3.77 -29.29
C LYS A 178 32.00 -2.55 -28.46
N GLY A 179 30.93 -2.29 -27.72
CA GLY A 179 30.88 -1.11 -26.84
C GLY A 179 31.93 -1.19 -25.79
N HIS A 180 32.16 -2.34 -25.18
CA HIS A 180 33.20 -2.47 -24.18
C HIS A 180 34.57 -2.01 -24.78
N HIS A 181 34.86 -2.51 -25.96
CA HIS A 181 36.15 -2.24 -26.59
C HIS A 181 36.30 -0.76 -26.90
N VAL A 182 35.31 -0.14 -27.53
CA VAL A 182 35.50 1.24 -27.91
C VAL A 182 35.68 2.12 -26.69
N LEU A 183 34.91 1.88 -25.63
CA LEU A 183 35.06 2.68 -24.46
C LEU A 183 36.42 2.48 -23.81
N ASN A 184 36.82 1.24 -23.63
CA ASN A 184 38.10 0.95 -22.96
C ASN A 184 39.29 1.65 -23.70
N ILE A 185 39.33 1.52 -25.01
CA ILE A 185 40.51 2.04 -25.75
C ILE A 185 40.39 3.54 -25.78
N GLY A 186 39.21 4.16 -25.96
CA GLY A 186 39.18 5.58 -25.89
C GLY A 186 39.61 6.15 -24.57
N TRP A 187 39.18 5.44 -23.49
CA TRP A 187 39.49 5.95 -22.15
C TRP A 187 41.05 5.99 -21.93
N ILE A 188 41.68 4.92 -22.22
CA ILE A 188 43.12 4.85 -22.06
C ILE A 188 43.86 5.81 -23.00
N ASN A 189 43.34 6.00 -24.20
CA ASN A 189 43.98 6.93 -25.11
C ASN A 189 43.83 8.34 -24.71
N GLU A 190 42.71 8.72 -24.12
CA GLU A 190 42.40 10.14 -23.91
C GLU A 190 42.49 10.60 -22.48
N LYS A 191 42.08 9.78 -21.51
CA LYS A 191 41.86 10.25 -20.18
C LYS A 191 42.76 9.74 -19.07
N VAL A 192 43.31 8.57 -19.22
CA VAL A 192 44.27 8.11 -18.26
C VAL A 192 45.50 9.01 -18.29
N GLU A 193 46.01 9.33 -17.07
CA GLU A 193 47.19 10.23 -16.91
C GLU A 193 46.84 11.67 -17.28
N THR A 194 45.58 12.04 -17.06
CA THR A 194 45.21 13.41 -17.13
C THR A 194 44.95 14.04 -15.74
N MET A 195 45.15 13.24 -14.70
CA MET A 195 45.04 13.73 -13.29
C MET A 195 45.89 12.75 -12.47
N GLU A 196 46.23 13.17 -11.23
CA GLU A 196 46.90 12.30 -10.28
C GLU A 196 46.20 12.51 -8.97
N LYS A 197 46.30 11.53 -8.13
CA LYS A 197 45.82 11.54 -6.75
C LYS A 197 46.92 11.23 -5.74
N GLU A 198 46.60 11.51 -4.47
CA GLU A 198 47.49 11.20 -3.36
C GLU A 198 47.60 9.68 -3.23
N ILE A 199 48.83 9.18 -3.11
CA ILE A 199 49.08 7.84 -2.77
C ILE A 199 49.28 7.76 -1.24
N THR A 200 48.50 6.88 -0.59
CA THR A 200 48.39 6.74 0.86
C THR A 200 48.80 5.42 1.42
N SER A 201 49.25 4.52 0.56
CA SER A 201 49.71 3.18 0.94
C SER A 201 50.99 2.85 0.18
N GLU A 202 51.77 1.94 0.75
CA GLU A 202 52.85 1.28 0.05
C GLU A 202 52.35 0.28 -1.01
N TYR A 203 51.06 -0.10 -0.96
CA TYR A 203 50.50 -1.12 -1.82
C TYR A 203 49.30 -0.51 -2.54
N THR A 204 49.38 -0.47 -3.88
CA THR A 204 48.37 0.17 -4.65
C THR A 204 47.93 -0.71 -5.82
N MET A 205 46.61 -0.69 -6.10
CA MET A 205 46.09 -1.52 -7.24
C MET A 205 44.91 -0.81 -7.87
N ASN A 206 44.63 -1.16 -9.11
CA ASN A 206 43.32 -0.92 -9.66
C ASN A 206 42.56 -2.23 -9.66
N PHE A 207 41.21 -2.15 -9.48
CA PHE A 207 40.38 -3.32 -9.62
C PHE A 207 39.58 -3.13 -10.90
N ILE A 208 39.83 -3.99 -11.88
CA ILE A 208 39.40 -3.75 -13.22
C ILE A 208 38.38 -4.80 -13.64
N GLY A 209 37.22 -4.33 -14.09
CA GLY A 209 36.17 -5.27 -14.53
C GLY A 209 35.23 -5.75 -13.45
N ASP A 210 34.74 -4.83 -12.66
CA ASP A 210 33.75 -5.15 -11.60
C ASP A 210 32.89 -3.93 -11.50
N PHE A 211 31.58 -4.15 -11.62
CA PHE A 211 30.59 -3.09 -11.83
C PHE A 211 29.62 -2.92 -10.62
N ASN A 212 30.05 -3.37 -9.45
CA ASN A 212 29.29 -3.10 -8.20
C ASN A 212 27.88 -3.64 -8.22
N ILE A 213 27.64 -4.79 -8.87
CA ILE A 213 26.27 -5.30 -8.90
C ILE A 213 25.84 -5.66 -7.45
N GLN A 214 24.75 -5.08 -7.03
CA GLN A 214 24.25 -5.18 -5.68
C GLN A 214 25.31 -4.97 -4.57
N GLY A 215 26.28 -4.10 -4.86
CA GLY A 215 27.28 -3.86 -3.86
C GLY A 215 28.50 -4.73 -3.79
N ASP A 216 28.70 -5.54 -4.84
CA ASP A 216 29.88 -6.41 -4.93
C ASP A 216 31.18 -5.66 -4.63
N THR A 217 31.37 -4.50 -5.23
CA THR A 217 32.65 -3.76 -5.09
C THR A 217 32.84 -3.23 -3.72
N GLN A 218 31.77 -2.79 -3.12
CA GLN A 218 31.82 -2.28 -1.74
C GLN A 218 32.14 -3.41 -0.76
N LEU A 219 31.65 -4.63 -1.04
CA LEU A 219 31.96 -5.75 -0.21
C LEU A 219 33.46 -6.08 -0.35
N LEU A 220 33.96 -6.21 -1.60
CA LEU A 220 35.38 -6.49 -1.82
C LEU A 220 36.25 -5.37 -1.16
N GLN A 221 35.80 -4.13 -1.21
CA GLN A 221 36.56 -3.04 -0.66
C GLN A 221 36.87 -3.29 0.85
N THR A 222 35.94 -3.99 1.54
CA THR A 222 36.25 -4.30 2.94
C THR A 222 37.51 -5.17 3.12
N TYR A 223 37.80 -5.97 2.13
CA TYR A 223 39.03 -6.79 2.07
C TYR A 223 40.24 -5.86 1.88
N TRP A 224 40.13 -4.98 0.88
CA TRP A 224 41.30 -4.18 0.59
C TRP A 224 41.60 -3.25 1.73
N ASP A 225 40.62 -2.69 2.39
CA ASP A 225 40.83 -1.84 3.54
C ASP A 225 41.48 -2.63 4.65
N ARG A 226 41.01 -3.83 4.95
CA ARG A 226 41.62 -4.64 5.96
C ARG A 226 43.09 -4.95 5.72
N LEU A 227 43.43 -5.19 4.44
CA LEU A 227 44.76 -5.50 4.01
C LEU A 227 45.66 -4.26 3.87
N GLY A 228 45.12 -3.07 3.93
CA GLY A 228 45.92 -1.89 3.82
C GLY A 228 46.35 -1.59 2.38
N ILE A 229 45.57 -2.03 1.40
CA ILE A 229 45.83 -1.81 -0.01
C ILE A 229 44.99 -0.61 -0.47
N GLN A 230 45.60 0.42 -1.07
CA GLN A 230 44.89 1.44 -1.69
C GLN A 230 44.44 1.06 -3.07
N VAL A 231 43.15 1.17 -3.37
CA VAL A 231 42.62 1.03 -4.73
C VAL A 231 42.56 2.41 -5.37
N VAL A 232 43.48 2.59 -6.34
CA VAL A 232 43.51 3.84 -7.04
C VAL A 232 42.20 4.10 -7.80
N ALA A 233 41.83 3.09 -8.60
CA ALA A 233 40.57 3.17 -9.34
C ALA A 233 39.90 1.80 -9.39
N HIS A 234 38.55 1.89 -9.24
CA HIS A 234 37.69 0.77 -9.59
C HIS A 234 37.18 1.04 -11.01
N PHE A 235 37.32 0.06 -11.92
CA PHE A 235 36.82 0.19 -13.29
C PHE A 235 35.61 -0.77 -13.37
N THR A 236 34.38 -0.27 -13.13
CA THR A 236 33.97 1.08 -12.78
C THR A 236 33.06 1.10 -11.54
N GLY A 237 32.94 -0.03 -10.83
CA GLY A 237 31.97 -0.18 -9.70
C GLY A 237 32.20 0.91 -8.65
N ASN A 238 31.07 1.58 -8.28
CA ASN A 238 31.10 2.60 -7.26
C ASN A 238 32.25 3.60 -7.48
N GLY A 239 32.51 3.85 -8.77
CA GLY A 239 33.66 4.67 -9.17
C GLY A 239 33.33 6.09 -9.54
N THR A 240 34.37 6.90 -9.70
CA THR A 240 34.25 8.24 -10.16
C THR A 240 35.02 8.43 -11.41
N TYR A 241 34.55 9.41 -12.19
CA TYR A 241 35.25 9.78 -13.44
C TYR A 241 36.73 10.08 -13.16
N ASP A 242 36.96 10.93 -12.18
CA ASP A 242 38.39 11.33 -11.92
C ASP A 242 39.25 10.26 -11.42
N ASP A 243 38.73 9.29 -10.66
CA ASP A 243 39.55 8.16 -10.22
C ASP A 243 40.12 7.46 -11.43
N LEU A 244 39.26 7.28 -12.43
CA LEU A 244 39.67 6.61 -13.69
C LEU A 244 40.77 7.35 -14.42
N ARG A 245 40.91 8.66 -14.20
CA ARG A 245 41.99 9.39 -14.85
C ARG A 245 43.34 9.12 -14.20
N CYS A 246 43.36 8.44 -13.08
CA CYS A 246 44.55 8.22 -12.24
C CYS A 246 45.11 6.79 -12.34
N MET A 247 44.55 5.92 -13.27
CA MET A 247 44.80 4.52 -13.28
C MET A 247 46.28 4.15 -13.47
N HIS A 248 47.02 5.05 -14.13
CA HIS A 248 48.41 4.81 -14.34
C HIS A 248 49.24 4.79 -13.11
N GLN A 249 48.73 5.24 -12.00
CA GLN A 249 49.46 5.27 -10.72
C GLN A 249 49.57 3.97 -10.02
N ALA A 250 48.70 2.97 -10.34
CA ALA A 250 48.66 1.74 -9.63
C ALA A 250 49.86 0.87 -9.83
N GLN A 251 50.20 0.05 -8.85
CA GLN A 251 51.26 -0.93 -8.99
C GLN A 251 50.80 -2.22 -9.65
N LEU A 252 49.49 -2.54 -9.56
CA LEU A 252 48.99 -3.88 -9.91
C LEU A 252 47.58 -3.62 -10.47
N ASN A 253 47.25 -4.33 -11.56
CA ASN A 253 45.85 -4.32 -12.06
C ASN A 253 45.31 -5.73 -11.79
N VAL A 254 44.24 -5.79 -10.94
CA VAL A 254 43.54 -7.00 -10.66
C VAL A 254 42.30 -7.05 -11.56
N VAL A 255 42.19 -8.08 -12.36
CA VAL A 255 41.10 -8.16 -13.35
C VAL A 255 40.14 -9.31 -12.96
N ASN A 256 38.85 -8.95 -12.90
CA ASN A 256 37.81 -10.00 -12.81
C ASN A 256 37.18 -10.17 -14.18
N CYS A 257 36.47 -9.14 -14.67
CA CYS A 257 35.88 -9.29 -16.00
C CYS A 257 36.88 -9.04 -17.11
N ALA A 258 37.50 -10.13 -17.49
CA ALA A 258 38.49 -10.07 -18.58
C ALA A 258 37.88 -9.83 -19.96
N ARG A 259 36.58 -10.01 -20.09
CA ARG A 259 35.84 -9.76 -21.31
C ARG A 259 35.64 -8.30 -21.58
N SER A 260 35.00 -7.58 -20.65
CA SER A 260 34.66 -6.20 -20.79
C SER A 260 35.83 -5.28 -20.64
N SER A 261 36.79 -5.74 -19.83
CA SER A 261 37.77 -4.78 -19.27
C SER A 261 39.23 -5.25 -19.40
N GLY A 262 39.43 -6.39 -20.01
CA GLY A 262 40.78 -6.84 -20.27
C GLY A 262 41.53 -5.87 -21.18
N TYR A 263 40.84 -5.21 -22.10
CA TYR A 263 41.46 -4.29 -23.01
C TYR A 263 42.26 -3.26 -22.25
N ILE A 264 41.67 -2.58 -21.30
CA ILE A 264 42.32 -1.49 -20.62
C ILE A 264 43.48 -2.07 -19.76
N ALA A 265 43.34 -3.25 -19.12
CA ALA A 265 44.41 -3.87 -18.41
C ALA A 265 45.62 -4.13 -19.34
N ASN A 266 45.30 -4.63 -20.56
CA ASN A 266 46.38 -4.92 -21.49
C ASN A 266 47.10 -3.65 -21.90
N GLU A 267 46.37 -2.59 -22.15
CA GLU A 267 47.03 -1.32 -22.51
C GLU A 267 47.76 -0.73 -21.39
N LEU A 268 47.24 -0.79 -20.17
CA LEU A 268 47.99 -0.30 -18.99
C LEU A 268 49.30 -1.01 -18.84
N LYS A 269 49.33 -2.31 -19.09
CA LYS A 269 50.57 -3.09 -19.04
C LYS A 269 51.55 -2.59 -20.10
N LYS A 270 51.06 -2.52 -21.33
CA LYS A 270 51.89 -2.10 -22.49
C LYS A 270 52.47 -0.71 -22.30
N ARG A 271 51.70 0.23 -21.86
CA ARG A 271 52.06 1.62 -21.77
C ARG A 271 52.77 1.99 -20.51
N TYR A 272 52.41 1.42 -19.39
CA TYR A 272 52.88 1.83 -18.06
C TYR A 272 53.63 0.74 -17.28
N GLY A 273 53.63 -0.49 -17.81
CA GLY A 273 54.29 -1.56 -17.20
C GLY A 273 53.55 -2.17 -16.01
N ILE A 274 52.25 -1.87 -15.88
CA ILE A 274 51.50 -2.38 -14.71
C ILE A 274 51.08 -3.82 -14.97
N PRO A 275 51.48 -4.78 -14.14
CA PRO A 275 51.15 -6.16 -14.42
C PRO A 275 49.63 -6.43 -14.25
N ARG A 276 49.16 -7.34 -15.07
CA ARG A 276 47.77 -7.82 -15.06
C ARG A 276 47.66 -9.14 -14.37
N LEU A 277 46.86 -9.16 -13.28
CA LEU A 277 46.58 -10.41 -12.53
C LEU A 277 45.06 -10.76 -12.75
N ASP A 278 44.81 -11.91 -13.36
CA ASP A 278 43.41 -12.32 -13.49
C ASP A 278 43.04 -13.16 -12.30
N ILE A 279 41.89 -12.84 -11.70
CA ILE A 279 41.31 -13.61 -10.60
C ILE A 279 39.86 -13.95 -10.92
N ASP A 280 39.32 -14.73 -9.96
CA ASP A 280 37.89 -15.02 -9.89
C ASP A 280 37.39 -14.46 -8.56
N SER A 281 36.59 -13.38 -8.61
CA SER A 281 36.06 -12.78 -7.40
C SER A 281 34.66 -13.29 -7.03
N TRP A 282 34.16 -14.21 -7.82
CA TRP A 282 33.04 -15.13 -7.39
C TRP A 282 33.63 -16.41 -7.07
N GLY A 283 33.16 -17.09 -6.07
CA GLY A 283 33.60 -18.40 -5.66
C GLY A 283 34.33 -18.32 -4.39
N PHE A 284 34.00 -19.20 -3.47
CA PHE A 284 34.60 -19.12 -2.15
C PHE A 284 36.10 -19.47 -2.09
N ASN A 285 36.43 -20.66 -2.61
CA ASN A 285 37.86 -20.98 -2.67
C ASN A 285 38.58 -20.12 -3.71
N TYR A 286 37.88 -19.71 -4.77
CA TYR A 286 38.49 -18.79 -5.69
C TYR A 286 38.87 -17.49 -5.07
N MET A 287 38.01 -16.95 -4.18
CA MET A 287 38.25 -15.64 -3.55
C MET A 287 39.56 -15.78 -2.70
N ALA A 288 39.70 -16.89 -2.03
CA ALA A 288 40.89 -17.15 -1.19
C ALA A 288 42.16 -17.16 -2.05
N GLU A 289 42.07 -17.89 -3.17
CA GLU A 289 43.25 -17.88 -4.10
C GLU A 289 43.54 -16.48 -4.53
N GLY A 290 42.55 -15.71 -4.91
CA GLY A 290 42.74 -14.34 -5.34
C GLY A 290 43.46 -13.48 -4.32
N ILE A 291 42.93 -13.55 -3.08
CA ILE A 291 43.54 -12.79 -2.03
C ILE A 291 45.02 -13.23 -1.84
N ARG A 292 45.25 -14.55 -1.87
CA ARG A 292 46.61 -15.00 -1.70
C ARG A 292 47.54 -14.52 -2.78
N LYS A 293 47.08 -14.43 -3.99
CA LYS A 293 47.90 -13.91 -5.14
C LYS A 293 48.23 -12.45 -4.89
N ILE A 294 47.19 -11.64 -4.63
CA ILE A 294 47.38 -10.23 -4.33
C ILE A 294 48.40 -10.04 -3.24
N CYS A 295 48.22 -10.78 -2.14
CA CYS A 295 49.09 -10.58 -1.02
C CYS A 295 50.53 -11.05 -1.32
N ALA A 296 50.68 -12.10 -2.11
CA ALA A 296 52.03 -12.55 -2.49
C ALA A 296 52.71 -11.50 -3.34
N PHE A 297 51.96 -10.91 -4.26
CA PHE A 297 52.52 -9.81 -5.13
C PHE A 297 53.08 -8.73 -4.24
N PHE A 298 52.32 -8.36 -3.21
CA PHE A 298 52.69 -7.22 -2.32
C PHE A 298 53.67 -7.54 -1.19
N GLY A 299 53.77 -8.80 -0.89
CA GLY A 299 54.61 -9.25 0.19
C GLY A 299 53.93 -9.09 1.56
N ILE A 300 52.57 -9.24 1.59
CA ILE A 300 51.78 -9.14 2.80
C ILE A 300 51.03 -10.46 3.08
N GLU A 301 51.73 -11.55 2.83
CA GLU A 301 51.17 -12.91 2.88
C GLU A 301 50.44 -13.18 4.27
N GLU A 302 51.03 -12.70 5.36
CA GLU A 302 50.45 -12.99 6.70
C GLU A 302 49.12 -12.29 6.89
N LYS A 303 49.00 -11.08 6.37
CA LYS A 303 47.79 -10.31 6.49
C LYS A 303 46.68 -11.00 5.69
N GLY A 304 47.03 -11.55 4.55
CA GLY A 304 46.08 -12.31 3.76
C GLY A 304 45.58 -13.53 4.44
N GLU A 305 46.45 -14.26 5.11
CA GLU A 305 46.09 -15.49 5.83
C GLU A 305 45.20 -15.13 7.03
N GLU A 306 45.40 -14.03 7.69
CA GLU A 306 44.52 -13.68 8.82
C GLU A 306 43.11 -13.39 8.28
N LEU A 307 43.03 -12.60 7.19
N LEU A 307 43.03 -12.62 7.17
CA LEU A 307 41.73 -12.28 6.59
CA LEU A 307 41.74 -12.28 6.59
C LEU A 307 41.02 -13.57 6.14
C LEU A 307 41.02 -13.57 6.14
N ILE A 308 41.72 -14.44 5.47
CA ILE A 308 41.13 -15.64 4.97
C ILE A 308 40.58 -16.53 6.13
N ALA A 309 41.40 -16.67 7.15
CA ALA A 309 40.98 -17.47 8.31
C ALA A 309 39.70 -16.93 8.91
N GLU A 310 39.62 -15.61 9.13
CA GLU A 310 38.44 -15.05 9.73
C GLU A 310 37.21 -15.23 8.82
N GLU A 311 37.36 -15.05 7.52
CA GLU A 311 36.27 -15.23 6.59
C GLU A 311 35.80 -16.66 6.51
N TYR A 312 36.74 -17.64 6.55
CA TYR A 312 36.32 -19.02 6.54
C TYR A 312 35.61 -19.37 7.88
N ALA A 313 36.08 -18.82 8.97
CA ALA A 313 35.40 -19.11 10.26
C ALA A 313 33.98 -18.55 10.27
N LYS A 314 33.80 -17.39 9.70
CA LYS A 314 32.50 -16.73 9.61
C LYS A 314 31.55 -17.42 8.69
N TRP A 315 32.00 -17.81 7.51
CA TRP A 315 31.08 -18.13 6.37
C TRP A 315 31.12 -19.60 5.91
N LYS A 316 32.26 -20.30 6.15
CA LYS A 316 32.37 -21.62 5.67
C LYS A 316 31.30 -22.63 6.21
N PRO A 317 30.95 -22.54 7.52
CA PRO A 317 29.88 -23.43 8.02
C PRO A 317 28.55 -23.26 7.27
N LYS A 318 28.20 -22.01 6.96
CA LYS A 318 26.94 -21.77 6.16
C LYS A 318 27.07 -22.29 4.77
N LEU A 319 28.25 -22.03 4.15
CA LEU A 319 28.43 -22.55 2.83
C LEU A 319 28.28 -24.08 2.77
N ASP A 320 28.92 -24.75 3.77
CA ASP A 320 28.83 -26.20 3.82
C ASP A 320 27.42 -26.74 4.06
N TRP A 321 26.62 -26.01 4.81
CA TRP A 321 25.21 -26.38 5.04
C TRP A 321 24.46 -26.32 3.71
N TYR A 322 24.75 -25.30 2.86
CA TYR A 322 24.11 -25.29 1.59
C TYR A 322 24.65 -26.39 0.68
N LYS A 323 25.95 -26.64 0.66
CA LYS A 323 26.48 -27.75 -0.12
C LYS A 323 25.81 -29.11 0.12
N GLU A 324 25.58 -29.38 1.39
CA GLU A 324 24.93 -30.58 1.75
C GLU A 324 23.56 -30.72 1.10
N ARG A 325 22.84 -29.61 0.95
CA ARG A 325 21.49 -29.63 0.33
C ARG A 325 21.46 -29.45 -1.16
N LEU A 326 22.52 -28.79 -1.69
CA LEU A 326 22.55 -28.57 -3.13
C LEU A 326 23.36 -29.57 -3.93
N GLN A 327 24.15 -30.41 -3.26
N GLN A 327 24.15 -30.43 -3.27
CA GLN A 327 25.01 -31.37 -3.92
CA GLN A 327 24.95 -31.44 -3.95
C GLN A 327 24.19 -32.21 -4.92
C GLN A 327 24.14 -32.18 -4.94
N GLY A 328 24.65 -32.33 -6.15
CA GLY A 328 24.04 -33.03 -7.19
C GLY A 328 22.94 -32.32 -7.97
N LYS A 329 22.51 -31.17 -7.56
CA LYS A 329 21.55 -30.43 -8.31
C LYS A 329 22.18 -30.01 -9.65
N LYS A 330 21.38 -29.90 -10.66
CA LYS A 330 21.79 -29.52 -12.02
C LYS A 330 21.42 -28.05 -12.25
N MET A 331 22.37 -27.31 -12.78
CA MET A 331 22.24 -25.87 -13.06
C MET A 331 22.53 -25.55 -14.52
N ALA A 332 21.84 -24.56 -15.06
CA ALA A 332 22.21 -23.97 -16.30
C ALA A 332 22.58 -22.55 -16.04
N ILE A 333 23.50 -22.00 -16.88
CA ILE A 333 23.92 -20.60 -16.78
C ILE A 333 23.77 -20.00 -18.14
N TRP A 334 22.85 -19.06 -18.31
CA TRP A 334 22.55 -18.41 -19.61
C TRP A 334 22.70 -16.92 -19.35
N THR A 335 23.93 -16.41 -19.52
CA THR A 335 24.27 -15.03 -19.21
C THR A 335 25.16 -14.50 -20.33
N GLY A 336 25.91 -13.45 -20.07
CA GLY A 336 26.75 -12.78 -21.07
C GLY A 336 27.92 -13.64 -21.54
N GLY A 337 28.65 -14.29 -20.63
CA GLY A 337 29.83 -15.07 -20.96
C GLY A 337 30.76 -15.37 -19.84
N PRO A 338 31.38 -14.36 -19.24
CA PRO A 338 32.35 -14.62 -18.17
C PRO A 338 31.84 -15.38 -16.99
N ARG A 339 30.57 -15.13 -16.58
CA ARG A 339 30.08 -15.85 -15.43
C ARG A 339 29.99 -17.36 -15.62
N LEU A 340 29.93 -17.81 -16.89
CA LEU A 340 30.04 -19.21 -17.21
C LEU A 340 31.34 -19.78 -16.65
N TRP A 341 32.46 -19.13 -17.02
CA TRP A 341 33.74 -19.67 -16.58
C TRP A 341 34.10 -19.27 -15.17
N HIS A 342 33.53 -18.19 -14.60
CA HIS A 342 33.74 -17.93 -13.22
C HIS A 342 32.93 -18.87 -12.28
N TRP A 343 31.85 -19.43 -12.76
CA TRP A 343 30.87 -20.15 -11.88
C TRP A 343 30.88 -21.66 -12.10
N THR A 344 31.20 -22.17 -13.28
CA THR A 344 31.01 -23.60 -13.51
C THR A 344 31.74 -24.48 -12.51
N LYS A 345 32.99 -24.18 -12.24
CA LYS A 345 33.76 -24.99 -11.31
C LYS A 345 33.62 -24.55 -9.90
N SER A 346 33.39 -23.29 -9.66
CA SER A 346 33.20 -22.87 -8.31
C SER A 346 31.91 -23.39 -7.69
N VAL A 347 30.84 -23.42 -8.44
CA VAL A 347 29.61 -23.99 -7.82
C VAL A 347 29.81 -25.48 -7.63
N GLU A 348 30.63 -26.13 -8.51
CA GLU A 348 30.91 -27.59 -8.38
C GLU A 348 31.77 -27.84 -7.13
N ASP A 349 32.83 -27.09 -6.96
CA ASP A 349 33.76 -27.29 -5.88
C ASP A 349 33.08 -26.98 -4.54
N ASP A 350 32.44 -25.83 -4.50
CA ASP A 350 32.03 -25.25 -3.22
C ASP A 350 30.56 -25.64 -2.81
N LEU A 351 29.75 -26.05 -3.81
CA LEU A 351 28.33 -26.35 -3.56
C LEU A 351 27.91 -27.68 -4.06
N GLY A 352 28.81 -28.42 -4.77
CA GLY A 352 28.43 -29.67 -5.37
C GLY A 352 27.46 -29.70 -6.49
N VAL A 353 27.29 -28.52 -7.07
CA VAL A 353 26.34 -28.32 -8.13
C VAL A 353 26.93 -28.59 -9.51
N GLN A 354 26.18 -29.28 -10.35
CA GLN A 354 26.59 -29.73 -11.65
C GLN A 354 26.00 -28.83 -12.74
N VAL A 355 26.88 -28.10 -13.41
CA VAL A 355 26.41 -27.23 -14.48
C VAL A 355 26.33 -28.03 -15.76
N VAL A 356 25.10 -28.18 -16.25
CA VAL A 356 24.75 -29.07 -17.36
C VAL A 356 24.57 -28.36 -18.74
N ALA A 357 24.43 -27.01 -18.70
CA ALA A 357 24.28 -26.25 -19.91
C ALA A 357 24.64 -24.85 -19.64
N MET A 358 25.30 -24.26 -20.64
CA MET A 358 25.76 -22.88 -20.52
C MET A 358 25.59 -22.22 -21.86
N SER A 359 25.16 -20.97 -21.86
CA SER A 359 25.00 -20.16 -23.05
C SER A 359 25.47 -18.74 -22.79
N SER A 360 26.22 -18.21 -23.78
CA SER A 360 26.85 -16.90 -23.72
C SER A 360 26.24 -16.06 -24.80
N LYS A 361 25.75 -14.87 -24.49
CA LYS A 361 25.19 -13.97 -25.46
C LYS A 361 26.27 -13.49 -26.38
N PHE A 362 27.45 -13.13 -25.85
CA PHE A 362 28.42 -12.29 -26.65
C PHE A 362 29.86 -12.72 -26.38
N GLY A 363 30.11 -13.84 -25.73
CA GLY A 363 31.44 -14.17 -25.42
C GLY A 363 32.27 -14.40 -26.71
N HIS A 364 33.60 -14.26 -26.48
CA HIS A 364 34.54 -14.50 -27.62
C HIS A 364 35.09 -15.92 -27.47
N GLU A 365 35.89 -16.33 -28.50
CA GLU A 365 36.49 -17.68 -28.43
C GLU A 365 37.33 -17.85 -27.13
N GLU A 366 37.99 -16.76 -26.65
CA GLU A 366 38.72 -16.84 -25.42
C GLU A 366 37.84 -17.26 -24.22
N ASP A 367 36.61 -16.76 -24.19
CA ASP A 367 35.67 -17.12 -23.13
C ASP A 367 35.31 -18.59 -23.23
N PHE A 368 35.10 -19.10 -24.43
CA PHE A 368 34.83 -20.53 -24.62
C PHE A 368 35.98 -21.43 -24.27
N GLU A 369 37.25 -20.91 -24.55
CA GLU A 369 38.42 -21.68 -24.13
C GLU A 369 38.33 -21.87 -22.65
N LYS A 370 38.12 -20.81 -21.92
CA LYS A 370 38.04 -20.88 -20.45
C LYS A 370 36.95 -21.77 -19.91
N VAL A 371 35.75 -21.57 -20.46
CA VAL A 371 34.67 -22.33 -19.88
C VAL A 371 34.76 -23.82 -20.20
N ILE A 372 35.26 -24.14 -21.40
CA ILE A 372 35.40 -25.56 -21.73
C ILE A 372 36.50 -26.24 -20.94
N ALA A 373 37.55 -25.47 -20.63
CA ALA A 373 38.64 -25.94 -19.79
C ALA A 373 38.17 -26.31 -18.39
N ARG A 374 37.25 -25.49 -17.84
CA ARG A 374 36.74 -25.65 -16.52
C ARG A 374 35.50 -26.54 -16.35
N GLY A 375 34.79 -26.69 -17.44
CA GLY A 375 33.48 -27.31 -17.45
C GLY A 375 33.50 -28.81 -17.61
N LYS A 376 32.32 -29.35 -17.38
CA LYS A 376 32.13 -30.78 -17.34
C LYS A 376 31.87 -31.44 -18.70
N GLU A 377 32.19 -32.75 -18.75
CA GLU A 377 31.74 -33.60 -19.86
C GLU A 377 30.23 -33.84 -19.75
N GLY A 378 29.58 -33.90 -20.88
CA GLY A 378 28.11 -34.06 -21.01
C GLY A 378 27.33 -32.76 -20.93
N THR A 379 28.06 -31.69 -20.74
CA THR A 379 27.51 -30.35 -20.71
C THR A 379 27.44 -29.75 -22.11
N TYR A 380 26.42 -28.95 -22.40
CA TYR A 380 26.29 -28.12 -23.59
C TYR A 380 26.81 -26.72 -23.40
N TYR A 381 27.61 -26.30 -24.41
CA TYR A 381 28.26 -25.00 -24.43
C TYR A 381 27.75 -24.29 -25.66
N ILE A 382 27.02 -23.20 -25.48
CA ILE A 382 26.29 -22.59 -26.58
C ILE A 382 26.73 -21.14 -26.75
N ASP A 383 27.19 -20.76 -27.93
CA ASP A 383 27.45 -19.37 -28.25
C ASP A 383 26.23 -18.76 -28.92
N ASP A 384 25.83 -17.56 -28.45
CA ASP A 384 24.76 -16.82 -29.00
C ASP A 384 23.44 -17.69 -29.10
N GLY A 385 23.02 -18.22 -27.95
CA GLY A 385 21.81 -19.03 -27.92
C GLY A 385 20.55 -18.22 -28.10
N ASN A 386 19.57 -18.94 -28.64
CA ASN A 386 18.28 -18.39 -28.88
C ASN A 386 17.18 -19.15 -28.16
N GLU A 387 16.01 -18.52 -28.19
CA GLU A 387 14.91 -19.00 -27.34
C GLU A 387 14.47 -20.48 -27.59
N LEU A 388 14.29 -20.80 -28.86
CA LEU A 388 13.93 -22.18 -29.18
C LEU A 388 15.01 -23.17 -28.71
N GLU A 389 16.28 -22.76 -28.86
CA GLU A 389 17.38 -23.61 -28.39
C GLU A 389 17.28 -23.88 -26.90
N PHE A 390 16.94 -22.81 -26.16
CA PHE A 390 16.76 -22.93 -24.76
C PHE A 390 15.73 -24.00 -24.35
N PHE A 391 14.62 -24.03 -25.07
CA PHE A 391 13.67 -25.06 -24.80
C PHE A 391 14.18 -26.47 -25.04
N GLU A 392 14.90 -26.60 -26.16
CA GLU A 392 15.40 -27.93 -26.55
C GLU A 392 16.47 -28.39 -25.55
N ILE A 393 17.31 -27.47 -25.12
CA ILE A 393 18.32 -27.79 -24.10
C ILE A 393 17.68 -28.21 -22.76
N ILE A 394 16.62 -27.52 -22.38
CA ILE A 394 15.93 -27.90 -21.14
C ILE A 394 15.43 -29.36 -21.20
N ASP A 395 14.92 -29.74 -22.37
CA ASP A 395 14.43 -31.11 -22.54
C ASP A 395 15.56 -32.09 -22.51
N LEU A 396 16.73 -31.69 -22.98
CA LEU A 396 17.89 -32.59 -22.96
C LEU A 396 18.56 -32.77 -21.66
N VAL A 397 18.62 -31.72 -20.85
CA VAL A 397 19.44 -31.74 -19.61
C VAL A 397 18.63 -31.65 -18.33
N LYS A 398 17.39 -31.13 -18.41
CA LYS A 398 16.42 -31.09 -17.23
C LYS A 398 17.08 -30.43 -16.02
N PRO A 399 17.45 -29.15 -16.17
CA PRO A 399 18.03 -28.47 -15.03
C PRO A 399 17.05 -28.30 -13.82
N ASP A 400 17.64 -28.31 -12.62
CA ASP A 400 16.92 -27.98 -11.41
C ASP A 400 16.82 -26.45 -11.19
N VAL A 401 17.72 -25.65 -11.74
CA VAL A 401 17.70 -24.24 -11.55
C VAL A 401 18.45 -23.59 -12.73
N ILE A 402 18.02 -22.42 -13.16
CA ILE A 402 18.70 -21.74 -14.24
C ILE A 402 19.07 -20.36 -13.75
N PHE A 403 20.34 -19.99 -13.96
CA PHE A 403 20.81 -18.65 -13.63
C PHE A 403 20.80 -17.86 -14.95
N THR A 404 19.95 -16.87 -15.08
CA THR A 404 19.70 -16.14 -16.28
C THR A 404 19.03 -14.84 -16.02
N GLY A 405 18.67 -14.06 -17.02
CA GLY A 405 17.98 -12.82 -16.79
C GLY A 405 16.50 -13.02 -16.43
N PRO A 406 15.90 -11.96 -15.92
CA PRO A 406 14.52 -12.09 -15.45
C PRO A 406 13.52 -12.43 -16.47
N ARG A 407 13.60 -11.97 -17.68
CA ARG A 407 12.57 -12.34 -18.69
C ARG A 407 12.61 -13.81 -18.99
N VAL A 408 13.85 -14.35 -19.13
CA VAL A 408 13.92 -15.82 -19.40
C VAL A 408 13.51 -16.56 -18.16
N GLY A 409 13.84 -16.04 -16.99
CA GLY A 409 13.29 -16.65 -15.74
C GLY A 409 11.81 -16.74 -15.68
N GLU A 410 11.15 -15.72 -16.18
CA GLU A 410 9.66 -15.72 -16.16
C GLU A 410 9.16 -16.68 -17.20
N LEU A 411 9.93 -16.93 -18.26
CA LEU A 411 9.51 -17.94 -19.21
C LEU A 411 9.63 -19.34 -18.69
N VAL A 412 10.82 -19.69 -18.09
CA VAL A 412 11.01 -21.07 -17.67
C VAL A 412 10.19 -21.42 -16.42
N LYS A 413 9.74 -20.43 -15.69
CA LYS A 413 8.79 -20.63 -14.63
C LYS A 413 7.58 -21.44 -15.09
N LYS A 414 7.16 -21.25 -16.34
CA LYS A 414 5.96 -21.93 -16.85
C LYS A 414 6.26 -23.44 -16.93
N LEU A 415 7.49 -23.79 -17.06
CA LEU A 415 7.95 -25.20 -17.07
C LEU A 415 8.26 -25.76 -15.70
N HIS A 416 7.97 -24.96 -14.66
CA HIS A 416 8.20 -25.23 -13.27
C HIS A 416 9.68 -25.32 -12.92
N ILE A 417 10.49 -24.56 -13.67
CA ILE A 417 11.91 -24.51 -13.37
C ILE A 417 12.24 -23.16 -12.71
N PRO A 418 12.77 -23.16 -11.55
CA PRO A 418 13.05 -21.90 -10.86
C PRO A 418 14.33 -21.23 -11.42
N TYR A 419 14.45 -19.94 -11.16
CA TYR A 419 15.60 -19.20 -11.67
C TYR A 419 16.20 -18.40 -10.54
N VAL A 420 17.48 -18.07 -10.74
CA VAL A 420 18.16 -17.00 -10.01
C VAL A 420 18.63 -16.04 -11.03
N ASN A 421 18.51 -14.75 -10.75
CA ASN A 421 18.95 -13.73 -11.71
C ASN A 421 20.48 -13.67 -11.79
N GLY A 422 20.98 -14.24 -12.87
CA GLY A 422 22.44 -14.39 -13.06
C GLY A 422 23.14 -13.11 -13.37
N HIS A 423 22.38 -12.08 -13.74
CA HIS A 423 22.92 -10.79 -14.10
C HIS A 423 22.93 -9.75 -12.95
N GLY A 424 21.71 -9.49 -12.44
CA GLY A 424 21.48 -8.52 -11.41
C GLY A 424 21.26 -9.13 -10.05
N TYR A 425 21.34 -10.44 -9.92
CA TYR A 425 21.24 -11.20 -8.67
C TYR A 425 19.79 -11.16 -8.12
N HIS A 426 19.52 -12.12 -7.21
CA HIS A 426 18.28 -12.05 -6.40
C HIS A 426 18.60 -11.19 -5.15
N ASN A 427 19.24 -11.80 -4.15
CA ASN A 427 19.66 -11.11 -2.95
C ASN A 427 21.17 -11.16 -2.80
N GLY A 428 21.77 -10.21 -3.51
CA GLY A 428 23.24 -10.12 -3.46
C GLY A 428 23.75 -9.28 -2.39
N PRO A 429 25.03 -8.92 -2.41
CA PRO A 429 26.03 -9.24 -3.45
C PRO A 429 26.38 -10.70 -3.49
N TYR A 430 26.94 -11.13 -4.64
CA TYR A 430 27.36 -12.49 -4.84
C TYR A 430 28.93 -12.66 -4.88
N MET A 431 29.68 -11.58 -4.96
CA MET A 431 31.15 -11.70 -4.96
C MET A 431 31.69 -11.92 -3.52
N GLY A 432 32.92 -12.45 -3.44
CA GLY A 432 33.54 -12.62 -2.14
C GLY A 432 33.05 -13.81 -1.35
N PHE A 433 33.51 -13.94 -0.13
CA PHE A 433 33.16 -15.06 0.73
C PHE A 433 31.65 -15.07 1.12
N GLU A 434 31.25 -13.93 1.70
CA GLU A 434 29.84 -13.77 2.06
C GLU A 434 28.97 -13.85 0.80
N GLY A 435 29.43 -13.25 -0.31
CA GLY A 435 28.61 -13.31 -1.49
C GLY A 435 28.31 -14.69 -2.01
N PHE A 436 29.28 -15.59 -1.94
CA PHE A 436 28.98 -16.90 -2.46
C PHE A 436 27.94 -17.63 -1.54
N VAL A 437 27.98 -17.33 -0.23
CA VAL A 437 26.91 -17.84 0.64
C VAL A 437 25.55 -17.25 0.21
N ASN A 438 25.52 -15.94 -0.11
CA ASN A 438 24.29 -15.30 -0.61
C ASN A 438 23.79 -16.04 -1.87
N LEU A 439 24.69 -16.34 -2.80
CA LEU A 439 24.34 -17.04 -4.05
C LEU A 439 23.75 -18.44 -3.73
N ALA A 440 24.44 -19.14 -2.83
CA ALA A 440 23.96 -20.43 -2.40
C ALA A 440 22.56 -20.38 -1.75
N ARG A 441 22.35 -19.38 -0.94
CA ARG A 441 21.05 -19.23 -0.28
C ARG A 441 19.97 -19.03 -1.31
N ASP A 442 20.18 -18.14 -2.30
CA ASP A 442 19.18 -17.94 -3.29
C ASP A 442 18.94 -19.17 -4.15
N MET A 443 20.02 -19.94 -4.48
CA MET A 443 19.84 -21.18 -5.22
C MET A 443 18.97 -22.16 -4.39
N TYR A 444 19.29 -22.29 -3.13
CA TYR A 444 18.56 -23.20 -2.22
C TYR A 444 17.06 -22.83 -2.13
N ASN A 445 16.80 -21.54 -1.88
CA ASN A 445 15.38 -21.08 -1.80
C ASN A 445 14.62 -21.22 -3.06
N ALA A 446 15.34 -21.03 -4.20
CA ALA A 446 14.75 -21.19 -5.49
C ALA A 446 14.29 -22.65 -5.73
N VAL A 447 15.18 -23.59 -5.42
CA VAL A 447 14.94 -25.00 -5.70
C VAL A 447 14.00 -25.62 -4.66
N HIS A 448 14.21 -25.31 -3.44
CA HIS A 448 13.46 -25.91 -2.30
C HIS A 448 12.30 -25.02 -1.95
N ASN A 449 11.31 -25.02 -2.84
CA ASN A 449 10.29 -24.00 -2.91
C ASN A 449 8.97 -24.72 -3.03
N PRO A 450 8.09 -24.52 -2.04
CA PRO A 450 6.78 -25.21 -2.10
C PRO A 450 5.96 -24.94 -3.32
N LEU A 451 6.09 -23.78 -3.93
CA LEU A 451 5.24 -23.39 -5.08
C LEU A 451 5.47 -24.30 -6.29
N ARG A 452 6.71 -24.79 -6.47
CA ARG A 452 7.04 -25.64 -7.55
C ARG A 452 6.30 -26.94 -7.49
N HIS A 453 6.29 -27.50 -6.31
CA HIS A 453 5.56 -28.75 -6.04
C HIS A 453 4.08 -28.58 -6.18
N LEU A 454 3.54 -27.47 -5.67
CA LEU A 454 2.09 -27.17 -5.80
C LEU A 454 1.67 -27.03 -7.25
N ALA A 455 2.51 -26.37 -8.08
CA ALA A 455 2.15 -26.12 -9.47
C ALA A 455 1.98 -27.42 -10.26
N ALA A 456 2.71 -28.48 -9.84
CA ALA A 456 2.62 -29.75 -10.55
C ALA A 456 1.31 -30.51 -10.30
N VAL A 457 0.64 -30.18 -9.21
CA VAL A 457 -0.56 -30.94 -8.83
C VAL A 457 -1.75 -30.47 -9.62
N ASP A 458 -2.43 -31.40 -10.27
CA ASP A 458 -3.69 -31.10 -10.95
C ASP A 458 -4.84 -31.52 -9.97
N ILE A 459 -5.49 -30.52 -9.42
CA ILE A 459 -6.54 -30.80 -8.43
C ILE A 459 -7.68 -31.63 -8.97
N ARG A 460 -7.84 -31.70 -10.29
CA ARG A 460 -8.87 -32.59 -10.86
C ARG A 460 -8.57 -34.05 -10.79
N ASP A 461 -7.35 -34.44 -10.48
CA ASP A 461 -6.93 -35.80 -10.54
C ASP A 461 -7.20 -36.45 -9.19
N LYS A 462 -8.11 -37.39 -9.12
CA LYS A 462 -8.57 -37.92 -7.83
C LYS A 462 -7.54 -38.76 -7.21
N SER A 463 -6.60 -39.23 -8.01
CA SER A 463 -5.46 -40.02 -7.49
C SER A 463 -4.33 -39.20 -6.84
N GLN A 464 -4.40 -37.85 -6.94
CA GLN A 464 -3.30 -36.96 -6.51
C GLN A 464 -3.82 -36.25 -5.24
N THR A 465 -2.91 -36.10 -4.29
CA THR A 465 -3.07 -35.21 -3.13
C THR A 465 -2.17 -33.96 -3.35
N THR A 466 -2.28 -32.98 -2.48
CA THR A 466 -1.37 -31.81 -2.55
C THR A 466 -0.31 -31.99 -1.46
N PRO A 467 1.01 -32.03 -1.89
CA PRO A 467 2.03 -32.36 -0.96
C PRO A 467 2.32 -31.12 -0.08
N VAL A 468 3.14 -31.47 0.96
CA VAL A 468 3.71 -30.57 1.98
C VAL A 468 5.24 -30.80 1.89
N ILE A 469 6.06 -29.72 1.84
CA ILE A 469 7.50 -29.96 1.59
C ILE A 469 8.28 -29.36 2.82
N VAL A 470 9.44 -29.97 3.16
CA VAL A 470 10.17 -29.53 4.31
C VAL A 470 11.50 -28.64 4.04
N ARG A 471 11.42 -27.45 4.48
CA ARG A 471 12.60 -26.71 4.02
C ARG A 471 13.51 -26.66 5.20
N GLY A 472 14.61 -25.87 5.05
CA GLY A 472 15.62 -25.64 6.05
C GLY A 472 16.10 -24.22 5.88
N ALA A 473 16.96 -23.87 6.86
CA ALA A 473 17.75 -22.66 6.77
C ALA A 473 19.18 -22.89 7.43
N ALA A 474 20.22 -22.31 6.81
CA ALA A 474 21.58 -22.37 7.29
C ALA A 474 21.78 -21.65 8.57
N ALA B 12 12.22 -29.32 14.61
CA ALA B 12 12.25 -28.01 15.38
C ALA B 12 10.96 -27.99 16.14
N GLU B 13 10.79 -26.91 16.92
CA GLU B 13 9.69 -27.02 17.93
C GLU B 13 8.61 -25.96 17.86
N VAL B 14 7.34 -26.38 17.86
CA VAL B 14 6.20 -25.50 17.96
C VAL B 14 5.75 -25.58 19.40
N LYS B 15 5.87 -24.53 20.16
CA LYS B 15 5.58 -24.52 21.58
C LYS B 15 4.31 -23.66 21.74
N LEU B 16 3.41 -24.15 22.53
CA LEU B 16 2.19 -23.48 22.94
C LEU B 16 2.45 -22.93 24.35
N SER B 17 2.18 -21.62 24.56
CA SER B 17 2.30 -21.08 25.88
C SER B 17 1.21 -20.05 26.16
N PRO B 18 0.79 -19.97 27.40
CA PRO B 18 -0.28 -19.00 27.75
C PRO B 18 0.39 -17.68 28.10
N ARG B 19 -0.39 -16.56 28.02
CA ARG B 19 0.03 -15.29 28.54
C ARG B 19 0.35 -15.51 30.02
N ASP B 20 1.46 -14.97 30.46
CA ASP B 20 1.88 -15.10 31.89
C ASP B 20 1.41 -14.07 32.85
N ARG B 21 0.56 -13.18 32.46
CA ARG B 21 -0.08 -12.17 33.24
C ARG B 21 -1.57 -12.49 33.41
N GLU B 22 -2.09 -12.07 34.56
CA GLU B 22 -3.54 -12.17 34.82
C GLU B 22 -4.34 -11.13 34.04
N GLY B 23 -3.87 -9.91 34.07
CA GLY B 23 -4.61 -8.85 33.37
C GLY B 23 -4.26 -8.82 31.86
N ILE B 24 -5.00 -7.98 31.16
CA ILE B 24 -4.81 -7.73 29.75
C ILE B 24 -4.37 -6.33 29.51
N ILE B 25 -3.42 -6.19 28.60
CA ILE B 25 -3.09 -4.88 28.00
C ILE B 25 -3.31 -5.04 26.50
N ASN B 26 -4.20 -4.23 25.93
CA ASN B 26 -4.45 -4.26 24.52
C ASN B 26 -5.10 -5.57 24.04
N PRO B 27 -6.40 -5.74 24.34
CA PRO B 27 -7.08 -7.00 24.00
C PRO B 27 -7.13 -7.24 22.52
N MET B 28 -6.94 -8.52 22.15
CA MET B 28 -6.98 -8.90 20.73
C MET B 28 -8.41 -8.97 20.19
N TYR B 29 -9.32 -9.45 21.04
CA TYR B 29 -10.75 -9.65 20.67
C TYR B 29 -11.63 -8.84 21.58
N ASP B 30 -12.86 -8.69 21.10
CA ASP B 30 -13.92 -8.18 21.92
C ASP B 30 -14.58 -9.36 22.69
N CYS B 31 -15.63 -9.02 23.47
CA CYS B 31 -16.38 -10.01 24.28
C CYS B 31 -17.43 -10.77 23.45
N GLN B 32 -17.93 -11.82 24.11
CA GLN B 32 -18.89 -12.70 23.41
C GLN B 32 -20.08 -11.94 22.80
N PRO B 33 -20.72 -11.02 23.51
CA PRO B 33 -21.88 -10.36 22.93
C PRO B 33 -21.62 -9.67 21.63
N ALA B 34 -20.37 -9.16 21.49
CA ALA B 34 -20.04 -8.49 20.20
C ALA B 34 -20.06 -9.43 19.01
N GLY B 35 -19.53 -10.65 19.28
CA GLY B 35 -19.54 -11.64 18.24
C GLY B 35 -20.97 -12.14 17.90
N ALA B 36 -21.79 -12.23 18.95
CA ALA B 36 -23.20 -12.61 18.70
C ALA B 36 -23.92 -11.55 17.88
N GLN B 37 -23.61 -10.25 18.12
CA GLN B 37 -24.18 -9.21 17.30
C GLN B 37 -23.73 -9.40 15.83
N TYR B 38 -22.46 -9.69 15.65
CA TYR B 38 -21.96 -9.89 14.26
C TYR B 38 -22.70 -11.05 13.53
N ALA B 39 -22.92 -12.14 14.26
CA ALA B 39 -23.68 -13.19 13.66
C ALA B 39 -25.06 -12.70 13.21
N GLY B 40 -25.74 -12.01 14.11
CA GLY B 40 -27.10 -11.61 13.87
C GLY B 40 -27.29 -10.65 12.74
N ILE B 41 -26.30 -9.70 12.57
CA ILE B 41 -26.50 -8.74 11.51
C ILE B 41 -26.41 -9.29 10.08
N GLY B 42 -25.99 -10.52 9.94
CA GLY B 42 -25.96 -11.21 8.66
C GLY B 42 -27.29 -11.85 8.25
N ILE B 43 -28.29 -11.71 9.10
CA ILE B 43 -29.64 -12.32 8.86
C ILE B 43 -30.55 -11.22 8.36
N LYS B 44 -31.27 -11.50 7.27
N LYS B 44 -31.29 -11.53 7.30
CA LYS B 44 -32.26 -10.59 6.72
CA LYS B 44 -32.26 -10.59 6.74
C LYS B 44 -33.42 -10.47 7.73
C LYS B 44 -33.42 -10.46 7.72
N ASP B 45 -33.90 -9.23 7.90
CA ASP B 45 -35.06 -9.00 8.76
C ASP B 45 -34.76 -9.40 10.21
N CYS B 46 -33.56 -9.13 10.64
CA CYS B 46 -33.11 -9.44 11.97
C CYS B 46 -32.59 -8.16 12.63
N ILE B 47 -32.98 -7.86 13.85
CA ILE B 47 -32.35 -6.84 14.67
C ILE B 47 -32.04 -7.50 16.00
N PRO B 48 -30.76 -7.79 16.30
CA PRO B 48 -30.38 -8.32 17.60
C PRO B 48 -30.77 -7.36 18.74
N LEU B 49 -31.13 -7.98 19.88
CA LEU B 49 -31.47 -7.24 21.05
C LEU B 49 -30.51 -7.66 22.15
N VAL B 50 -29.68 -6.68 22.59
CA VAL B 50 -28.59 -6.97 23.50
C VAL B 50 -29.08 -6.55 24.90
N HIS B 51 -29.22 -7.59 25.75
CA HIS B 51 -29.83 -7.37 27.05
C HIS B 51 -28.72 -7.05 28.01
N GLY B 52 -28.60 -5.78 28.36
CA GLY B 52 -27.55 -5.27 29.23
C GLY B 52 -27.52 -3.75 29.13
N GLY B 53 -26.41 -3.23 29.62
CA GLY B 53 -26.28 -1.80 29.53
C GLY B 53 -26.07 -1.32 28.08
N GLN B 54 -26.25 -0.02 27.93
CA GLN B 54 -26.27 0.58 26.58
C GLN B 54 -24.93 0.52 25.80
N GLY B 55 -23.83 0.53 26.54
CA GLY B 55 -22.54 0.50 25.90
C GLY B 55 -22.32 -0.78 25.14
N CYS B 56 -22.88 -1.88 25.70
CA CYS B 56 -22.66 -3.18 25.10
C CYS B 56 -23.21 -3.23 23.66
N THR B 57 -24.18 -2.39 23.35
CA THR B 57 -24.72 -2.22 22.02
C THR B 57 -23.98 -1.12 21.23
N MET B 58 -23.89 0.05 21.80
CA MET B 58 -23.48 1.21 20.99
C MET B 58 -22.01 1.07 20.58
N PHE B 59 -21.15 0.56 21.47
CA PHE B 59 -19.72 0.44 21.12
C PHE B 59 -19.55 -0.57 20.02
N VAL B 60 -20.40 -1.62 19.95
CA VAL B 60 -20.28 -2.65 18.92
C VAL B 60 -20.84 -2.13 17.62
N ARG B 61 -21.92 -1.39 17.61
CA ARG B 61 -22.37 -0.70 16.37
C ARG B 61 -21.19 0.16 15.80
N LEU B 62 -20.49 0.84 16.69
CA LEU B 62 -19.34 1.62 16.21
C LEU B 62 -18.28 0.76 15.65
N LEU B 63 -17.95 -0.32 16.29
CA LEU B 63 -16.92 -1.26 15.77
C LEU B 63 -17.28 -1.74 14.39
N PHE B 64 -18.52 -2.11 14.14
CA PHE B 64 -18.89 -2.53 12.83
C PHE B 64 -18.80 -1.41 11.80
N ALA B 65 -19.11 -0.20 12.20
CA ALA B 65 -18.91 0.96 11.34
C ALA B 65 -17.45 1.23 11.06
N GLN B 66 -16.58 0.91 12.00
CA GLN B 66 -15.13 1.08 11.72
C GLN B 66 -14.71 0.07 10.66
N HIS B 67 -15.10 -1.17 10.78
CA HIS B 67 -14.64 -2.17 9.84
C HIS B 67 -15.24 -2.03 8.48
N PHE B 68 -16.56 -1.85 8.40
CA PHE B 68 -17.30 -1.86 7.16
C PHE B 68 -17.64 -0.50 6.59
N LYS B 69 -17.51 0.56 7.37
CA LYS B 69 -17.99 1.91 7.02
C LYS B 69 -19.46 1.87 6.63
N GLU B 70 -20.22 1.12 7.45
CA GLU B 70 -21.66 1.08 7.34
C GLU B 70 -22.32 1.01 8.71
N ASN B 71 -23.55 1.46 8.72
CA ASN B 71 -24.47 1.25 9.82
C ASN B 71 -25.12 -0.14 9.81
N PHE B 72 -25.22 -0.74 10.99
CA PHE B 72 -25.99 -1.94 11.18
C PHE B 72 -26.88 -1.76 12.40
N ASP B 73 -28.13 -2.24 12.25
CA ASP B 73 -29.11 -2.09 13.29
C ASP B 73 -29.01 -3.21 14.39
N VAL B 74 -28.77 -2.72 15.62
CA VAL B 74 -28.76 -3.58 16.80
C VAL B 74 -29.40 -2.71 17.86
N ALA B 75 -30.29 -3.35 18.69
CA ALA B 75 -30.98 -2.63 19.76
C ALA B 75 -30.49 -3.06 21.12
N SER B 76 -30.72 -2.18 22.09
CA SER B 76 -30.42 -2.43 23.49
C SER B 76 -31.65 -2.58 24.37
N THR B 77 -31.57 -3.40 25.41
CA THR B 77 -32.62 -3.31 26.44
C THR B 77 -32.44 -2.22 27.44
N SER B 78 -31.35 -1.45 27.37
CA SER B 78 -31.20 -0.33 28.24
C SER B 78 -31.35 -0.67 29.69
N LEU B 79 -30.58 -1.64 30.16
CA LEU B 79 -30.54 -1.90 31.58
C LEU B 79 -30.11 -0.69 32.36
N HIS B 80 -30.90 -0.30 33.34
CA HIS B 80 -30.55 0.84 34.22
C HIS B 80 -30.49 0.26 35.67
N GLU B 81 -30.27 1.20 36.63
CA GLU B 81 -29.98 0.73 38.00
C GLU B 81 -31.17 -0.05 38.61
N GLU B 82 -32.38 0.41 38.29
CA GLU B 82 -33.56 -0.30 38.86
C GLU B 82 -33.50 -1.78 38.43
N SER B 83 -33.34 -2.02 37.10
CA SER B 83 -33.34 -3.36 36.60
C SER B 83 -32.12 -4.18 37.04
N ALA B 84 -30.96 -3.50 37.22
CA ALA B 84 -29.79 -4.20 37.71
C ALA B 84 -29.99 -4.72 39.11
N VAL B 85 -30.78 -4.05 39.92
CA VAL B 85 -31.06 -4.48 41.30
C VAL B 85 -32.23 -5.38 41.44
N PHE B 86 -33.30 -5.10 40.68
CA PHE B 86 -34.55 -5.89 40.84
C PHE B 86 -34.90 -6.84 39.70
N GLY B 87 -34.04 -6.91 38.68
CA GLY B 87 -34.16 -7.81 37.56
C GLY B 87 -34.58 -7.08 36.31
N GLY B 88 -34.10 -7.59 35.20
CA GLY B 88 -34.30 -6.99 33.91
C GLY B 88 -35.29 -7.56 32.92
N ALA B 89 -36.06 -8.56 33.36
CA ALA B 89 -37.03 -9.18 32.47
C ALA B 89 -37.95 -8.17 31.75
N LYS B 90 -38.43 -7.17 32.43
CA LYS B 90 -39.34 -6.26 31.82
C LYS B 90 -38.65 -5.43 30.76
N ARG B 91 -37.34 -5.20 30.89
CA ARG B 91 -36.63 -4.46 29.84
C ARG B 91 -36.56 -5.30 28.58
N VAL B 92 -36.23 -6.63 28.70
CA VAL B 92 -36.24 -7.50 27.55
C VAL B 92 -37.60 -7.56 26.85
N GLU B 93 -38.65 -7.70 27.70
CA GLU B 93 -39.98 -7.82 27.20
C GLU B 93 -40.43 -6.60 26.51
N GLU B 94 -40.18 -5.44 27.10
CA GLU B 94 -40.50 -4.17 26.47
C GLU B 94 -39.67 -3.97 25.19
N GLY B 95 -38.39 -4.30 25.20
CA GLY B 95 -37.63 -4.14 24.00
C GLY B 95 -38.05 -4.95 22.79
N VAL B 96 -38.46 -6.19 23.08
CA VAL B 96 -38.99 -7.04 22.00
C VAL B 96 -40.25 -6.37 21.39
N LEU B 97 -41.19 -5.95 22.26
CA LEU B 97 -42.43 -5.37 21.75
C LEU B 97 -42.20 -4.07 21.03
N VAL B 98 -41.30 -3.20 21.57
CA VAL B 98 -41.03 -1.97 20.90
C VAL B 98 -40.39 -2.20 19.50
N LEU B 99 -39.48 -3.18 19.42
CA LEU B 99 -38.96 -3.54 18.09
C LEU B 99 -40.08 -4.00 17.18
N ALA B 100 -40.90 -4.93 17.66
CA ALA B 100 -41.95 -5.44 16.76
C ALA B 100 -42.97 -4.39 16.29
N ARG B 101 -43.26 -3.47 17.21
CA ARG B 101 -44.25 -2.44 16.87
C ARG B 101 -43.73 -1.43 15.86
N ARG B 102 -42.40 -1.20 15.90
CA ARG B 102 -41.82 -0.15 15.05
C ARG B 102 -41.12 -0.59 13.78
N TYR B 103 -40.91 -1.90 13.70
CA TYR B 103 -40.28 -2.53 12.58
C TYR B 103 -41.21 -3.65 12.04
N PRO B 104 -42.14 -3.23 11.17
CA PRO B 104 -43.18 -4.23 10.80
C PRO B 104 -42.67 -5.45 10.01
N ASN B 105 -41.47 -5.36 9.42
CA ASN B 105 -40.92 -6.47 8.67
C ASN B 105 -39.97 -7.36 9.45
N LEU B 106 -39.76 -6.99 10.73
CA LEU B 106 -38.83 -7.71 11.58
C LEU B 106 -39.30 -9.17 11.74
N ARG B 107 -38.43 -10.11 11.58
CA ARG B 107 -38.68 -11.53 11.75
C ARG B 107 -37.86 -12.28 12.80
N VAL B 108 -36.65 -11.82 13.08
CA VAL B 108 -35.75 -12.55 13.93
C VAL B 108 -35.14 -11.60 14.98
N ILE B 109 -35.17 -12.01 16.23
CA ILE B 109 -34.56 -11.25 17.34
C ILE B 109 -33.75 -12.20 18.17
N PRO B 110 -32.43 -12.31 17.92
CA PRO B 110 -31.52 -13.01 18.86
C PRO B 110 -31.46 -12.13 20.11
N ILE B 111 -31.76 -12.72 21.28
CA ILE B 111 -31.74 -11.97 22.53
C ILE B 111 -30.43 -12.43 23.22
N ILE B 112 -29.51 -11.44 23.20
CA ILE B 112 -28.10 -11.66 23.54
C ILE B 112 -27.82 -11.20 24.96
N THR B 113 -27.37 -12.07 25.83
CA THR B 113 -27.09 -11.67 27.12
C THR B 113 -25.69 -11.04 27.22
N THR B 114 -25.44 -10.36 28.33
CA THR B 114 -24.20 -9.69 28.58
C THR B 114 -23.66 -10.08 29.93
N CYS B 115 -22.50 -9.60 30.39
CA CYS B 115 -22.08 -9.78 31.75
C CYS B 115 -23.10 -9.43 32.77
N SER B 116 -23.74 -8.28 32.62
CA SER B 116 -24.66 -7.79 33.65
C SER B 116 -25.84 -8.76 33.81
N THR B 117 -26.43 -9.20 32.70
CA THR B 117 -27.69 -9.95 32.78
C THR B 117 -27.41 -11.40 33.02
N GLU B 118 -26.20 -11.91 32.79
CA GLU B 118 -25.73 -13.22 33.27
C GLU B 118 -25.51 -13.17 34.80
N VAL B 119 -24.89 -12.13 35.32
CA VAL B 119 -24.60 -12.03 36.74
C VAL B 119 -25.94 -11.99 37.53
N ILE B 120 -26.88 -11.16 37.10
CA ILE B 120 -28.11 -11.04 37.90
C ILE B 120 -29.09 -12.18 37.60
N GLY B 121 -28.80 -13.11 36.65
CA GLY B 121 -29.61 -14.32 36.53
C GLY B 121 -30.91 -14.15 35.86
N ASP B 122 -31.08 -13.16 34.98
CA ASP B 122 -32.36 -13.01 34.30
C ASP B 122 -32.71 -14.26 33.53
N ASP B 123 -34.01 -14.67 33.55
CA ASP B 123 -34.42 -15.88 32.88
C ASP B 123 -34.90 -15.54 31.47
N ILE B 124 -33.98 -15.70 30.51
CA ILE B 124 -34.20 -15.27 29.19
C ILE B 124 -35.26 -16.21 28.55
N GLU B 125 -35.21 -17.52 28.84
CA GLU B 125 -36.17 -18.42 28.21
C GLU B 125 -37.60 -18.08 28.69
N GLY B 126 -37.72 -17.71 29.97
CA GLY B 126 -39.00 -17.28 30.53
C GLY B 126 -39.50 -16.02 29.86
N SER B 127 -38.59 -15.01 29.71
CA SER B 127 -39.01 -13.80 29.04
C SER B 127 -39.45 -14.09 27.60
N ILE B 128 -38.77 -15.02 26.90
CA ILE B 128 -39.20 -15.43 25.58
C ILE B 128 -40.59 -16.05 25.56
N ARG B 129 -40.91 -16.84 26.58
CA ARG B 129 -42.31 -17.39 26.60
C ARG B 129 -43.31 -16.23 26.76
N VAL B 130 -43.00 -15.31 27.64
CA VAL B 130 -43.88 -14.16 27.86
C VAL B 130 -44.02 -13.37 26.62
N CYS B 131 -42.88 -13.09 25.95
CA CYS B 131 -42.93 -12.34 24.70
C CYS B 131 -43.67 -13.09 23.57
N ASN B 132 -43.50 -14.37 23.49
CA ASN B 132 -44.21 -15.11 22.45
C ASN B 132 -45.73 -15.01 22.66
N ARG B 133 -46.17 -15.15 23.92
CA ARG B 133 -47.59 -14.93 24.14
C ARG B 133 -48.08 -13.58 23.82
N ALA B 134 -47.31 -12.54 24.14
CA ALA B 134 -47.70 -11.17 23.95
C ALA B 134 -47.72 -10.85 22.48
N LEU B 135 -46.70 -11.35 21.72
CA LEU B 135 -46.62 -11.12 20.30
C LEU B 135 -47.74 -11.85 19.48
N GLU B 136 -48.06 -13.07 19.95
CA GLU B 136 -49.14 -13.85 19.34
C GLU B 136 -50.48 -13.14 19.51
N ALA B 137 -50.65 -12.50 20.63
CA ALA B 137 -51.88 -11.78 20.87
C ALA B 137 -51.95 -10.43 20.12
N GLU B 138 -50.82 -9.72 20.03
CA GLU B 138 -50.83 -8.41 19.45
C GLU B 138 -50.70 -8.46 17.95
N PHE B 139 -50.01 -9.47 17.46
CA PHE B 139 -49.69 -9.59 16.01
C PHE B 139 -49.98 -10.99 15.53
N PRO B 140 -51.30 -11.30 15.46
CA PRO B 140 -51.63 -12.73 15.14
C PRO B 140 -51.23 -13.16 13.75
N ASP B 141 -50.96 -12.26 12.85
CA ASP B 141 -50.48 -12.71 11.48
C ASP B 141 -48.95 -12.65 11.24
N ARG B 142 -48.19 -12.41 12.32
CA ARG B 142 -46.71 -12.39 12.15
C ARG B 142 -46.16 -13.50 12.94
N LYS B 143 -45.01 -13.97 12.55
CA LYS B 143 -44.14 -14.88 13.29
C LYS B 143 -42.80 -14.26 13.50
N ILE B 144 -42.46 -14.01 14.77
CA ILE B 144 -41.15 -13.50 15.14
C ILE B 144 -40.39 -14.56 15.90
N TYR B 145 -39.17 -14.85 15.48
CA TYR B 145 -38.35 -15.88 16.06
C TYR B 145 -37.46 -15.24 17.11
N LEU B 146 -37.59 -15.62 18.34
CA LEU B 146 -36.78 -15.11 19.48
C LEU B 146 -35.83 -16.20 19.88
N ALA B 147 -34.51 -15.95 19.76
CA ALA B 147 -33.51 -16.97 20.03
C ALA B 147 -32.74 -16.56 21.27
N PRO B 148 -32.65 -17.42 22.30
CA PRO B 148 -31.87 -17.08 23.51
C PRO B 148 -30.39 -17.32 23.19
N VAL B 149 -29.61 -16.25 23.38
CA VAL B 149 -28.18 -16.38 23.15
C VAL B 149 -27.40 -16.09 24.41
N HIS B 150 -26.88 -17.10 25.06
CA HIS B 150 -26.22 -16.92 26.39
C HIS B 150 -24.71 -16.68 26.12
N THR B 151 -24.35 -15.40 26.29
CA THR B 151 -23.02 -14.94 25.93
C THR B 151 -22.42 -14.13 27.10
N PRO B 152 -22.24 -14.70 28.26
CA PRO B 152 -21.49 -13.97 29.33
C PRO B 152 -20.09 -13.55 28.86
N SER B 153 -19.74 -12.28 29.07
CA SER B 153 -18.49 -11.78 28.53
C SER B 153 -17.25 -12.21 29.28
N PHE B 154 -17.49 -12.77 30.48
CA PHE B 154 -16.45 -13.28 31.37
C PHE B 154 -16.03 -14.73 31.01
N LYS B 155 -16.51 -15.26 29.86
CA LYS B 155 -15.99 -16.47 29.25
C LYS B 155 -15.70 -16.20 27.81
N GLY B 156 -14.74 -16.90 27.25
CA GLY B 156 -14.50 -16.88 25.77
C GLY B 156 -14.20 -15.50 25.25
N SER B 157 -14.79 -15.21 24.12
CA SER B 157 -14.47 -13.98 23.36
C SER B 157 -15.48 -13.75 22.23
N HIS B 158 -15.34 -12.72 21.41
CA HIS B 158 -16.22 -12.58 20.28
C HIS B 158 -16.25 -13.79 19.35
N VAL B 159 -15.16 -14.54 19.32
CA VAL B 159 -15.14 -15.72 18.47
C VAL B 159 -16.18 -16.75 18.99
N THR B 160 -16.13 -17.01 20.26
CA THR B 160 -17.05 -17.97 20.85
C THR B 160 -18.46 -17.44 20.83
N GLY B 161 -18.65 -16.11 20.96
CA GLY B 161 -19.98 -15.56 20.92
C GLY B 161 -20.64 -15.66 19.56
N TYR B 162 -19.82 -15.44 18.50
CA TYR B 162 -20.30 -15.67 17.17
C TYR B 162 -20.80 -17.11 17.02
N ALA B 163 -19.97 -18.05 17.40
CA ALA B 163 -20.35 -19.46 17.20
C ALA B 163 -21.66 -19.76 18.01
N GLU B 164 -21.75 -19.22 19.23
CA GLU B 164 -22.89 -19.49 20.09
C GLU B 164 -24.14 -18.92 19.46
N CYS B 165 -24.12 -17.73 18.91
CA CYS B 165 -25.25 -17.10 18.31
C CYS B 165 -25.69 -17.84 17.09
N VAL B 166 -24.80 -18.19 16.19
CA VAL B 166 -25.15 -18.95 15.00
C VAL B 166 -25.90 -20.23 15.47
N LYS B 167 -25.30 -20.95 16.40
CA LYS B 167 -25.88 -22.22 16.85
C LYS B 167 -27.26 -21.99 17.45
N SER B 168 -27.46 -20.97 18.30
CA SER B 168 -28.75 -20.74 18.91
C SER B 168 -29.80 -20.34 17.90
N VAL B 169 -29.49 -19.46 16.96
CA VAL B 169 -30.41 -19.04 15.98
C VAL B 169 -30.82 -20.30 15.07
N PHE B 170 -29.87 -21.10 14.64
CA PHE B 170 -30.18 -22.29 13.87
C PHE B 170 -31.02 -23.24 14.68
N LYS B 171 -30.68 -23.43 15.96
CA LYS B 171 -31.49 -24.34 16.81
C LYS B 171 -32.94 -23.79 16.84
N THR B 172 -33.15 -22.50 17.10
CA THR B 172 -34.48 -21.89 17.23
C THR B 172 -35.28 -22.06 15.96
N ILE B 173 -34.70 -21.74 14.82
CA ILE B 173 -35.42 -21.72 13.58
C ILE B 173 -35.72 -23.17 13.13
N THR B 174 -34.75 -24.04 13.19
CA THR B 174 -34.92 -25.44 12.78
C THR B 174 -35.83 -26.19 13.77
N ASP B 175 -35.81 -25.82 15.04
CA ASP B 175 -36.82 -26.43 16.00
C ASP B 175 -38.24 -26.12 15.53
N ALA B 176 -38.47 -24.92 15.04
CA ALA B 176 -39.75 -24.53 14.60
C ALA B 176 -40.21 -25.22 13.31
N HIS B 177 -39.31 -25.44 12.40
CA HIS B 177 -39.66 -25.97 11.08
C HIS B 177 -39.40 -27.45 10.85
N GLY B 178 -38.36 -27.99 11.51
CA GLY B 178 -37.95 -29.39 11.44
C GLY B 178 -37.49 -29.72 10.03
N LYS B 179 -37.33 -31.02 9.84
CA LYS B 179 -36.84 -31.58 8.58
C LYS B 179 -37.99 -31.80 7.60
N GLY B 180 -37.72 -31.59 6.33
CA GLY B 180 -38.70 -31.80 5.27
C GLY B 180 -38.12 -32.28 4.01
N GLN B 181 -38.38 -31.49 2.91
CA GLN B 181 -37.88 -31.90 1.59
C GLN B 181 -36.40 -31.72 1.42
N PRO B 182 -35.65 -32.78 0.99
CA PRO B 182 -34.22 -32.59 0.74
C PRO B 182 -33.99 -31.53 -0.31
N SER B 183 -32.99 -30.64 -0.08
CA SER B 183 -32.91 -29.48 -0.91
C SER B 183 -31.91 -29.69 -2.01
N GLY B 184 -31.01 -30.64 -1.83
CA GLY B 184 -29.89 -30.83 -2.81
C GLY B 184 -28.78 -29.83 -2.61
N LYS B 185 -28.84 -28.99 -1.59
CA LYS B 185 -27.84 -27.94 -1.39
C LYS B 185 -26.86 -28.27 -0.29
N LEU B 186 -25.66 -27.67 -0.40
CA LEU B 186 -24.75 -27.68 0.72
C LEU B 186 -25.09 -26.56 1.70
N ASN B 187 -24.88 -26.86 2.97
CA ASN B 187 -24.73 -25.74 3.95
C ASN B 187 -23.26 -25.36 4.00
N VAL B 188 -22.91 -24.12 4.05
CA VAL B 188 -21.54 -23.70 4.15
C VAL B 188 -21.45 -22.68 5.30
N PHE B 189 -20.60 -23.00 6.25
CA PHE B 189 -20.31 -22.07 7.36
C PHE B 189 -18.82 -21.61 7.20
N PRO B 190 -18.63 -20.42 6.57
CA PRO B 190 -17.25 -19.95 6.31
C PRO B 190 -16.58 -19.43 7.54
N GLY B 191 -17.34 -19.17 8.62
CA GLY B 191 -16.82 -18.44 9.76
C GLY B 191 -16.91 -16.95 9.52
N TRP B 192 -16.14 -16.28 10.36
CA TRP B 192 -16.10 -14.86 10.37
C TRP B 192 -15.14 -14.36 9.28
N VAL B 193 -15.68 -14.04 8.12
CA VAL B 193 -14.92 -13.67 6.92
C VAL B 193 -15.52 -12.35 6.39
N ASN B 194 -14.84 -11.79 5.41
CA ASN B 194 -15.30 -10.59 4.84
C ASN B 194 -16.29 -10.76 3.70
N PRO B 195 -17.06 -9.75 3.32
CA PRO B 195 -17.88 -9.80 2.11
C PRO B 195 -17.11 -10.27 0.89
N GLY B 196 -15.85 -9.87 0.75
CA GLY B 196 -15.13 -10.37 -0.40
C GLY B 196 -14.84 -11.87 -0.37
N ASP B 197 -14.69 -12.43 0.80
CA ASP B 197 -14.58 -13.87 0.94
C ASP B 197 -15.86 -14.59 0.49
N VAL B 198 -16.98 -14.02 0.90
CA VAL B 198 -18.31 -14.62 0.57
C VAL B 198 -18.49 -14.54 -0.96
N VAL B 199 -18.12 -13.43 -1.62
CA VAL B 199 -18.18 -13.26 -3.07
C VAL B 199 -17.37 -14.38 -3.75
N LEU B 200 -16.16 -14.60 -3.23
CA LEU B 200 -15.31 -15.61 -3.85
C LEU B 200 -15.90 -17.01 -3.68
N LEU B 201 -16.45 -17.33 -2.51
CA LEU B 201 -17.03 -18.65 -2.33
C LEU B 201 -18.22 -18.81 -3.29
N LYS B 202 -19.08 -17.82 -3.39
CA LYS B 202 -20.22 -17.92 -4.31
C LYS B 202 -19.77 -18.19 -5.76
N ARG B 203 -18.63 -17.57 -6.17
CA ARG B 203 -18.10 -17.79 -7.50
C ARG B 203 -17.62 -19.25 -7.62
N TYR B 204 -16.91 -19.76 -6.63
CA TYR B 204 -16.45 -21.16 -6.61
C TYR B 204 -17.57 -22.15 -6.75
N PHE B 205 -18.61 -21.93 -5.97
CA PHE B 205 -19.70 -22.86 -6.08
C PHE B 205 -20.42 -22.72 -7.44
N LYS B 206 -20.56 -21.55 -7.99
CA LYS B 206 -21.17 -21.40 -9.22
C LYS B 206 -20.36 -22.13 -10.31
N GLU B 207 -19.06 -21.93 -10.31
CA GLU B 207 -18.22 -22.53 -11.32
C GLU B 207 -18.18 -24.03 -11.21
N MET B 208 -18.42 -24.58 -10.03
CA MET B 208 -18.48 -26.04 -9.77
C MET B 208 -19.92 -26.57 -9.96
N ASP B 209 -20.87 -25.71 -10.28
CA ASP B 209 -22.31 -26.13 -10.38
C ASP B 209 -22.83 -26.79 -9.17
N VAL B 210 -22.53 -26.17 -8.02
CA VAL B 210 -22.95 -26.70 -6.72
C VAL B 210 -23.82 -25.69 -6.01
N GLU B 211 -25.11 -26.07 -5.73
CA GLU B 211 -25.95 -25.18 -5.02
C GLU B 211 -25.64 -25.21 -3.55
N ALA B 212 -25.57 -23.98 -2.96
CA ALA B 212 -25.13 -23.84 -1.55
C ALA B 212 -25.76 -22.66 -0.94
N ASN B 213 -26.01 -22.71 0.38
CA ASN B 213 -26.33 -21.53 1.11
C ASN B 213 -25.05 -21.26 1.94
N ILE B 214 -24.64 -19.99 1.95
CA ILE B 214 -23.52 -19.54 2.74
C ILE B 214 -24.03 -18.79 3.94
N TYR B 215 -23.70 -19.28 5.14
CA TYR B 215 -24.26 -18.77 6.39
C TYR B 215 -23.18 -18.00 7.14
N MET B 216 -23.31 -16.68 7.35
CA MET B 216 -24.28 -15.82 6.84
C MET B 216 -23.86 -15.11 5.53
N ASP B 217 -24.81 -14.73 4.72
CA ASP B 217 -24.49 -14.16 3.41
C ASP B 217 -24.40 -12.65 3.60
N THR B 218 -23.16 -12.18 3.80
CA THR B 218 -22.87 -10.77 4.05
C THR B 218 -22.36 -9.97 2.82
N GLU B 219 -22.66 -10.42 1.64
CA GLU B 219 -22.18 -9.82 0.40
C GLU B 219 -22.67 -8.34 0.35
N ASP B 220 -23.97 -8.11 0.74
CA ASP B 220 -24.59 -6.82 0.62
C ASP B 220 -24.22 -5.82 1.74
N PHE B 221 -23.34 -6.24 2.62
CA PHE B 221 -22.84 -5.24 3.56
C PHE B 221 -22.06 -4.19 2.84
N ASP B 222 -21.47 -4.50 1.68
CA ASP B 222 -20.88 -3.46 0.83
C ASP B 222 -21.99 -2.96 -0.12
N SER B 223 -22.77 -2.00 0.33
CA SER B 223 -23.97 -1.65 -0.33
C SER B 223 -23.76 -0.44 -1.17
N PRO B 224 -24.54 -0.31 -2.23
CA PRO B 224 -24.39 0.85 -3.09
C PRO B 224 -25.01 2.11 -2.52
N MET B 225 -24.61 3.28 -3.03
CA MET B 225 -25.32 4.56 -2.89
C MET B 225 -26.08 4.64 -4.24
N LEU B 226 -27.41 4.50 -4.20
CA LEU B 226 -28.22 4.31 -5.42
C LEU B 226 -29.00 5.57 -5.77
N PRO B 227 -29.40 5.70 -6.99
CA PRO B 227 -30.14 6.90 -7.35
C PRO B 227 -31.46 7.07 -6.64
N ASN B 228 -32.10 5.93 -6.32
CA ASN B 228 -33.41 5.94 -5.59
C ASN B 228 -33.29 6.04 -4.09
N LYS B 229 -32.07 6.19 -3.57
CA LYS B 229 -31.83 6.43 -2.15
C LYS B 229 -32.24 5.20 -1.29
N SER B 230 -32.31 4.04 -1.88
CA SER B 230 -32.68 2.85 -1.11
C SER B 230 -31.48 2.39 -0.28
N ILE B 231 -31.79 1.73 0.82
CA ILE B 231 -30.82 1.21 1.74
C ILE B 231 -30.81 -0.30 1.58
N GLU B 232 -29.70 -0.87 1.15
CA GLU B 232 -29.58 -2.28 0.79
C GLU B 232 -28.54 -3.01 1.70
N THR B 233 -28.17 -2.38 2.80
CA THR B 233 -27.09 -2.82 3.69
C THR B 233 -27.63 -3.88 4.69
N HIS B 234 -27.94 -5.02 4.22
CA HIS B 234 -28.63 -6.04 5.01
C HIS B 234 -27.97 -7.38 4.82
N GLY B 235 -28.15 -8.23 5.79
CA GLY B 235 -27.83 -9.62 5.60
C GLY B 235 -28.75 -10.24 4.58
N ARG B 236 -28.33 -11.21 3.81
CA ARG B 236 -29.12 -11.86 2.81
C ARG B 236 -29.61 -13.23 3.33
N THR B 237 -29.13 -13.77 4.41
CA THR B 237 -29.61 -15.08 4.89
C THR B 237 -30.97 -14.93 5.49
N THR B 238 -31.95 -15.64 4.96
CA THR B 238 -33.30 -15.52 5.43
C THR B 238 -33.68 -16.65 6.43
N VAL B 239 -34.83 -16.44 7.11
CA VAL B 239 -35.41 -17.53 7.89
C VAL B 239 -35.51 -18.82 7.10
N GLU B 240 -36.03 -18.69 5.87
CA GLU B 240 -36.18 -19.89 5.03
C GLU B 240 -34.87 -20.62 4.72
N ASP B 241 -33.83 -19.77 4.42
CA ASP B 241 -32.51 -20.33 4.21
C ASP B 241 -31.95 -21.10 5.39
N ILE B 242 -32.15 -20.47 6.58
CA ILE B 242 -31.72 -21.13 7.81
C ILE B 242 -32.52 -22.49 8.04
N ALA B 243 -33.84 -22.35 7.94
CA ALA B 243 -34.70 -23.55 8.10
C ALA B 243 -34.30 -24.67 7.16
N ASP B 244 -33.86 -24.29 5.96
CA ASP B 244 -33.48 -25.29 4.96
C ASP B 244 -32.17 -26.00 5.26
N SER B 245 -31.41 -25.55 6.23
CA SER B 245 -30.20 -26.22 6.62
C SER B 245 -30.42 -27.65 7.08
N ALA B 246 -31.65 -27.91 7.57
CA ALA B 246 -31.98 -29.25 8.11
C ALA B 246 -32.12 -30.26 6.91
N ASN B 247 -32.26 -29.71 5.70
CA ASN B 247 -32.51 -30.49 4.50
C ASN B 247 -31.36 -30.61 3.54
N ALA B 248 -30.18 -30.12 3.96
CA ALA B 248 -29.06 -30.10 3.08
C ALA B 248 -28.48 -31.53 2.83
N LEU B 249 -27.71 -31.59 1.72
CA LEU B 249 -26.97 -32.74 1.43
C LEU B 249 -25.82 -33.07 2.40
N ALA B 250 -25.20 -31.96 2.84
CA ALA B 250 -24.04 -32.01 3.69
C ALA B 250 -23.78 -30.58 4.16
N THR B 251 -22.99 -30.51 5.24
CA THR B 251 -22.45 -29.21 5.72
C THR B 251 -20.94 -29.19 5.47
N LEU B 252 -20.49 -28.09 4.87
CA LEU B 252 -19.07 -27.79 4.76
C LEU B 252 -18.78 -26.67 5.82
N SER B 253 -18.02 -27.08 6.85
CA SER B 253 -17.63 -26.16 7.91
C SER B 253 -16.14 -25.77 7.67
N LEU B 254 -15.93 -24.50 7.43
CA LEU B 254 -14.54 -24.01 7.11
C LEU B 254 -13.85 -23.52 8.34
N ALA B 255 -14.50 -23.42 9.51
CA ALA B 255 -13.86 -22.81 10.65
C ALA B 255 -14.26 -23.53 11.92
N ARG B 256 -13.30 -24.18 12.47
CA ARG B 256 -13.50 -24.99 13.68
C ARG B 256 -14.11 -24.16 14.78
N TYR B 257 -13.69 -22.90 14.96
CA TYR B 257 -14.11 -22.14 16.13
C TYR B 257 -15.24 -21.16 15.78
N GLU B 258 -15.70 -21.17 14.55
CA GLU B 258 -16.65 -20.16 14.03
C GLU B 258 -17.74 -20.79 13.18
N GLY B 259 -18.34 -21.83 13.69
CA GLY B 259 -19.54 -22.40 13.04
C GLY B 259 -19.54 -23.91 12.92
N ASN B 260 -18.43 -24.58 13.12
CA ASN B 260 -18.46 -26.00 13.08
C ASN B 260 -19.44 -26.56 14.14
N THR B 261 -19.61 -25.94 15.29
CA THR B 261 -20.51 -26.51 16.28
C THR B 261 -21.96 -26.45 15.74
N THR B 262 -22.34 -25.59 14.81
CA THR B 262 -23.64 -25.60 14.21
C THR B 262 -23.71 -26.74 13.21
N GLY B 263 -22.67 -26.96 12.40
CA GLY B 263 -22.67 -28.09 11.56
C GLY B 263 -22.81 -29.40 12.40
N GLU B 264 -22.13 -29.48 13.51
CA GLU B 264 -22.23 -30.67 14.39
C GLU B 264 -23.72 -30.84 14.90
N LEU B 265 -24.35 -29.73 15.28
CA LEU B 265 -25.72 -29.77 15.78
C LEU B 265 -26.65 -30.28 14.66
N LEU B 266 -26.46 -29.82 13.45
CA LEU B 266 -27.32 -30.28 12.36
C LEU B 266 -27.04 -31.73 12.02
N GLN B 267 -25.85 -32.21 12.19
CA GLN B 267 -25.55 -33.63 12.02
C GLN B 267 -26.30 -34.44 13.11
N LYS B 268 -26.21 -34.03 14.36
CA LYS B 268 -26.80 -34.78 15.47
C LYS B 268 -28.33 -34.75 15.33
N THR B 269 -28.93 -33.59 14.99
CA THR B 269 -30.39 -33.41 15.02
C THR B 269 -31.05 -33.98 13.75
N PHE B 270 -30.45 -33.77 12.58
CA PHE B 270 -31.08 -33.98 11.26
C PHE B 270 -30.32 -34.94 10.39
N ALA B 271 -29.20 -35.49 10.88
CA ALA B 271 -28.44 -36.41 10.08
C ALA B 271 -27.87 -35.77 8.79
N VAL B 272 -27.58 -34.49 8.86
CA VAL B 272 -26.83 -33.80 7.75
C VAL B 272 -25.36 -33.97 8.01
N PRO B 273 -24.64 -34.72 7.19
CA PRO B 273 -23.19 -35.00 7.54
C PRO B 273 -22.39 -33.73 7.48
N ASN B 274 -21.64 -33.50 8.56
CA ASN B 274 -20.77 -32.33 8.62
C ASN B 274 -19.33 -32.71 8.24
N ALA B 275 -18.76 -31.88 7.37
CA ALA B 275 -17.37 -32.05 6.98
C ALA B 275 -16.61 -30.74 7.34
N LEU B 276 -15.83 -30.86 8.40
CA LEU B 276 -14.95 -29.80 8.83
C LEU B 276 -13.63 -29.91 8.03
N VAL B 277 -13.24 -28.85 7.37
CA VAL B 277 -11.97 -28.81 6.64
C VAL B 277 -11.15 -27.65 7.21
N ASN B 278 -9.84 -27.63 6.86
CA ASN B 278 -9.01 -26.51 7.24
C ASN B 278 -9.57 -25.27 6.56
N THR B 279 -9.51 -24.16 7.31
CA THR B 279 -9.96 -22.94 6.74
C THR B 279 -9.09 -22.60 5.48
N PRO B 280 -9.71 -22.18 4.38
CA PRO B 280 -9.02 -22.15 3.06
C PRO B 280 -8.13 -20.91 2.78
N TYR B 281 -7.18 -20.74 3.70
CA TYR B 281 -6.09 -19.76 3.50
C TYR B 281 -4.94 -20.55 2.85
N GLY B 282 -4.43 -19.99 1.77
CA GLY B 282 -3.43 -20.62 0.99
C GLY B 282 -3.89 -21.67 -0.01
N ILE B 283 -2.90 -22.21 -0.66
CA ILE B 283 -3.15 -23.04 -1.82
C ILE B 283 -3.62 -24.43 -1.37
N LYS B 284 -2.84 -25.14 -0.58
CA LYS B 284 -3.22 -26.48 -0.14
C LYS B 284 -4.58 -26.51 0.53
N ASN B 285 -4.80 -25.61 1.42
CA ASN B 285 -6.10 -25.61 2.15
C ASN B 285 -7.24 -25.36 1.18
N THR B 286 -7.06 -24.53 0.15
CA THR B 286 -8.07 -24.33 -0.85
C THR B 286 -8.24 -25.61 -1.67
N ASP B 287 -7.19 -26.26 -2.11
CA ASP B 287 -7.24 -27.49 -2.87
C ASP B 287 -8.09 -28.53 -2.08
N ASP B 288 -7.78 -28.68 -0.78
CA ASP B 288 -8.43 -29.69 0.04
C ASP B 288 -9.93 -29.38 0.29
N MET B 289 -10.26 -28.09 0.35
CA MET B 289 -11.68 -27.69 0.43
C MET B 289 -12.42 -28.09 -0.88
N LEU B 290 -11.86 -27.80 -2.04
CA LEU B 290 -12.44 -28.16 -3.30
C LEU B 290 -12.53 -29.69 -3.45
N ARG B 291 -11.53 -30.44 -3.02
CA ARG B 291 -11.58 -31.89 -3.06
C ARG B 291 -12.77 -32.40 -2.19
N LYS B 292 -12.97 -31.81 -1.00
CA LYS B 292 -14.05 -32.28 -0.14
C LYS B 292 -15.40 -31.91 -0.83
N ILE B 293 -15.56 -30.76 -1.44
CA ILE B 293 -16.79 -30.38 -2.13
C ILE B 293 -17.07 -31.40 -3.25
N ALA B 294 -16.05 -31.74 -4.03
CA ALA B 294 -16.22 -32.67 -5.12
C ALA B 294 -16.63 -34.07 -4.53
N GLU B 295 -16.06 -34.49 -3.42
CA GLU B 295 -16.39 -35.79 -2.81
C GLU B 295 -17.81 -35.82 -2.35
N VAL B 296 -18.28 -34.81 -1.69
CA VAL B 296 -19.61 -34.81 -1.11
C VAL B 296 -20.69 -34.65 -2.17
N THR B 297 -20.46 -33.89 -3.24
CA THR B 297 -21.44 -33.52 -4.21
C THR B 297 -21.40 -34.42 -5.43
N GLY B 298 -20.26 -35.08 -5.65
CA GLY B 298 -20.06 -35.79 -6.89
C GLY B 298 -19.79 -34.91 -8.14
N LYS B 299 -19.61 -33.62 -7.94
CA LYS B 299 -19.30 -32.65 -8.99
C LYS B 299 -17.73 -32.55 -9.20
N GLU B 300 -17.31 -32.48 -10.43
CA GLU B 300 -15.87 -32.30 -10.76
C GLU B 300 -15.41 -30.88 -10.46
N ILE B 301 -14.12 -30.73 -10.12
CA ILE B 301 -13.57 -29.36 -10.00
C ILE B 301 -13.37 -28.84 -11.46
N PRO B 302 -13.79 -27.66 -11.82
CA PRO B 302 -13.70 -27.17 -13.14
C PRO B 302 -12.30 -26.59 -13.48
N GLU B 303 -12.05 -26.56 -14.81
CA GLU B 303 -10.80 -26.00 -15.40
C GLU B 303 -10.64 -24.56 -14.93
N SER B 304 -11.71 -23.75 -14.84
CA SER B 304 -11.58 -22.38 -14.42
C SER B 304 -10.83 -22.27 -13.07
N LEU B 305 -11.07 -23.17 -12.13
CA LEU B 305 -10.37 -23.12 -10.84
C LEU B 305 -8.93 -23.58 -10.92
N VAL B 306 -8.62 -24.53 -11.80
CA VAL B 306 -7.26 -24.89 -12.06
C VAL B 306 -6.51 -23.67 -12.59
N ARG B 307 -7.15 -22.93 -13.46
CA ARG B 307 -6.54 -21.67 -14.01
C ARG B 307 -6.34 -20.60 -12.92
N GLU B 308 -7.39 -20.34 -12.12
CA GLU B 308 -7.26 -19.34 -11.06
C GLU B 308 -6.15 -19.73 -10.10
N ARG B 309 -6.05 -21.00 -9.75
CA ARG B 309 -4.97 -21.56 -8.97
C ARG B 309 -3.61 -21.24 -9.60
N GLY B 310 -3.55 -21.54 -10.89
CA GLY B 310 -2.31 -21.33 -11.63
C GLY B 310 -1.91 -19.88 -11.70
N ILE B 311 -2.85 -18.95 -11.85
CA ILE B 311 -2.58 -17.51 -11.84
C ILE B 311 -2.04 -17.09 -10.48
N ALA B 312 -2.64 -17.59 -9.41
CA ALA B 312 -2.15 -17.29 -8.05
C ALA B 312 -0.72 -17.78 -7.84
N LEU B 313 -0.44 -19.04 -8.26
CA LEU B 313 0.89 -19.61 -8.07
C LEU B 313 1.90 -18.76 -8.90
N ASP B 314 1.53 -18.36 -10.13
CA ASP B 314 2.44 -17.58 -10.96
C ASP B 314 2.80 -16.31 -10.25
N ALA B 315 1.80 -15.62 -9.67
CA ALA B 315 2.03 -14.37 -8.97
C ALA B 315 2.89 -14.57 -7.72
N LEU B 316 2.62 -15.58 -6.93
CA LEU B 316 3.39 -15.81 -5.76
C LEU B 316 4.82 -16.23 -6.03
N ALA B 317 5.03 -16.91 -7.17
CA ALA B 317 6.35 -17.29 -7.51
C ALA B 317 7.24 -16.10 -7.84
N ASP B 318 6.68 -15.04 -8.32
CA ASP B 318 7.47 -13.79 -8.56
C ASP B 318 7.95 -13.12 -7.26
N LEU B 319 7.45 -13.60 -6.11
CA LEU B 319 7.73 -13.01 -4.81
C LEU B 319 8.48 -13.89 -3.78
N ALA B 320 8.21 -15.21 -3.78
CA ALA B 320 8.61 -16.03 -2.70
C ALA B 320 10.09 -16.11 -2.40
N HIS B 321 10.92 -16.56 -3.34
CA HIS B 321 12.32 -16.68 -3.07
C HIS B 321 13.04 -15.33 -3.14
N MET B 322 12.51 -14.39 -3.90
CA MET B 322 13.13 -13.10 -3.99
C MET B 322 12.94 -12.24 -2.71
N PHE B 323 11.67 -12.07 -2.28
CA PHE B 323 11.37 -11.17 -1.24
C PHE B 323 10.93 -11.78 0.10
N PHE B 324 10.42 -13.01 0.06
CA PHE B 324 9.80 -13.56 1.27
C PHE B 324 10.69 -14.50 2.03
N ALA B 325 11.58 -15.21 1.30
CA ALA B 325 12.35 -16.27 1.97
C ALA B 325 13.10 -15.78 3.19
N ASN B 326 12.98 -16.58 4.26
CA ASN B 326 13.66 -16.28 5.50
C ASN B 326 13.15 -15.09 6.27
N LYS B 327 12.10 -14.43 5.81
CA LYS B 327 11.57 -13.30 6.54
C LYS B 327 10.63 -13.78 7.68
N LYS B 328 10.82 -13.19 8.84
CA LYS B 328 10.12 -13.58 10.05
C LYS B 328 8.83 -12.78 10.26
N VAL B 329 7.77 -13.54 10.51
CA VAL B 329 6.41 -12.98 10.56
C VAL B 329 5.78 -13.32 11.92
N ALA B 330 5.04 -12.32 12.48
CA ALA B 330 4.12 -12.58 13.59
C ALA B 330 2.71 -12.38 13.03
N ILE B 331 1.80 -13.27 13.51
CA ILE B 331 0.40 -13.23 13.04
C ILE B 331 -0.52 -13.26 14.25
N PHE B 332 -1.54 -12.39 14.20
CA PHE B 332 -2.53 -12.42 15.23
C PHE B 332 -3.93 -12.20 14.62
N GLY B 333 -4.93 -12.74 15.37
CA GLY B 333 -6.31 -12.72 14.88
C GLY B 333 -7.06 -13.94 15.41
N HIS B 334 -8.17 -14.16 14.74
CA HIS B 334 -9.02 -15.29 15.08
C HIS B 334 -8.24 -16.58 14.91
N PRO B 335 -8.52 -17.63 15.70
CA PRO B 335 -7.68 -18.83 15.59
C PRO B 335 -7.70 -19.53 14.26
N ASP B 336 -8.83 -19.59 13.56
CA ASP B 336 -8.82 -20.21 12.28
C ASP B 336 -7.98 -19.45 11.26
N LEU B 337 -8.02 -18.15 11.35
CA LEU B 337 -7.24 -17.25 10.49
C LEU B 337 -5.72 -17.36 10.84
N VAL B 338 -5.35 -17.40 12.12
CA VAL B 338 -3.96 -17.47 12.48
C VAL B 338 -3.34 -18.75 12.01
N LEU B 339 -4.00 -19.88 12.24
CA LEU B 339 -3.47 -21.10 11.82
C LEU B 339 -3.45 -21.27 10.31
N GLY B 340 -4.46 -20.81 9.65
CA GLY B 340 -4.50 -20.88 8.20
C GLY B 340 -3.46 -19.98 7.57
N LEU B 341 -3.30 -18.76 8.04
CA LEU B 341 -2.32 -17.87 7.46
C LEU B 341 -0.92 -18.38 7.75
N ALA B 342 -0.66 -19.03 8.87
CA ALA B 342 0.66 -19.58 9.13
C ALA B 342 0.97 -20.64 8.03
N GLN B 343 0.01 -21.46 7.65
CA GLN B 343 0.21 -22.44 6.62
C GLN B 343 0.49 -21.72 5.27
N PHE B 344 -0.29 -20.77 4.91
CA PHE B 344 -0.07 -19.95 3.67
C PHE B 344 1.35 -19.33 3.70
N CYS B 345 1.73 -18.77 4.80
CA CYS B 345 3.08 -18.15 4.87
C CYS B 345 4.15 -19.16 4.54
N MET B 346 4.08 -20.38 5.01
CA MET B 346 5.10 -21.33 4.70
C MET B 346 5.08 -21.79 3.28
N GLU B 347 3.97 -21.75 2.56
CA GLU B 347 3.94 -22.04 1.15
C GLU B 347 4.74 -21.05 0.32
N VAL B 348 4.86 -19.85 0.82
CA VAL B 348 5.53 -18.79 0.09
C VAL B 348 6.89 -18.44 0.71
N GLU B 349 7.43 -19.31 1.55
CA GLU B 349 8.75 -19.21 2.14
C GLU B 349 8.87 -18.22 3.28
N LEU B 350 7.76 -17.59 3.71
CA LEU B 350 7.80 -16.83 4.97
C LEU B 350 7.92 -17.73 6.13
N GLU B 351 8.39 -17.17 7.23
CA GLU B 351 8.62 -17.90 8.46
C GLU B 351 7.76 -17.34 9.60
N PRO B 352 6.58 -17.93 9.86
CA PRO B 352 5.69 -17.47 10.92
C PRO B 352 6.19 -17.95 12.30
N VAL B 353 7.02 -17.16 12.93
CA VAL B 353 7.66 -17.53 14.12
C VAL B 353 6.87 -17.28 15.42
N LEU B 354 5.86 -16.38 15.29
CA LEU B 354 5.08 -16.01 16.46
C LEU B 354 3.65 -15.90 16.04
N LEU B 355 2.81 -16.75 16.64
CA LEU B 355 1.37 -16.81 16.39
C LEU B 355 0.67 -16.47 17.73
N LEU B 356 -0.24 -15.50 17.67
CA LEU B 356 -0.94 -15.07 18.83
C LEU B 356 -2.44 -15.25 18.66
N ILE B 357 -3.03 -15.99 19.61
CA ILE B 357 -4.46 -16.29 19.64
C ILE B 357 -4.96 -15.77 20.99
N GLY B 358 -6.11 -15.05 20.93
CA GLY B 358 -6.46 -14.14 22.00
C GLY B 358 -7.48 -14.50 23.02
N ASP B 359 -7.73 -15.77 23.29
CA ASP B 359 -8.76 -16.14 24.28
C ASP B 359 -8.39 -17.40 25.05
N ASP B 360 -9.29 -17.71 25.97
CA ASP B 360 -9.13 -18.75 26.95
C ASP B 360 -9.45 -20.17 26.49
N GLN B 361 -9.42 -20.42 25.18
CA GLN B 361 -9.80 -21.67 24.59
C GLN B 361 -8.63 -22.61 24.37
N GLY B 362 -7.53 -22.43 25.07
CA GLY B 362 -6.34 -23.20 24.83
C GLY B 362 -6.49 -24.70 24.92
N ASN B 363 -7.43 -25.18 25.70
CA ASN B 363 -7.63 -26.61 25.80
C ASN B 363 -8.08 -27.17 24.43
N LYS B 364 -8.79 -26.36 23.64
CA LYS B 364 -9.13 -26.71 22.31
C LYS B 364 -8.02 -26.53 21.34
N TYR B 365 -7.31 -25.40 21.43
CA TYR B 365 -6.23 -25.16 20.48
C TYR B 365 -5.16 -26.19 20.51
N LYS B 366 -4.90 -26.73 21.69
CA LYS B 366 -3.83 -27.75 21.80
C LYS B 366 -4.13 -28.98 21.00
N LYS B 367 -5.40 -29.27 20.75
CA LYS B 367 -5.87 -30.44 20.01
C LYS B 367 -6.17 -30.11 18.53
N ASP B 368 -5.89 -28.89 18.07
CA ASP B 368 -6.17 -28.54 16.68
C ASP B 368 -5.18 -29.34 15.79
N PRO B 369 -5.68 -30.05 14.79
CA PRO B 369 -4.72 -30.84 13.92
C PRO B 369 -3.77 -29.96 13.15
N ARG B 370 -4.05 -28.64 12.98
CA ARG B 370 -3.15 -27.79 12.23
C ARG B 370 -1.88 -27.56 13.03
N ILE B 371 -1.93 -27.65 14.36
CA ILE B 371 -0.67 -27.50 15.14
C ILE B 371 0.28 -28.61 14.78
N GLU B 372 -0.20 -29.84 14.65
CA GLU B 372 0.70 -30.97 14.23
C GLU B 372 1.12 -30.72 12.82
N GLU B 373 0.28 -30.20 12.00
CA GLU B 373 0.69 -29.93 10.58
C GLU B 373 1.79 -28.88 10.51
N LEU B 374 1.73 -27.85 11.37
CA LEU B 374 2.84 -26.94 11.50
C LEU B 374 4.12 -27.61 12.07
N LYS B 375 4.00 -28.41 13.09
CA LYS B 375 5.10 -29.16 13.64
C LYS B 375 5.92 -29.99 12.61
N ASN B 376 5.07 -30.51 11.71
CA ASN B 376 5.73 -31.40 10.67
C ASN B 376 6.22 -30.66 9.39
N THR B 377 5.90 -29.34 9.27
CA THR B 377 6.44 -28.68 8.02
C THR B 377 7.43 -27.53 8.42
N ALA B 378 7.53 -27.16 9.69
CA ALA B 378 8.31 -25.98 10.05
C ALA B 378 9.77 -26.40 10.23
N HIS B 379 10.64 -25.57 9.75
CA HIS B 379 12.12 -25.74 10.05
C HIS B 379 12.69 -24.67 10.89
N PHE B 380 11.89 -24.05 11.65
CA PHE B 380 12.26 -22.92 12.51
C PHE B 380 11.31 -23.08 13.70
N ASP B 381 11.74 -22.60 14.86
CA ASP B 381 10.83 -22.68 15.97
C ASP B 381 9.62 -21.75 15.79
N ILE B 382 8.50 -22.18 16.30
CA ILE B 382 7.29 -21.35 16.32
C ILE B 382 6.81 -21.28 17.75
N GLU B 383 6.53 -20.08 18.20
CA GLU B 383 5.85 -19.87 19.48
C GLU B 383 4.40 -19.49 19.21
N ILE B 384 3.48 -20.25 19.83
CA ILE B 384 2.05 -19.96 19.72
C ILE B 384 1.64 -19.53 21.11
N VAL B 385 1.30 -18.26 21.27
CA VAL B 385 0.83 -17.76 22.54
C VAL B 385 -0.70 -17.74 22.50
N HIS B 386 -1.33 -18.50 23.41
CA HIS B 386 -2.77 -18.48 23.57
C HIS B 386 -3.15 -17.67 24.80
N ASN B 387 -4.39 -17.24 24.84
CA ASN B 387 -4.81 -16.27 25.80
C ASN B 387 -3.98 -14.99 25.64
N ALA B 388 -3.54 -14.69 24.45
CA ALA B 388 -2.63 -13.55 24.25
C ALA B 388 -3.37 -12.24 24.16
N ASP B 389 -2.73 -11.18 24.62
CA ASP B 389 -3.09 -9.81 24.26
C ASP B 389 -2.03 -9.24 23.33
N LEU B 390 -2.26 -8.02 22.84
CA LEU B 390 -1.31 -7.45 21.92
C LEU B 390 -0.10 -6.90 22.65
N TRP B 391 -0.17 -6.69 23.92
CA TRP B 391 1.04 -6.40 24.66
C TRP B 391 2.04 -7.50 24.55
N GLU B 392 1.59 -8.78 24.47
CA GLU B 392 2.49 -9.89 24.30
C GLU B 392 3.37 -9.74 23.05
N LEU B 393 2.84 -9.20 22.00
CA LEU B 393 3.61 -8.90 20.79
C LEU B 393 4.61 -7.77 21.05
N GLU B 394 4.12 -6.65 21.54
CA GLU B 394 4.93 -5.46 21.76
C GLU B 394 6.06 -5.78 22.74
N LYS B 395 5.79 -6.49 23.82
CA LYS B 395 6.80 -6.87 24.78
C LYS B 395 7.87 -7.74 24.14
N ARG B 396 7.53 -8.66 23.31
CA ARG B 396 8.51 -9.54 22.65
C ARG B 396 9.41 -8.74 21.71
N ILE B 397 8.83 -7.81 20.96
CA ILE B 397 9.62 -6.95 20.10
C ILE B 397 10.54 -6.10 20.98
N ASN B 398 10.08 -5.53 22.06
CA ASN B 398 10.91 -4.72 22.96
C ASN B 398 12.10 -5.51 23.50
N ALA B 399 11.90 -6.80 23.75
CA ALA B 399 12.91 -7.68 24.28
C ALA B 399 13.91 -8.17 23.19
N GLY B 400 13.66 -7.87 21.95
CA GLY B 400 14.63 -8.13 20.88
C GLY B 400 14.17 -9.08 19.79
N LEU B 401 12.91 -9.50 19.78
CA LEU B 401 12.44 -10.39 18.67
C LEU B 401 12.49 -9.57 17.38
N GLN B 402 13.15 -10.11 16.40
CA GLN B 402 13.36 -9.43 15.07
C GLN B 402 12.32 -9.99 14.08
N LEU B 403 11.43 -9.12 13.71
CA LEU B 403 10.37 -9.39 12.78
C LEU B 403 10.52 -8.57 11.55
N ASP B 404 10.18 -9.18 10.42
CA ASP B 404 10.10 -8.51 9.17
C ASP B 404 8.72 -8.10 8.74
N LEU B 405 7.69 -8.69 9.35
CA LEU B 405 6.30 -8.43 8.94
C LEU B 405 5.39 -8.83 10.08
N ILE B 406 4.36 -8.05 10.23
CA ILE B 406 3.23 -8.39 11.13
C ILE B 406 1.97 -8.56 10.26
N MET B 407 1.20 -9.58 10.54
CA MET B 407 -0.11 -9.73 9.92
C MET B 407 -1.14 -9.74 11.04
N GLY B 408 -2.08 -8.81 10.97
CA GLY B 408 -3.15 -8.73 11.99
C GLY B 408 -4.12 -7.63 11.74
N HIS B 409 -5.05 -7.47 12.70
CA HIS B 409 -6.02 -6.43 12.57
C HIS B 409 -5.55 -5.06 13.02
N SER B 410 -6.41 -4.06 12.68
CA SER B 410 -5.99 -2.69 12.88
C SER B 410 -5.77 -2.26 14.31
N LYS B 411 -6.33 -2.95 15.31
CA LYS B 411 -6.04 -2.49 16.67
C LYS B 411 -4.59 -2.80 17.09
N GLY B 412 -3.84 -3.52 16.28
CA GLY B 412 -2.44 -3.65 16.53
C GLY B 412 -1.55 -2.63 15.80
N ARG B 413 -2.13 -1.64 15.13
CA ARG B 413 -1.38 -0.78 14.27
C ARG B 413 -0.22 -0.07 14.93
N TYR B 414 -0.44 0.44 16.14
CA TYR B 414 0.62 1.23 16.74
C TYR B 414 1.85 0.36 17.09
N VAL B 415 1.66 -0.93 17.34
CA VAL B 415 2.78 -1.73 17.59
C VAL B 415 3.70 -1.76 16.39
N ALA B 416 3.14 -1.97 15.19
CA ALA B 416 3.93 -2.04 13.95
C ALA B 416 4.49 -0.64 13.65
N ILE B 417 3.71 0.40 13.80
CA ILE B 417 4.14 1.74 13.45
C ILE B 417 5.35 2.10 14.29
N GLU B 418 5.28 1.93 15.59
N GLU B 418 5.27 1.94 15.60
CA GLU B 418 6.37 2.36 16.47
CA GLU B 418 6.36 2.35 16.50
C GLU B 418 7.62 1.50 16.32
C GLU B 418 7.62 1.50 16.32
N ALA B 419 7.47 0.25 15.96
CA ALA B 419 8.60 -0.65 15.78
C ALA B 419 9.11 -0.58 14.38
N ASN B 420 8.49 0.23 13.52
CA ASN B 420 8.89 0.34 12.10
C ASN B 420 8.96 -1.02 11.41
N ILE B 421 7.88 -1.77 11.56
CA ILE B 421 7.75 -3.06 10.95
C ILE B 421 6.57 -2.96 9.95
N PRO B 422 6.68 -3.42 8.70
CA PRO B 422 5.52 -3.37 7.82
C PRO B 422 4.42 -4.33 8.32
N MET B 423 3.19 -3.92 8.09
CA MET B 423 2.10 -4.70 8.60
C MET B 423 1.01 -4.83 7.52
N VAL B 424 0.53 -6.05 7.33
CA VAL B 424 -0.61 -6.33 6.46
C VAL B 424 -1.86 -6.50 7.38
N ARG B 425 -2.92 -5.79 6.99
CA ARG B 425 -4.15 -5.84 7.70
C ARG B 425 -4.99 -7.01 7.25
N VAL B 426 -5.26 -7.91 8.19
CA VAL B 426 -6.06 -9.14 7.95
C VAL B 426 -7.00 -9.31 9.14
N GLY B 427 -8.09 -10.01 8.85
CA GLY B 427 -9.05 -10.30 9.92
C GLY B 427 -9.93 -9.13 10.26
N PHE B 428 -10.30 -9.05 11.54
CA PHE B 428 -11.30 -8.07 11.95
C PHE B 428 -10.87 -7.39 13.26
N PRO B 429 -10.97 -6.07 13.36
CA PRO B 429 -11.43 -5.11 12.37
C PRO B 429 -10.23 -4.51 11.58
N THR B 430 -10.47 -4.20 10.31
CA THR B 430 -9.44 -3.54 9.52
C THR B 430 -9.82 -2.12 9.04
N PHE B 431 -9.92 -1.27 9.99
CA PHE B 431 -10.41 0.05 9.84
C PHE B 431 -9.46 1.12 9.36
N ASP B 432 -8.16 0.81 9.44
CA ASP B 432 -7.18 1.83 9.08
C ASP B 432 -6.62 1.74 7.69
N ARG B 433 -7.25 0.97 6.83
CA ARG B 433 -7.06 0.96 5.41
C ARG B 433 -8.39 0.89 4.72
N ALA B 434 -8.41 1.27 3.44
CA ALA B 434 -9.59 1.40 2.69
C ALA B 434 -9.85 0.17 1.82
N GLY B 435 -11.08 -0.33 1.88
CA GLY B 435 -11.56 -1.34 0.95
C GLY B 435 -11.25 -2.80 1.27
N LEU B 436 -10.63 -3.10 2.40
CA LEU B 436 -10.20 -4.47 2.65
C LEU B 436 -11.30 -5.46 2.74
N TYR B 437 -12.44 -5.04 3.22
CA TYR B 437 -13.59 -5.92 3.34
C TYR B 437 -14.08 -6.43 2.01
N ARG B 438 -13.68 -5.81 0.93
CA ARG B 438 -14.08 -6.20 -0.39
C ARG B 438 -13.09 -7.17 -1.05
N LYS B 439 -11.90 -7.36 -0.48
CA LYS B 439 -10.84 -8.13 -1.11
C LYS B 439 -10.90 -9.53 -0.46
N PRO B 440 -10.89 -10.61 -1.22
CA PRO B 440 -10.81 -11.89 -0.62
C PRO B 440 -9.42 -12.17 0.01
N SER B 441 -9.40 -12.91 1.09
CA SER B 441 -8.22 -13.47 1.69
C SER B 441 -8.14 -14.97 1.56
N ILE B 442 -9.29 -15.63 1.44
CA ILE B 442 -9.32 -17.09 1.25
C ILE B 442 -9.28 -17.43 -0.24
N GLY B 443 -9.11 -18.72 -0.49
CA GLY B 443 -9.08 -19.17 -1.86
C GLY B 443 -7.79 -18.87 -2.64
N TYR B 444 -7.84 -19.17 -3.92
CA TYR B 444 -6.66 -18.88 -4.78
C TYR B 444 -6.52 -17.41 -5.02
N GLN B 445 -7.59 -16.71 -5.42
CA GLN B 445 -7.50 -15.26 -5.57
C GLN B 445 -7.10 -14.59 -4.29
N GLY B 446 -7.59 -15.09 -3.18
CA GLY B 446 -7.25 -14.51 -1.89
C GLY B 446 -5.79 -14.71 -1.54
N ALA B 447 -5.24 -15.89 -1.80
CA ALA B 447 -3.80 -16.12 -1.53
C ALA B 447 -2.94 -15.16 -2.39
N MET B 448 -3.34 -14.95 -3.61
CA MET B 448 -2.68 -14.01 -4.53
C MET B 448 -2.75 -12.61 -3.92
N GLU B 449 -3.93 -12.18 -3.55
CA GLU B 449 -4.12 -10.84 -3.03
C GLU B 449 -3.33 -10.68 -1.75
N LEU B 450 -3.32 -11.65 -0.86
CA LEU B 450 -2.56 -11.55 0.40
C LEU B 450 -1.05 -11.44 0.11
N GLY B 451 -0.57 -12.27 -0.78
CA GLY B 451 0.83 -12.25 -1.13
C GLY B 451 1.24 -10.89 -1.76
N GLU B 452 0.41 -10.35 -2.62
CA GLU B 452 0.72 -9.06 -3.22
C GLU B 452 0.63 -7.96 -2.17
N MET B 453 -0.32 -7.98 -1.21
CA MET B 453 -0.32 -6.99 -0.16
C MET B 453 0.94 -7.05 0.64
N ILE B 454 1.42 -8.25 1.00
CA ILE B 454 2.66 -8.41 1.73
C ILE B 454 3.83 -7.80 0.94
N ALA B 455 3.93 -8.15 -0.33
CA ALA B 455 5.05 -7.61 -1.11
C ALA B 455 4.92 -6.10 -1.14
N ASN B 456 3.73 -5.57 -1.43
CA ASN B 456 3.60 -4.14 -1.56
C ASN B 456 3.90 -3.38 -0.29
N ALA B 457 3.55 -3.96 0.85
CA ALA B 457 3.90 -3.38 2.13
C ALA B 457 5.42 -3.38 2.33
N MET B 458 6.07 -4.47 1.95
CA MET B 458 7.54 -4.55 2.04
C MET B 458 8.22 -3.54 1.08
N PHE B 459 7.64 -3.42 -0.10
CA PHE B 459 8.24 -2.54 -1.08
C PHE B 459 8.17 -1.07 -0.58
N ALA B 460 7.00 -0.65 -0.10
CA ALA B 460 6.88 0.67 0.39
C ALA B 460 7.86 0.88 1.58
N HIS B 461 8.03 -0.13 2.45
CA HIS B 461 8.92 -0.02 3.58
C HIS B 461 10.38 0.12 3.11
N MET B 462 10.74 -0.58 2.05
CA MET B 462 12.13 -0.41 1.54
C MET B 462 12.33 0.99 1.04
N GLU B 463 11.32 1.58 0.41
CA GLU B 463 11.46 2.97 -0.03
C GLU B 463 11.56 3.94 1.06
N TYR B 464 10.67 3.83 2.05
CA TYR B 464 10.66 4.80 3.13
C TYR B 464 11.94 4.70 3.99
N THR B 465 12.49 3.50 4.14
CA THR B 465 13.68 3.26 4.94
C THR B 465 14.97 3.31 4.14
N ARG B 466 14.86 3.47 2.82
CA ARG B 466 16.01 3.43 1.92
C ARG B 466 16.82 2.14 2.10
N ASN B 467 16.16 1.00 2.03
CA ASN B 467 16.76 -0.26 2.20
C ASN B 467 16.75 -0.98 0.87
N LYS B 468 17.81 -0.77 0.11
CA LYS B 468 17.92 -1.37 -1.21
C LYS B 468 16.73 -1.08 -2.13
N GLU B 469 16.28 0.16 -2.05
CA GLU B 469 15.10 0.56 -2.78
C GLU B 469 15.23 0.43 -4.33
N TRP B 470 16.48 0.51 -4.71
CA TRP B 470 16.89 0.35 -6.13
C TRP B 470 16.61 -1.01 -6.71
N ILE B 471 16.32 -2.01 -5.84
CA ILE B 471 16.12 -3.39 -6.26
C ILE B 471 14.76 -3.66 -6.89
N LEU B 472 13.85 -2.71 -6.83
CA LEU B 472 12.45 -2.95 -7.26
C LEU B 472 12.23 -2.74 -8.75
N ASN B 473 13.26 -2.92 -9.55
CA ASN B 473 13.25 -2.64 -11.00
C ASN B 473 13.08 -3.88 -11.89
N THR B 474 13.82 -4.95 -11.62
CA THR B 474 13.93 -6.09 -12.52
C THR B 474 13.74 -7.42 -11.81
N TRP B 475 12.86 -7.41 -10.82
CA TRP B 475 12.40 -8.56 -10.11
C TRP B 475 11.38 -9.25 -10.93
N SER C 2 57.12 -40.57 -16.08
CA SER C 2 56.92 -39.09 -16.25
C SER C 2 55.57 -38.63 -16.98
N GLN C 3 55.00 -39.49 -17.86
CA GLN C 3 53.76 -39.13 -18.63
C GLN C 3 52.53 -38.89 -17.76
N SER C 4 52.35 -39.72 -16.81
CA SER C 4 51.19 -39.62 -15.92
C SER C 4 51.39 -38.37 -15.10
N HIS C 5 52.62 -38.08 -14.62
CA HIS C 5 52.87 -36.89 -13.84
C HIS C 5 52.58 -35.61 -14.68
N LEU C 6 52.99 -35.62 -15.89
CA LEU C 6 52.77 -34.48 -16.75
C LEU C 6 51.26 -34.34 -16.99
N ASP C 7 50.59 -35.48 -17.20
CA ASP C 7 49.15 -35.43 -17.40
C ASP C 7 48.44 -34.80 -16.18
N ASP C 8 48.87 -35.10 -14.99
CA ASP C 8 48.39 -34.50 -13.74
C ASP C 8 48.54 -33.01 -13.72
N LEU C 9 49.74 -32.53 -14.06
CA LEU C 9 50.05 -31.05 -14.06
C LEU C 9 49.13 -30.41 -15.11
N PHE C 10 49.05 -31.01 -16.30
CA PHE C 10 48.34 -30.35 -17.37
C PHE C 10 46.83 -30.25 -16.97
N ALA C 11 46.29 -31.32 -16.41
CA ALA C 11 44.85 -31.31 -16.03
C ALA C 11 44.58 -30.25 -14.96
N TYR C 12 45.51 -30.06 -14.04
CA TYR C 12 45.45 -29.03 -13.01
C TYR C 12 45.40 -27.63 -13.60
N VAL C 13 46.36 -27.34 -14.48
CA VAL C 13 46.46 -25.98 -15.07
C VAL C 13 45.20 -25.71 -15.89
N GLU C 14 44.73 -26.68 -16.66
CA GLU C 14 43.58 -26.46 -17.56
C GLU C 14 42.38 -26.11 -16.67
N GLU C 15 42.13 -26.87 -15.58
CA GLU C 15 40.90 -26.62 -14.83
C GLU C 15 40.94 -25.48 -13.86
N ARG C 16 42.13 -25.01 -13.49
CA ARG C 16 42.30 -24.01 -12.47
C ARG C 16 42.81 -22.67 -12.96
N CYS C 17 43.82 -22.66 -13.88
CA CYS C 17 44.53 -21.43 -14.08
C CYS C 17 43.91 -20.60 -15.23
N LEU C 18 44.18 -19.32 -15.17
CA LEU C 18 43.70 -18.32 -16.16
C LEU C 18 44.82 -17.63 -16.99
N TRP C 19 46.04 -17.73 -16.47
CA TRP C 19 47.14 -17.00 -17.12
C TRP C 19 47.51 -17.54 -18.47
N GLN C 20 47.19 -18.79 -18.76
CA GLN C 20 47.45 -19.34 -20.06
C GLN C 20 46.43 -18.91 -21.12
N PHE C 21 45.35 -18.19 -20.70
CA PHE C 21 44.26 -17.79 -21.56
C PHE C 21 44.15 -16.27 -21.75
N PHE C 22 45.28 -15.54 -21.62
CA PHE C 22 45.36 -14.14 -21.89
C PHE C 22 44.99 -13.85 -23.39
N SER C 23 44.88 -12.58 -23.68
CA SER C 23 44.18 -12.17 -24.88
C SER C 23 44.91 -12.39 -26.24
N ARG C 24 46.22 -12.46 -26.16
CA ARG C 24 47.08 -12.52 -27.37
C ARG C 24 48.11 -13.60 -27.14
N THR C 25 48.62 -14.09 -28.30
CA THR C 25 49.69 -15.06 -28.33
C THR C 25 50.92 -14.69 -27.52
N TRP C 26 51.37 -13.45 -27.68
CA TRP C 26 52.60 -12.99 -27.02
C TRP C 26 52.47 -12.94 -25.50
N ASP C 27 51.22 -12.65 -25.04
CA ASP C 27 50.95 -12.65 -23.57
C ASP C 27 50.88 -14.09 -23.03
N ARG C 28 50.21 -14.98 -23.79
CA ARG C 28 50.18 -16.42 -23.38
C ARG C 28 51.58 -16.99 -23.27
N GLU C 29 52.45 -16.65 -24.30
CA GLU C 29 53.82 -17.16 -24.32
C GLU C 29 54.57 -16.63 -23.08
N GLU C 30 54.44 -15.34 -22.83
CA GLU C 30 55.14 -14.75 -21.69
C GLU C 30 54.72 -15.36 -20.37
N ASN C 31 53.42 -15.66 -20.25
CA ASN C 31 52.92 -16.13 -19.00
C ASN C 31 53.25 -17.64 -18.76
N ILE C 32 53.15 -18.41 -19.81
CA ILE C 32 53.50 -19.81 -19.72
C ILE C 32 55.00 -19.97 -19.23
N GLU C 33 55.87 -19.22 -19.89
CA GLU C 33 57.26 -19.25 -19.49
C GLU C 33 57.46 -18.69 -18.10
N GLY C 34 56.95 -17.53 -17.80
CA GLY C 34 57.19 -16.80 -16.54
C GLY C 34 56.66 -17.54 -15.34
N VAL C 35 55.45 -18.00 -15.45
CA VAL C 35 54.85 -18.65 -14.29
C VAL C 35 55.51 -19.99 -14.08
N LEU C 36 55.67 -20.78 -15.14
CA LEU C 36 56.21 -22.11 -14.94
C LEU C 36 57.68 -22.12 -14.49
N ASN C 37 58.43 -21.09 -14.92
CA ASN C 37 59.84 -20.97 -14.36
C ASN C 37 59.82 -20.75 -12.86
N GLN C 38 58.87 -19.93 -12.36
CA GLN C 38 58.80 -19.72 -10.92
C GLN C 38 58.25 -20.97 -10.18
N VAL C 39 57.31 -21.71 -10.81
CA VAL C 39 56.84 -22.93 -10.25
C VAL C 39 58.00 -23.89 -10.02
N GLY C 40 58.90 -23.99 -11.00
CA GLY C 40 60.05 -24.88 -10.91
C GLY C 40 60.95 -24.51 -9.76
N ARG C 41 61.17 -23.23 -9.58
CA ARG C 41 61.93 -22.73 -8.45
C ARG C 41 61.30 -23.11 -7.14
N LEU C 42 60.00 -22.88 -7.05
CA LEU C 42 59.36 -23.11 -5.77
C LEU C 42 59.30 -24.60 -5.42
N LEU C 43 59.06 -25.44 -6.43
CA LEU C 43 59.00 -26.88 -6.23
C LEU C 43 60.35 -27.54 -5.93
N THR C 44 61.41 -26.81 -6.14
CA THR C 44 62.72 -27.38 -5.91
C THR C 44 63.52 -26.59 -4.89
N GLY C 45 62.85 -25.76 -4.10
CA GLY C 45 63.47 -25.08 -2.97
C GLY C 45 64.35 -23.93 -3.31
N GLN C 46 64.25 -23.38 -4.54
CA GLN C 46 65.10 -22.28 -4.96
C GLN C 46 64.42 -20.99 -4.59
N GLU C 47 65.19 -19.94 -4.44
CA GLU C 47 64.65 -18.59 -4.16
C GLU C 47 63.86 -18.09 -5.38
N PRO C 48 62.64 -17.64 -5.20
CA PRO C 48 61.90 -17.14 -6.38
C PRO C 48 62.45 -15.79 -6.82
N LEU C 49 62.22 -15.40 -8.10
CA LEU C 49 62.60 -14.08 -8.54
C LEU C 49 61.52 -13.12 -8.14
N ARG C 50 61.92 -12.01 -7.48
CA ARG C 50 60.92 -11.03 -6.95
C ARG C 50 61.43 -9.61 -7.14
N GLY C 51 62.19 -9.39 -8.24
CA GLY C 51 62.94 -8.11 -8.51
C GLY C 51 61.88 -7.13 -9.06
N THR C 52 61.44 -7.49 -10.23
CA THR C 52 60.61 -6.54 -11.00
C THR C 52 59.10 -6.79 -10.70
N PRO C 53 58.28 -5.81 -11.04
CA PRO C 53 56.79 -6.08 -10.86
C PRO C 53 56.32 -7.30 -11.62
N GLN C 54 56.73 -7.51 -12.87
CA GLN C 54 56.28 -8.71 -13.56
C GLN C 54 56.76 -10.01 -12.93
N GLU C 55 58.02 -10.04 -12.45
CA GLU C 55 58.53 -11.24 -11.75
C GLU C 55 57.71 -11.52 -10.47
N ARG C 56 57.36 -10.44 -9.76
CA ARG C 56 56.54 -10.56 -8.57
C ARG C 56 55.18 -11.14 -8.90
N LEU C 57 54.61 -10.70 -10.02
CA LEU C 57 53.31 -11.31 -10.41
C LEU C 57 53.46 -12.75 -10.81
N PHE C 58 54.52 -13.07 -11.56
CA PHE C 58 54.70 -14.49 -11.87
C PHE C 58 54.88 -15.35 -10.64
N TYR C 59 55.56 -14.78 -9.63
CA TYR C 59 55.72 -15.51 -8.35
C TYR C 59 54.32 -15.77 -7.72
N ALA C 60 53.49 -14.74 -7.72
CA ALA C 60 52.16 -14.89 -7.07
C ALA C 60 51.36 -15.95 -7.73
N ASP C 61 51.32 -15.97 -9.08
CA ASP C 61 50.64 -17.05 -9.80
C ASP C 61 51.27 -18.39 -9.56
N ALA C 62 52.61 -18.43 -9.53
CA ALA C 62 53.26 -19.70 -9.36
C ALA C 62 53.13 -20.27 -7.95
N LEU C 63 53.04 -19.43 -6.96
CA LEU C 63 52.91 -19.89 -5.57
C LEU C 63 51.60 -20.66 -5.41
N ALA C 64 50.51 -20.18 -6.04
CA ALA C 64 49.21 -20.92 -5.97
C ALA C 64 49.34 -22.24 -6.58
N MET C 65 50.02 -22.29 -7.74
CA MET C 65 50.13 -23.59 -8.38
C MET C 65 51.05 -24.54 -7.61
N ALA C 66 52.20 -24.06 -7.19
CA ALA C 66 53.15 -24.93 -6.43
C ALA C 66 52.53 -25.48 -5.20
N ASN C 67 51.85 -24.62 -4.45
CA ASN C 67 51.18 -25.11 -3.25
C ASN C 67 50.10 -26.17 -3.59
N ASP C 68 49.30 -25.92 -4.63
CA ASP C 68 48.26 -26.85 -5.04
C ASP C 68 48.85 -28.16 -5.49
N VAL C 69 49.90 -28.08 -6.29
CA VAL C 69 50.53 -29.32 -6.82
C VAL C 69 51.05 -30.18 -5.62
N ARG C 70 51.67 -29.55 -4.63
CA ARG C 70 52.25 -30.29 -3.47
C ARG C 70 51.09 -30.93 -2.69
N GLU C 71 49.96 -30.22 -2.55
CA GLU C 71 48.79 -30.79 -1.85
C GLU C 71 48.10 -31.94 -2.61
N ARG C 72 47.94 -31.77 -3.90
CA ARG C 72 47.19 -32.70 -4.68
C ARG C 72 47.95 -33.99 -5.04
N PHE C 73 49.25 -33.86 -5.27
CA PHE C 73 50.05 -34.93 -5.93
C PHE C 73 51.20 -35.37 -5.05
N PRO C 74 51.06 -36.53 -4.42
CA PRO C 74 52.21 -37.02 -3.58
C PRO C 74 53.54 -37.18 -4.31
N TRP C 75 53.46 -37.57 -5.58
CA TRP C 75 54.70 -37.62 -6.38
C TRP C 75 55.49 -36.31 -6.40
N ALA C 76 54.86 -35.16 -6.28
CA ALA C 76 55.61 -33.92 -6.45
C ALA C 76 56.62 -33.67 -5.31
N SER C 77 56.49 -34.37 -4.22
CA SER C 77 57.43 -34.28 -3.09
C SER C 77 58.42 -35.42 -3.16
N GLN C 78 58.26 -36.37 -4.08
CA GLN C 78 59.15 -37.57 -4.20
C GLN C 78 60.16 -37.44 -5.34
N VAL C 79 59.79 -36.81 -6.41
CA VAL C 79 60.67 -36.71 -7.61
C VAL C 79 61.81 -35.70 -7.35
N ASN C 80 62.89 -35.85 -8.13
CA ASN C 80 64.05 -34.97 -7.87
C ASN C 80 63.95 -33.68 -8.72
N LYS C 81 64.87 -32.78 -8.50
CA LYS C 81 64.89 -31.46 -9.11
C LYS C 81 64.88 -31.59 -10.64
N GLU C 82 65.72 -32.52 -11.18
CA GLU C 82 65.82 -32.66 -12.60
C GLU C 82 64.48 -33.12 -13.22
N GLU C 83 63.81 -34.04 -12.51
CA GLU C 83 62.52 -34.59 -12.95
C GLU C 83 61.44 -33.43 -12.96
N ILE C 84 61.47 -32.59 -11.92
CA ILE C 84 60.55 -31.44 -11.84
C ILE C 84 60.77 -30.53 -13.09
N GLU C 85 62.06 -30.22 -13.32
CA GLU C 85 62.42 -29.38 -14.45
C GLU C 85 61.94 -29.96 -15.82
N PHE C 86 62.15 -31.27 -15.98
CA PHE C 86 61.79 -31.93 -17.19
C PHE C 86 60.23 -31.84 -17.41
N LEU C 87 59.54 -32.17 -16.32
CA LEU C 87 58.06 -32.08 -16.35
C LEU C 87 57.57 -30.70 -16.74
N LEU C 88 58.15 -29.67 -16.12
CA LEU C 88 57.71 -28.33 -16.42
C LEU C 88 58.07 -27.89 -17.81
N ASP C 89 59.17 -28.38 -18.35
CA ASP C 89 59.45 -28.11 -19.76
C ASP C 89 58.40 -28.75 -20.72
N GLY C 90 58.01 -30.00 -20.40
CA GLY C 90 56.96 -30.71 -21.09
C GLY C 90 55.63 -29.95 -20.98
N LEU C 91 55.42 -29.41 -19.78
CA LEU C 91 54.16 -28.72 -19.53
C LEU C 91 54.12 -27.40 -20.37
N LYS C 92 55.23 -26.66 -20.43
CA LYS C 92 55.33 -25.50 -21.28
C LYS C 92 54.97 -25.88 -22.69
N SER C 93 55.55 -26.94 -23.21
CA SER C 93 55.36 -27.29 -24.61
C SER C 93 53.86 -27.69 -24.87
N ARG C 94 53.25 -28.44 -23.93
CA ARG C 94 51.81 -28.78 -24.03
C ARG C 94 50.91 -27.58 -24.00
N LEU C 95 51.23 -26.64 -23.11
CA LEU C 95 50.38 -25.44 -23.01
C LEU C 95 50.50 -24.53 -24.20
N VAL C 96 51.70 -24.40 -24.75
CA VAL C 96 51.83 -23.69 -26.02
C VAL C 96 51.01 -24.35 -27.11
N ASP C 97 51.11 -25.69 -27.16
CA ASP C 97 50.44 -26.45 -28.18
C ASP C 97 48.91 -26.17 -28.18
N VAL C 98 48.32 -26.24 -26.95
CA VAL C 98 46.88 -26.16 -26.87
C VAL C 98 46.32 -24.77 -26.76
N THR C 99 47.08 -23.84 -26.28
CA THR C 99 46.62 -22.47 -26.11
C THR C 99 47.05 -21.55 -27.23
N ILE C 100 48.00 -22.01 -28.05
CA ILE C 100 48.53 -21.16 -29.13
C ILE C 100 48.51 -21.92 -30.39
N THR C 101 49.36 -22.96 -30.52
CA THR C 101 49.52 -23.55 -31.87
C THR C 101 48.26 -24.07 -32.51
N ARG C 102 47.50 -24.76 -31.67
CA ARG C 102 46.31 -25.37 -32.16
C ARG C 102 45.01 -24.69 -31.71
N SER C 103 45.10 -23.54 -31.06
CA SER C 103 43.85 -22.84 -30.74
C SER C 103 43.29 -22.16 -32.00
N THR C 104 41.97 -22.29 -32.17
CA THR C 104 41.31 -21.64 -33.23
C THR C 104 40.76 -20.25 -32.83
N ASN C 105 41.17 -19.73 -31.67
CA ASN C 105 40.79 -18.39 -31.27
C ASN C 105 41.33 -17.40 -32.23
N ARG C 106 40.46 -16.81 -33.00
CA ARG C 106 40.87 -15.93 -34.13
C ARG C 106 41.45 -14.57 -33.75
N GLU C 107 41.39 -14.21 -32.45
CA GLU C 107 41.87 -12.92 -32.02
C GLU C 107 43.35 -12.93 -31.57
N LEU C 108 43.92 -14.12 -31.46
CA LEU C 108 45.19 -14.28 -30.76
C LEU C 108 46.36 -13.47 -31.33
N ASN C 109 46.30 -13.27 -32.64
CA ASN C 109 47.37 -12.53 -33.28
C ASN C 109 47.05 -11.10 -33.71
N HIS C 110 45.90 -10.60 -33.28
CA HIS C 110 45.52 -9.21 -33.60
C HIS C 110 46.49 -8.19 -32.99
N HIS C 111 47.15 -7.39 -33.83
CA HIS C 111 48.21 -6.56 -33.32
C HIS C 111 47.77 -5.59 -32.27
N LEU C 112 46.55 -5.08 -32.38
CA LEU C 112 46.04 -4.07 -31.40
C LEU C 112 45.18 -4.83 -30.39
N TYR C 113 45.27 -4.35 -29.18
CA TYR C 113 44.42 -4.84 -28.08
C TYR C 113 42.94 -4.45 -28.28
N PRO D 2 -44.91 23.53 19.09
CA PRO D 2 -45.59 22.55 19.95
C PRO D 2 -44.73 21.30 20.19
N MET D 3 -45.12 20.41 21.06
CA MET D 3 -44.49 19.09 21.21
C MET D 3 -44.98 18.25 20.05
N VAL D 4 -44.16 17.33 19.56
CA VAL D 4 -44.47 16.58 18.36
C VAL D 4 -44.49 15.08 18.57
N LEU D 5 -45.56 14.45 18.19
CA LEU D 5 -45.68 13.00 18.06
C LEU D 5 -45.42 12.63 16.60
N LEU D 6 -44.22 12.12 16.39
CA LEU D 6 -43.77 11.68 15.06
C LEU D 6 -44.49 10.34 14.70
N GLU D 7 -44.73 10.13 13.41
CA GLU D 7 -45.39 8.88 12.94
C GLU D 7 -44.73 7.62 13.43
N CYS D 8 -43.40 7.61 13.45
CA CYS D 8 -42.68 6.40 13.84
C CYS D 8 -42.78 6.16 15.34
N ASP D 9 -43.34 7.11 16.07
CA ASP D 9 -43.48 7.02 17.51
C ASP D 9 -44.91 6.79 18.00
N LYS D 10 -45.83 6.51 17.05
CA LYS D 10 -47.25 6.27 17.45
C LYS D 10 -47.36 5.22 18.49
N ASP D 11 -46.51 4.21 18.52
CA ASP D 11 -46.56 3.12 19.51
C ASP D 11 -45.71 3.36 20.75
N ILE D 12 -44.92 4.46 20.74
CA ILE D 12 -44.16 4.91 21.94
C ILE D 12 -44.46 6.36 22.19
N PRO D 13 -45.77 6.67 22.40
CA PRO D 13 -46.23 8.06 22.37
C PRO D 13 -45.66 8.92 23.51
N GLU D 14 -45.02 8.27 24.52
CA GLU D 14 -44.25 8.96 25.53
C GLU D 14 -43.12 9.82 24.86
N ARG D 15 -42.73 9.51 23.64
CA ARG D 15 -41.71 10.36 22.95
C ARG D 15 -42.15 11.78 22.67
N GLN D 16 -43.45 12.04 22.60
CA GLN D 16 -43.91 13.42 22.30
C GLN D 16 -43.34 14.44 23.28
N LYS D 17 -43.15 14.04 24.53
CA LYS D 17 -42.67 14.93 25.58
C LYS D 17 -41.16 15.27 25.40
N HIS D 18 -40.52 14.59 24.45
CA HIS D 18 -39.07 14.73 24.16
C HIS D 18 -38.78 15.48 22.91
N ILE D 19 -39.81 15.87 22.13
CA ILE D 19 -39.59 16.51 20.82
C ILE D 19 -40.33 17.84 20.72
N TYR D 20 -39.62 18.93 20.59
CA TYR D 20 -40.20 20.25 20.50
C TYR D 20 -39.96 20.82 19.11
N LEU D 21 -41.01 21.30 18.45
CA LEU D 21 -40.96 22.08 17.24
C LEU D 21 -41.27 23.53 17.59
N LYS D 22 -40.27 24.42 17.55
CA LYS D 22 -40.42 25.77 18.04
C LYS D 22 -41.29 26.58 17.04
N ALA D 23 -42.34 27.16 17.53
CA ALA D 23 -43.26 27.92 16.69
C ALA D 23 -43.42 29.33 17.20
N PRO D 24 -43.84 30.25 16.33
CA PRO D 24 -43.92 31.70 16.69
C PRO D 24 -44.85 31.90 17.87
N ASN D 25 -44.44 32.86 18.73
CA ASN D 25 -45.22 33.31 19.85
C ASN D 25 -45.37 32.37 21.02
N GLU D 26 -44.82 31.18 20.96
CA GLU D 26 -44.88 30.27 22.11
C GLU D 26 -44.10 30.76 23.26
N ASP D 27 -44.54 30.45 24.46
CA ASP D 27 -43.71 30.63 25.65
C ASP D 27 -42.93 29.31 25.76
N THR D 28 -41.62 29.40 25.46
CA THR D 28 -40.78 28.19 25.44
C THR D 28 -40.71 27.48 26.77
N ARG D 29 -41.03 28.20 27.89
CA ARG D 29 -41.06 27.58 29.16
C ARG D 29 -42.07 26.49 29.31
N GLU D 30 -43.06 26.51 28.43
CA GLU D 30 -44.11 25.50 28.44
C GLU D 30 -43.85 24.27 27.62
N PHE D 31 -42.69 24.29 26.94
CA PHE D 31 -42.37 23.27 25.91
C PHE D 31 -40.94 22.73 26.10
N LEU D 32 -40.42 22.67 27.28
CA LEU D 32 -39.07 22.17 27.52
C LEU D 32 -39.07 20.64 27.50
N PRO D 33 -38.35 19.99 26.55
CA PRO D 33 -38.36 18.53 26.51
C PRO D 33 -37.93 17.99 27.87
N ILE D 34 -38.52 16.87 28.22
CA ILE D 34 -38.09 16.08 29.35
C ILE D 34 -36.71 15.61 28.84
N ALA D 35 -35.77 15.71 29.63
CA ALA D 35 -34.48 15.16 29.26
C ALA D 35 -33.85 14.48 30.42
N ASN D 36 -32.84 13.69 30.13
CA ASN D 36 -32.10 12.90 31.21
C ASN D 36 -33.03 11.99 31.97
N ALA D 37 -33.97 11.41 31.22
CA ALA D 37 -34.85 10.36 31.74
C ALA D 37 -34.49 8.98 31.25
N ALA D 38 -35.08 7.92 31.76
CA ALA D 38 -34.79 6.60 31.28
C ALA D 38 -34.99 6.42 29.77
N THR D 39 -34.14 5.57 29.25
CA THR D 39 -34.28 5.21 27.83
C THR D 39 -35.38 4.18 27.61
N ILE D 40 -36.06 4.26 26.50
CA ILE D 40 -37.03 3.21 26.18
C ILE D 40 -36.30 2.02 25.52
N PRO D 41 -36.43 0.83 26.06
CA PRO D 41 -35.79 -0.32 25.47
C PRO D 41 -36.24 -0.56 24.03
N GLY D 42 -35.28 -1.02 23.17
CA GLY D 42 -35.56 -1.51 21.86
C GLY D 42 -35.77 -0.43 20.79
N THR D 43 -35.44 0.83 21.13
CA THR D 43 -35.67 1.97 20.24
C THR D 43 -34.56 2.28 19.25
N LEU D 44 -33.37 1.75 19.47
CA LEU D 44 -32.15 2.22 18.78
C LEU D 44 -31.94 3.71 19.11
N SER D 45 -32.10 4.02 20.38
CA SER D 45 -31.51 5.18 20.96
C SER D 45 -30.02 5.26 20.68
N GLU D 46 -29.51 6.49 20.61
CA GLU D 46 -28.08 6.68 20.37
C GLU D 46 -27.23 6.67 21.65
N ARG D 47 -27.79 6.48 22.81
CA ARG D 47 -27.10 6.62 24.06
C ARG D 47 -26.11 5.50 24.31
N GLY D 48 -25.06 5.86 25.02
CA GLY D 48 -24.08 4.97 25.54
C GLY D 48 -24.24 4.79 27.06
N CYS D 49 -23.21 4.28 27.74
CA CYS D 49 -23.32 3.95 29.13
C CYS D 49 -22.48 4.88 30.04
N ALA D 50 -22.71 4.79 31.36
CA ALA D 50 -22.07 5.69 32.29
C ALA D 50 -20.58 5.48 32.30
N PHE D 51 -20.11 4.26 32.18
CA PHE D 51 -18.69 3.96 32.18
C PHE D 51 -18.01 4.72 31.03
N CYS D 52 -18.69 4.74 29.88
CA CYS D 52 -18.15 5.50 28.74
C CYS D 52 -17.86 6.94 29.18
N GLY D 53 -18.84 7.57 29.81
CA GLY D 53 -18.66 8.96 30.22
C GLY D 53 -17.49 9.22 31.13
N ALA D 54 -17.18 8.30 32.00
CA ALA D 54 -16.02 8.40 32.87
C ALA D 54 -14.71 8.11 32.17
N LYS D 55 -14.56 6.92 31.57
CA LYS D 55 -13.25 6.51 31.07
C LYS D 55 -12.99 7.02 29.66
N LEU D 56 -13.92 6.86 28.74
CA LEU D 56 -13.66 7.24 27.35
C LEU D 56 -13.59 8.75 27.18
N VAL D 57 -14.51 9.47 27.80
CA VAL D 57 -14.69 10.87 27.54
C VAL D 57 -13.75 11.73 28.39
N ILE D 58 -13.58 11.43 29.65
CA ILE D 58 -12.85 12.28 30.55
C ILE D 58 -11.53 11.73 31.00
N GLY D 59 -11.53 10.60 31.65
CA GLY D 59 -10.32 10.10 32.21
C GLY D 59 -9.26 9.69 31.22
N GLY D 60 -9.66 9.05 30.16
CA GLY D 60 -8.81 8.52 29.12
C GLY D 60 -8.07 9.51 28.26
N VAL D 61 -8.38 10.77 28.47
CA VAL D 61 -7.79 11.88 27.72
C VAL D 61 -6.35 12.09 28.28
N LEU D 62 -6.14 11.80 29.54
CA LEU D 62 -4.86 12.06 30.22
C LEU D 62 -3.73 11.38 29.64
N LYS D 63 -2.56 12.04 29.56
CA LYS D 63 -1.43 11.50 28.78
C LYS D 63 -0.53 10.55 29.50
N ASP D 64 -0.65 10.41 30.80
CA ASP D 64 0.38 9.78 31.63
C ASP D 64 -0.19 8.77 32.67
N THR D 65 -1.38 8.28 32.36
CA THR D 65 -2.16 7.53 33.34
C THR D 65 -2.63 6.20 32.72
N ILE D 66 -2.44 5.12 33.48
CA ILE D 66 -3.02 3.79 33.17
C ILE D 66 -4.51 3.90 33.44
N GLN D 67 -5.27 3.38 32.45
CA GLN D 67 -6.72 3.33 32.50
C GLN D 67 -7.17 1.86 32.72
N MET D 68 -7.26 1.49 34.00
CA MET D 68 -7.51 0.14 34.42
C MET D 68 -8.99 -0.11 34.52
N ILE D 69 -9.45 -0.93 33.56
CA ILE D 69 -10.94 -1.19 33.53
C ILE D 69 -11.18 -2.52 34.22
N HIS D 70 -11.83 -2.47 35.37
CA HIS D 70 -12.06 -3.67 36.20
C HIS D 70 -13.37 -4.27 35.73
N GLY D 71 -13.22 -5.32 34.94
CA GLY D 71 -14.33 -5.95 34.27
C GLY D 71 -13.84 -6.97 33.29
N PRO D 72 -14.75 -7.55 32.53
CA PRO D 72 -14.37 -8.43 31.48
C PRO D 72 -13.81 -7.60 30.30
N LEU D 73 -13.21 -8.31 29.33
CA LEU D 73 -12.36 -7.61 28.34
C LEU D 73 -13.08 -6.70 27.44
N GLY D 74 -14.38 -6.90 27.21
CA GLY D 74 -15.10 -6.10 26.23
C GLY D 74 -15.16 -4.61 26.46
N CYS D 75 -15.34 -4.26 27.74
CA CYS D 75 -15.44 -2.85 28.05
C CYS D 75 -14.11 -2.08 27.64
N ALA D 76 -13.01 -2.79 27.84
CA ALA D 76 -11.71 -2.25 27.42
C ALA D 76 -11.53 -2.21 25.91
N TYR D 77 -11.80 -3.34 25.24
CA TYR D 77 -11.69 -3.35 23.80
C TYR D 77 -12.51 -2.24 23.20
N ASP D 78 -13.71 -2.04 23.73
CA ASP D 78 -14.69 -1.13 23.13
C ASP D 78 -14.35 0.34 23.25
N THR D 79 -13.40 0.65 24.14
CA THR D 79 -13.01 2.03 24.40
C THR D 79 -11.58 2.33 23.94
N TRP D 80 -11.17 1.64 22.91
CA TRP D 80 -9.77 1.66 22.42
C TRP D 80 -9.82 1.75 20.89
N HIS D 81 -9.05 2.71 20.37
CA HIS D 81 -9.07 3.01 18.90
C HIS D 81 -10.37 3.72 18.46
N THR D 82 -10.97 4.50 19.37
CA THR D 82 -12.23 5.15 19.03
C THR D 82 -12.25 6.64 19.26
N LYS D 83 -11.24 7.21 19.86
CA LYS D 83 -11.22 8.63 20.18
C LYS D 83 -10.05 9.33 19.47
N ARG D 84 -10.16 10.64 19.29
CA ARG D 84 -9.13 11.43 18.62
C ARG D 84 -8.69 12.56 19.58
N TYR D 85 -7.95 12.24 20.61
CA TYR D 85 -7.46 13.25 21.56
C TYR D 85 -5.93 13.02 21.68
N PRO D 86 -5.19 13.67 20.72
CA PRO D 86 -3.75 13.58 20.75
C PRO D 86 -3.13 14.17 21.99
N THR D 87 -1.86 13.80 22.21
CA THR D 87 -1.11 14.42 23.28
C THR D 87 0.21 14.93 22.68
N ASP D 88 1.00 15.53 23.55
CA ASP D 88 2.39 15.96 23.18
C ASP D 88 3.44 14.98 23.75
N ASN D 89 3.03 13.73 24.04
CA ASN D 89 3.97 12.70 24.50
C ASN D 89 3.90 11.41 23.67
N GLY D 90 3.38 11.53 22.46
CA GLY D 90 3.32 10.35 21.61
C GLY D 90 2.02 9.58 21.71
N HIS D 91 0.96 10.19 22.22
CA HIS D 91 -0.40 9.64 22.19
C HIS D 91 -0.47 8.37 23.04
N PHE D 92 0.23 8.31 24.16
CA PHE D 92 0.17 7.20 25.11
C PHE D 92 -1.30 6.80 25.39
N ASN D 93 -2.12 7.78 25.60
CA ASN D 93 -3.54 7.57 25.94
C ASN D 93 -4.27 6.81 24.85
N MET D 94 -3.92 6.96 23.60
CA MET D 94 -4.68 6.27 22.51
C MET D 94 -4.07 4.93 22.16
N LYS D 95 -2.83 4.67 22.55
CA LYS D 95 -2.13 3.47 22.23
C LYS D 95 -2.49 2.25 23.11
N TYR D 96 -3.00 2.50 24.29
CA TYR D 96 -3.15 1.43 25.27
C TYR D 96 -4.53 1.46 25.92
N VAL D 97 -4.97 0.23 26.30
CA VAL D 97 -6.10 0.07 27.20
C VAL D 97 -5.77 -1.14 28.07
N TRP D 98 -6.30 -1.14 29.32
CA TRP D 98 -6.00 -2.17 30.28
C TRP D 98 -7.32 -2.78 30.88
N SER D 99 -7.29 -4.11 31.04
CA SER D 99 -8.47 -4.81 31.63
C SER D 99 -7.97 -5.69 32.70
N THR D 100 -8.85 -5.97 33.68
CA THR D 100 -8.56 -7.01 34.67
C THR D 100 -9.02 -8.39 34.16
N ASP D 101 -9.61 -8.45 32.95
CA ASP D 101 -9.93 -9.74 32.32
C ASP D 101 -10.72 -10.64 33.24
N MET D 102 -11.79 -10.09 33.78
N MET D 102 -11.79 -10.09 33.82
CA MET D 102 -12.64 -10.85 34.68
CA MET D 102 -12.62 -10.85 34.75
C MET D 102 -13.15 -12.15 34.08
C MET D 102 -13.16 -12.12 34.11
N LYS D 103 -13.09 -13.22 34.88
CA LYS D 103 -13.59 -14.54 34.44
C LYS D 103 -14.73 -14.99 35.38
N GLU D 104 -15.28 -16.17 35.09
CA GLU D 104 -16.42 -16.61 35.89
C GLU D 104 -16.00 -16.80 37.35
N SER D 105 -14.80 -17.31 37.64
CA SER D 105 -14.40 -17.51 39.03
C SER D 105 -14.44 -16.22 39.83
N HIS D 106 -14.13 -15.12 39.14
CA HIS D 106 -14.15 -13.81 39.81
C HIS D 106 -15.55 -13.28 40.06
N VAL D 107 -16.47 -13.58 39.17
CA VAL D 107 -17.87 -13.29 39.44
C VAL D 107 -18.41 -14.02 40.60
N VAL D 108 -18.01 -15.28 40.74
CA VAL D 108 -18.56 -16.08 41.82
C VAL D 108 -17.94 -15.82 43.15
N PHE D 109 -16.60 -15.66 43.15
CA PHE D 109 -15.83 -15.55 44.41
C PHE D 109 -15.20 -14.19 44.69
N GLY D 110 -15.30 -13.29 43.73
CA GLY D 110 -14.85 -11.92 43.90
C GLY D 110 -13.62 -11.66 43.03
N GLY D 111 -13.52 -10.37 42.65
CA GLY D 111 -12.54 -9.91 41.69
C GLY D 111 -11.46 -8.98 42.33
N GLU D 112 -11.42 -8.84 43.66
CA GLU D 112 -10.48 -7.84 44.22
C GLU D 112 -9.05 -8.29 44.07
N LYS D 113 -8.71 -9.56 44.23
CA LYS D 113 -7.37 -10.02 44.03
C LYS D 113 -6.94 -9.96 42.58
N ARG D 114 -7.87 -10.21 41.69
CA ARG D 114 -7.61 -10.17 40.27
C ARG D 114 -7.27 -8.70 39.90
N LEU D 115 -7.99 -7.75 40.41
CA LEU D 115 -7.72 -6.32 40.21
C LEU D 115 -6.35 -5.99 40.79
N GLU D 116 -6.06 -6.40 42.01
CA GLU D 116 -4.77 -6.09 42.63
C GLU D 116 -3.62 -6.56 41.77
N LYS D 117 -3.67 -7.83 41.34
CA LYS D 117 -2.66 -8.38 40.53
C LYS D 117 -2.49 -7.66 39.19
N SER D 118 -3.59 -7.31 38.56
CA SER D 118 -3.58 -6.58 37.32
C SER D 118 -2.92 -5.20 37.50
N MET D 119 -3.17 -4.58 38.61
CA MET D 119 -2.60 -3.23 38.87
C MET D 119 -1.09 -3.33 39.06
N HIS D 120 -0.64 -4.32 39.81
CA HIS D 120 0.78 -4.50 39.91
C HIS D 120 1.44 -4.86 38.58
N GLU D 121 0.81 -5.67 37.80
CA GLU D 121 1.33 -6.03 36.50
C GLU D 121 1.48 -4.78 35.63
N ALA D 122 0.43 -3.98 35.57
CA ALA D 122 0.48 -2.80 34.72
C ALA D 122 1.63 -1.85 35.14
N PHE D 123 1.78 -1.64 36.44
CA PHE D 123 2.90 -0.81 36.87
C PHE D 123 4.25 -1.46 36.59
N ASP D 124 4.37 -2.77 36.65
CA ASP D 124 5.61 -3.48 36.35
C ASP D 124 5.97 -3.44 34.88
N GLU D 125 4.96 -3.51 34.00
CA GLU D 125 5.20 -3.59 32.55
C GLU D 125 5.57 -2.23 32.01
N MET D 126 5.19 -1.13 32.69
CA MET D 126 5.46 0.22 32.23
C MET D 126 5.98 1.02 33.45
N PRO D 127 7.29 0.80 33.82
CA PRO D 127 7.82 1.39 35.05
C PRO D 127 7.92 2.88 35.06
N ASP D 128 7.79 3.54 33.91
CA ASP D 128 7.77 4.98 33.88
C ASP D 128 6.44 5.61 34.17
N ILE D 129 5.39 4.80 34.22
CA ILE D 129 4.04 5.31 34.41
C ILE D 129 3.66 5.10 35.86
N LYS D 130 3.26 6.17 36.57
CA LYS D 130 3.13 6.10 37.98
C LYS D 130 1.74 6.48 38.50
N ARG D 131 0.79 6.59 37.56
CA ARG D 131 -0.56 7.11 37.88
C ARG D 131 -1.56 6.18 37.21
N MET D 132 -2.69 6.02 37.84
CA MET D 132 -3.75 5.05 37.33
C MET D 132 -5.09 5.50 37.82
N ILE D 133 -6.07 5.30 36.93
CA ILE D 133 -7.49 5.38 37.29
C ILE D 133 -8.08 3.98 37.09
N VAL D 134 -8.76 3.50 38.13
CA VAL D 134 -9.51 2.25 38.08
C VAL D 134 -11.00 2.53 37.97
N TYR D 135 -11.61 1.91 36.99
CA TYR D 135 -13.06 2.05 36.76
C TYR D 135 -13.74 0.71 37.00
N THR D 136 -14.92 0.76 37.65
CA THR D 136 -15.77 -0.41 37.67
C THR D 136 -16.59 -0.44 36.39
N THR D 137 -17.11 -1.61 36.10
CA THR D 137 -17.98 -1.87 34.97
C THR D 137 -19.19 -2.66 35.51
N CYS D 138 -20.15 -2.97 34.62
CA CYS D 138 -21.37 -3.62 35.07
C CYS D 138 -21.12 -4.72 36.10
N PRO D 139 -20.34 -5.77 35.79
CA PRO D 139 -20.34 -6.97 36.70
C PRO D 139 -19.58 -6.73 38.00
N THR D 140 -18.49 -5.89 37.95
CA THR D 140 -17.73 -5.64 39.10
C THR D 140 -18.51 -4.81 40.10
N ALA D 141 -19.35 -3.92 39.62
CA ALA D 141 -20.28 -3.21 40.50
C ALA D 141 -21.30 -4.20 41.10
N LEU D 142 -21.86 -5.10 40.31
CA LEU D 142 -22.89 -5.99 40.80
C LEU D 142 -22.37 -6.90 41.87
N ILE D 143 -21.14 -7.35 41.79
CA ILE D 143 -20.60 -8.27 42.80
C ILE D 143 -19.98 -7.58 44.00
N GLY D 144 -19.97 -6.24 43.97
CA GLY D 144 -19.52 -5.51 45.13
C GLY D 144 -18.03 -5.45 45.43
N ASP D 145 -17.20 -5.56 44.39
CA ASP D 145 -15.76 -5.45 44.62
C ASP D 145 -15.48 -4.04 45.16
N ASP D 146 -14.62 -3.96 46.12
CA ASP D 146 -14.25 -2.68 46.78
C ASP D 146 -12.96 -2.13 46.19
N ILE D 147 -13.10 -1.45 45.08
CA ILE D 147 -11.92 -1.05 44.35
C ILE D 147 -11.15 0.04 45.10
N LYS D 148 -11.82 0.87 45.87
CA LYS D 148 -11.16 1.92 46.68
C LYS D 148 -10.20 1.19 47.67
N ALA D 149 -10.64 0.13 48.31
CA ALA D 149 -9.77 -0.59 49.20
C ALA D 149 -8.60 -1.23 48.55
N VAL D 150 -8.83 -1.79 47.35
CA VAL D 150 -7.73 -2.40 46.63
C VAL D 150 -6.71 -1.30 46.30
N ALA D 151 -7.20 -0.17 45.79
CA ALA D 151 -6.30 0.92 45.41
C ALA D 151 -5.50 1.43 46.60
N LYS D 152 -6.05 1.47 47.76
CA LYS D 152 -5.29 1.96 48.96
C LYS D 152 -4.22 0.92 49.27
N LYS D 153 -4.49 -0.40 49.15
CA LYS D 153 -3.49 -1.42 49.39
C LYS D 153 -2.31 -1.34 48.38
N VAL D 154 -2.66 -1.13 47.11
CA VAL D 154 -1.68 -1.04 46.10
C VAL D 154 -0.81 0.21 46.37
N MET D 155 -1.42 1.35 46.75
CA MET D 155 -0.60 2.50 46.99
C MET D 155 0.32 2.28 48.19
N LYS D 156 -0.10 1.54 49.20
CA LYS D 156 0.77 1.22 50.35
C LYS D 156 1.95 0.38 49.91
N ASP D 157 1.74 -0.60 49.03
CA ASP D 157 2.76 -1.48 48.55
C ASP D 157 3.67 -0.88 47.53
N ARG D 158 3.18 0.19 46.87
CA ARG D 158 3.90 0.80 45.76
C ARG D 158 3.91 2.32 46.02
N PRO D 159 4.85 2.81 46.82
CA PRO D 159 4.84 4.27 47.24
C PRO D 159 5.08 5.19 46.09
N ASP D 160 5.53 4.68 44.96
CA ASP D 160 5.77 5.48 43.79
C ASP D 160 4.51 5.85 43.02
N VAL D 161 3.36 5.22 43.31
CA VAL D 161 2.16 5.43 42.55
C VAL D 161 1.09 6.18 43.21
N ASP D 162 0.17 6.72 42.39
CA ASP D 162 -1.07 7.29 42.89
C ASP D 162 -2.21 6.74 42.03
N VAL D 163 -3.30 6.35 42.72
CA VAL D 163 -4.43 5.70 42.06
C VAL D 163 -5.69 6.42 42.43
N PHE D 164 -6.56 6.63 41.46
CA PHE D 164 -7.92 7.16 41.64
C PHE D 164 -8.87 6.12 41.21
N THR D 165 -10.00 6.03 41.91
CA THR D 165 -11.06 5.06 41.57
C THR D 165 -12.40 5.73 41.22
N VAL D 166 -13.11 5.08 40.29
CA VAL D 166 -14.42 5.55 39.81
C VAL D 166 -15.34 4.35 39.84
N GLU D 167 -16.49 4.49 40.52
CA GLU D 167 -17.56 3.48 40.56
C GLU D 167 -18.62 3.95 39.56
N CYS D 168 -18.61 3.41 38.38
CA CYS D 168 -19.41 3.87 37.26
C CYS D 168 -19.80 2.78 36.35
N PRO D 169 -20.56 1.77 36.87
CA PRO D 169 -20.99 0.73 35.96
C PRO D 169 -21.89 1.30 34.87
N GLY D 170 -21.96 0.59 33.72
CA GLY D 170 -22.68 1.11 32.62
C GLY D 170 -24.16 1.37 32.84
N PHE D 171 -24.75 0.53 33.69
CA PHE D 171 -26.20 0.71 33.99
C PHE D 171 -26.50 1.84 34.94
N SER D 172 -25.50 2.50 35.53
CA SER D 172 -25.75 3.66 36.38
C SER D 172 -26.36 4.73 35.53
N GLY D 173 -27.18 5.54 36.16
CA GLY D 173 -27.86 6.58 35.43
C GLY D 173 -28.59 6.07 34.20
N VAL D 174 -28.61 6.88 33.10
CA VAL D 174 -29.36 6.53 31.90
C VAL D 174 -28.52 6.68 30.64
N SER D 175 -27.24 7.08 30.77
CA SER D 175 -26.45 7.55 29.64
C SER D 175 -25.02 7.77 30.14
N GLN D 176 -24.16 8.28 29.25
CA GLN D 176 -22.84 8.75 29.61
C GLN D 176 -22.80 9.82 30.72
N SER D 177 -23.91 10.54 30.91
CA SER D 177 -23.87 11.69 31.77
C SER D 177 -23.51 11.28 33.20
N LYS D 178 -24.06 10.19 33.73
CA LYS D 178 -23.73 9.83 35.08
C LYS D 178 -22.27 9.59 35.32
N GLY D 179 -21.60 9.06 34.30
CA GLY D 179 -20.17 8.88 34.41
C GLY D 179 -19.39 10.18 34.61
N HIS D 180 -19.84 11.21 33.85
CA HIS D 180 -19.26 12.49 34.08
C HIS D 180 -19.35 12.93 35.57
N HIS D 181 -20.57 12.78 36.07
CA HIS D 181 -20.87 13.28 37.39
C HIS D 181 -20.00 12.53 38.44
N VAL D 182 -20.00 11.20 38.40
CA VAL D 182 -19.26 10.46 39.39
C VAL D 182 -17.80 10.77 39.36
N LEU D 183 -17.22 10.85 38.19
CA LEU D 183 -15.82 11.19 38.06
C LEU D 183 -15.50 12.58 38.62
N ASN D 184 -16.33 13.53 38.21
CA ASN D 184 -16.07 14.89 38.66
C ASN D 184 -16.05 15.02 40.20
N ILE D 185 -17.11 14.46 40.81
CA ILE D 185 -17.30 14.60 42.23
C ILE D 185 -16.28 13.74 42.99
N GLY D 186 -15.98 12.57 42.46
CA GLY D 186 -14.91 11.84 43.14
C GLY D 186 -13.56 12.53 43.06
N TRP D 187 -13.26 13.13 41.92
CA TRP D 187 -11.92 13.73 41.75
C TRP D 187 -11.83 14.92 42.74
N ILE D 188 -12.84 15.80 42.81
CA ILE D 188 -12.73 16.95 43.70
C ILE D 188 -12.65 16.47 45.18
N ASN D 189 -13.38 15.43 45.49
CA ASN D 189 -13.41 14.97 46.84
C ASN D 189 -12.13 14.27 47.34
N GLU D 190 -11.45 13.57 46.42
CA GLU D 190 -10.32 12.72 46.79
C GLU D 190 -8.95 13.27 46.35
N LYS D 191 -8.88 13.97 45.23
CA LYS D 191 -7.59 14.30 44.63
C LYS D 191 -7.25 15.78 44.56
N VAL D 192 -8.22 16.63 44.41
CA VAL D 192 -7.89 18.08 44.39
C VAL D 192 -7.32 18.41 45.79
N GLU D 193 -6.29 19.26 45.75
CA GLU D 193 -5.64 19.76 46.91
C GLU D 193 -4.70 18.72 47.52
N THR D 194 -4.27 17.72 46.72
CA THR D 194 -3.30 16.77 47.17
C THR D 194 -1.89 17.03 46.62
N MET D 195 -1.70 18.09 45.89
CA MET D 195 -0.40 18.47 45.34
C MET D 195 -0.53 19.98 44.98
N GLU D 196 0.59 20.64 44.86
CA GLU D 196 0.70 22.02 44.35
C GLU D 196 1.78 22.10 43.34
N LYS D 197 1.64 23.09 42.46
CA LYS D 197 2.68 23.34 41.47
C LYS D 197 3.11 24.78 41.58
N GLU D 198 4.24 25.06 40.94
CA GLU D 198 4.76 26.43 40.85
C GLU D 198 3.87 27.31 40.01
N ILE D 199 3.60 28.48 40.57
CA ILE D 199 2.84 29.51 39.92
C ILE D 199 3.81 30.46 39.23
N THR D 200 3.71 30.65 37.93
CA THR D 200 4.69 31.35 37.16
C THR D 200 4.12 32.59 36.47
N SER D 201 2.89 32.93 36.75
CA SER D 201 2.21 34.07 36.16
C SER D 201 1.40 34.77 37.25
N GLU D 202 1.17 36.08 37.09
CA GLU D 202 0.16 36.82 37.89
C GLU D 202 -1.28 36.38 37.56
N TYR D 203 -1.46 35.74 36.35
CA TYR D 203 -2.79 35.41 35.86
C TYR D 203 -2.82 33.87 35.74
N THR D 204 -3.78 33.26 36.45
CA THR D 204 -3.87 31.79 36.44
C THR D 204 -5.33 31.36 36.28
N MET D 205 -5.45 30.24 35.51
CA MET D 205 -6.81 29.69 35.29
C MET D 205 -6.76 28.19 35.16
N ASN D 206 -7.89 27.52 35.40
CA ASN D 206 -8.08 26.21 34.84
C ASN D 206 -8.96 26.29 33.63
N PHE D 207 -8.77 25.43 32.64
CA PHE D 207 -9.69 25.38 31.51
C PHE D 207 -10.44 24.05 31.67
N ILE D 208 -11.74 24.13 31.92
CA ILE D 208 -12.53 23.03 32.39
C ILE D 208 -13.49 22.65 31.29
N GLY D 209 -13.52 21.35 30.94
CA GLY D 209 -14.47 20.84 29.99
C GLY D 209 -13.99 21.02 28.57
N ASP D 210 -12.78 20.60 28.27
CA ASP D 210 -12.27 20.54 26.88
C ASP D 210 -11.32 19.38 26.88
N PHE D 211 -11.51 18.53 25.86
CA PHE D 211 -10.89 17.18 25.83
C PHE D 211 -9.94 16.96 24.64
N ASN D 212 -9.44 18.10 24.11
CA ASN D 212 -8.41 18.11 23.08
C ASN D 212 -8.75 17.34 21.85
N ILE D 213 -9.98 17.40 21.38
CA ILE D 213 -10.34 16.69 20.20
C ILE D 213 -9.54 17.31 19.03
N GLN D 214 -8.82 16.45 18.33
CA GLN D 214 -7.91 16.85 17.24
C GLN D 214 -7.02 18.02 17.56
N GLY D 215 -6.67 18.12 18.82
CA GLY D 215 -5.73 19.22 19.16
C GLY D 215 -6.35 20.57 19.54
N ASP D 216 -7.68 20.56 19.79
CA ASP D 216 -8.41 21.82 20.18
C ASP D 216 -7.69 22.51 21.37
N THR D 217 -7.26 21.76 22.42
CA THR D 217 -6.69 22.33 23.61
C THR D 217 -5.32 22.93 23.31
N GLN D 218 -4.56 22.27 22.47
CA GLN D 218 -3.25 22.72 22.07
C GLN D 218 -3.39 24.03 21.29
N LEU D 219 -4.40 24.16 20.47
CA LEU D 219 -4.65 25.36 19.68
C LEU D 219 -5.00 26.48 20.64
N LEU D 220 -5.92 26.29 21.58
CA LEU D 220 -6.34 27.31 22.55
C LEU D 220 -5.12 27.71 23.38
N GLN D 221 -4.22 26.74 23.70
CA GLN D 221 -3.08 27.05 24.52
C GLN D 221 -2.18 28.11 23.87
N THR D 222 -2.17 28.19 22.52
CA THR D 222 -1.40 29.21 21.90
C THR D 222 -1.94 30.62 22.28
N TYR D 223 -3.24 30.72 22.52
CA TYR D 223 -3.82 31.99 22.99
C TYR D 223 -3.36 32.26 24.41
N TRP D 224 -3.39 31.25 25.29
CA TRP D 224 -3.09 31.55 26.69
C TRP D 224 -1.60 31.91 26.83
N ASP D 225 -0.74 31.30 26.09
CA ASP D 225 0.69 31.57 26.10
C ASP D 225 0.91 32.98 25.59
N ARG D 226 0.24 33.36 24.53
CA ARG D 226 0.37 34.73 24.01
C ARG D 226 -0.05 35.77 25.04
N LEU D 227 -1.15 35.49 25.76
CA LEU D 227 -1.69 36.41 26.75
C LEU D 227 -0.92 36.44 28.07
N GLY D 228 -0.04 35.47 28.27
CA GLY D 228 0.68 35.33 29.51
C GLY D 228 -0.08 34.74 30.65
N ILE D 229 -1.09 33.91 30.35
CA ILE D 229 -1.90 33.34 31.40
C ILE D 229 -1.40 31.89 31.62
N GLN D 230 -1.17 31.54 32.84
CA GLN D 230 -0.76 30.13 33.20
C GLN D 230 -2.05 29.35 33.39
N VAL D 231 -2.09 28.23 32.68
CA VAL D 231 -3.17 27.26 32.90
C VAL D 231 -2.70 26.27 33.93
N VAL D 232 -3.25 26.27 35.13
CA VAL D 232 -2.87 25.36 36.15
C VAL D 232 -3.25 23.93 35.76
N ALA D 233 -4.50 23.73 35.34
CA ALA D 233 -4.90 22.46 34.85
C ALA D 233 -5.89 22.59 33.72
N HIS D 234 -5.70 21.70 32.74
CA HIS D 234 -6.72 21.45 31.74
C HIS D 234 -7.53 20.22 32.20
N PHE D 235 -8.83 20.34 32.26
CA PHE D 235 -9.73 19.26 32.60
C PHE D 235 -10.42 18.83 31.30
N THR D 236 -9.92 17.84 30.56
CA THR D 236 -8.71 17.09 30.79
C THR D 236 -7.79 17.05 29.53
N GLY D 237 -8.09 17.85 28.52
CA GLY D 237 -7.38 17.83 27.24
C GLY D 237 -5.86 18.00 27.36
N ASN D 238 -5.14 17.09 26.77
CA ASN D 238 -3.67 17.07 26.85
C ASN D 238 -3.15 17.25 28.25
N GLY D 239 -3.89 16.70 29.22
CA GLY D 239 -3.59 16.96 30.65
C GLY D 239 -2.81 15.83 31.29
N THR D 240 -2.38 16.10 32.50
CA THR D 240 -1.70 15.11 33.35
C THR D 240 -2.51 14.91 34.57
N TYR D 241 -2.35 13.69 35.16
CA TYR D 241 -3.03 13.38 36.40
C TYR D 241 -2.63 14.37 37.49
N ASP D 242 -1.30 14.66 37.61
CA ASP D 242 -0.91 15.53 38.73
C ASP D 242 -1.36 16.98 38.55
N ASP D 243 -1.47 17.49 37.35
CA ASP D 243 -2.01 18.87 37.12
C ASP D 243 -3.37 18.98 37.76
N LEU D 244 -4.19 17.94 37.60
CA LEU D 244 -5.59 17.96 38.07
C LEU D 244 -5.64 17.97 39.63
N ARG D 245 -4.53 17.56 40.30
CA ARG D 245 -4.46 17.57 41.75
C ARG D 245 -4.27 19.01 42.27
N CYS D 246 -3.92 19.93 41.32
CA CYS D 246 -3.57 21.33 41.68
C CYS D 246 -4.64 22.32 41.38
N MET D 247 -5.84 21.87 41.02
CA MET D 247 -6.84 22.80 40.46
C MET D 247 -7.31 23.91 41.42
N HIS D 248 -7.17 23.63 42.72
CA HIS D 248 -7.53 24.63 43.68
C HIS D 248 -6.64 25.89 43.68
N GLN D 249 -5.57 25.84 42.98
CA GLN D 249 -4.65 26.95 42.95
C GLN D 249 -5.07 28.10 42.01
N ALA D 250 -5.90 27.78 41.02
CA ALA D 250 -6.25 28.75 39.98
C ALA D 250 -7.08 29.91 40.46
N GLN D 251 -6.89 31.05 39.81
CA GLN D 251 -7.68 32.23 40.10
C GLN D 251 -9.10 32.23 39.46
N LEU D 252 -9.24 31.48 38.35
CA LEU D 252 -10.43 31.55 37.46
C LEU D 252 -10.63 30.12 36.91
N ASN D 253 -11.89 29.69 36.81
CA ASN D 253 -12.26 28.48 36.07
C ASN D 253 -12.99 28.92 34.84
N VAL D 254 -12.45 28.61 33.66
CA VAL D 254 -13.07 28.86 32.42
C VAL D 254 -13.69 27.55 31.93
N VAL D 255 -15.00 27.54 31.72
CA VAL D 255 -15.76 26.33 31.38
C VAL D 255 -16.23 26.41 29.97
N ASN D 256 -15.91 25.34 29.18
CA ASN D 256 -16.58 25.16 27.88
C ASN D 256 -17.68 24.15 28.02
N CYS D 257 -17.31 22.87 28.28
CA CYS D 257 -18.40 21.87 28.47
C CYS D 257 -19.01 21.88 29.82
N ALA D 258 -20.05 22.67 29.92
CA ALA D 258 -20.73 22.80 31.17
C ALA D 258 -21.53 21.52 31.56
N ARG D 259 -21.75 20.67 30.59
CA ARG D 259 -22.45 19.43 30.79
C ARG D 259 -21.55 18.43 31.57
N SER D 260 -20.40 18.12 30.95
CA SER D 260 -19.55 17.09 31.51
C SER D 260 -18.78 17.51 32.74
N SER D 261 -18.53 18.84 32.81
CA SER D 261 -17.50 19.37 33.73
C SER D 261 -17.93 20.59 34.55
N GLY D 262 -19.21 20.93 34.42
CA GLY D 262 -19.75 21.95 35.31
C GLY D 262 -19.71 21.54 36.74
N TYR D 263 -19.86 20.24 37.01
CA TYR D 263 -19.87 19.75 38.34
C TYR D 263 -18.64 20.21 39.11
N ILE D 264 -17.45 19.95 38.56
CA ILE D 264 -16.21 20.26 39.26
C ILE D 264 -16.02 21.77 39.40
N ALA D 265 -16.45 22.53 38.37
CA ALA D 265 -16.38 24.02 38.45
C ALA D 265 -17.23 24.48 39.57
N ASN D 266 -18.44 23.93 39.72
CA ASN D 266 -19.36 24.34 40.78
C ASN D 266 -18.75 24.03 42.15
N GLU D 267 -18.15 22.86 42.29
CA GLU D 267 -17.56 22.50 43.55
C GLU D 267 -16.31 23.30 43.88
N LEU D 268 -15.53 23.61 42.88
CA LEU D 268 -14.33 24.45 43.09
C LEU D 268 -14.73 25.85 43.51
N LYS D 269 -15.81 26.38 42.97
CA LYS D 269 -16.32 27.68 43.42
C LYS D 269 -16.77 27.60 44.87
N LYS D 270 -17.55 26.59 45.22
CA LYS D 270 -18.10 26.45 46.54
C LYS D 270 -16.96 26.30 47.58
N ARG D 271 -15.98 25.48 47.26
CA ARG D 271 -14.90 25.11 48.24
C ARG D 271 -13.75 26.10 48.35
N TYR D 272 -13.42 26.70 47.22
CA TYR D 272 -12.25 27.53 47.11
C TYR D 272 -12.46 28.94 46.67
N GLY D 273 -13.68 29.27 46.30
CA GLY D 273 -13.97 30.64 45.91
C GLY D 273 -13.59 31.00 44.51
N ILE D 274 -13.29 29.98 43.67
CA ILE D 274 -12.84 30.23 42.33
C ILE D 274 -14.01 30.49 41.43
N PRO D 275 -14.11 31.68 40.82
CA PRO D 275 -15.27 31.99 40.01
C PRO D 275 -15.34 31.08 38.75
N ARG D 276 -16.53 30.78 38.32
CA ARG D 276 -16.83 30.00 37.12
C ARG D 276 -17.24 30.99 36.00
N LEU D 277 -16.53 30.99 34.86
CA LEU D 277 -16.78 31.72 33.69
C LEU D 277 -17.17 30.76 32.57
N ASP D 278 -18.42 30.85 32.09
CA ASP D 278 -18.80 30.02 30.97
C ASP D 278 -18.57 30.74 29.69
N ILE D 279 -17.93 30.05 28.75
CA ILE D 279 -17.67 30.57 27.43
C ILE D 279 -18.14 29.61 26.35
N ASP D 280 -17.99 30.05 25.09
CA ASP D 280 -18.10 29.22 23.96
C ASP D 280 -16.75 29.21 23.21
N SER D 281 -16.03 28.07 23.23
CA SER D 281 -14.72 28.02 22.57
C SER D 281 -14.81 27.48 21.12
N TRP D 282 -16.02 27.19 20.66
CA TRP D 282 -16.31 27.08 19.25
C TRP D 282 -17.04 28.30 18.82
N GLY D 283 -16.76 28.75 17.63
CA GLY D 283 -17.42 29.92 17.03
C GLY D 283 -16.46 31.07 16.95
N PHE D 284 -16.47 31.76 15.82
CA PHE D 284 -15.50 32.81 15.60
C PHE D 284 -15.70 34.05 16.48
N ASN D 285 -16.93 34.57 16.40
CA ASN D 285 -17.21 35.73 17.26
C ASN D 285 -17.35 35.34 18.71
N TYR D 286 -17.77 34.08 18.96
CA TYR D 286 -17.81 33.61 20.32
C TYR D 286 -16.44 33.56 20.96
N MET D 287 -15.45 33.12 20.18
CA MET D 287 -14.10 32.95 20.74
C MET D 287 -13.57 34.34 21.13
N ALA D 288 -13.88 35.35 20.26
CA ALA D 288 -13.49 36.71 20.67
C ALA D 288 -14.15 37.19 21.92
N GLU D 289 -15.42 36.94 22.09
CA GLU D 289 -16.07 37.26 23.34
C GLU D 289 -15.42 36.57 24.57
N GLY D 290 -15.09 35.28 24.41
CA GLY D 290 -14.46 34.57 25.48
C GLY D 290 -13.10 35.13 25.87
N ILE D 291 -12.30 35.46 24.84
CA ILE D 291 -11.00 36.06 25.14
C ILE D 291 -11.22 37.42 25.84
N ARG D 292 -12.18 38.21 25.38
CA ARG D 292 -12.39 39.50 26.06
C ARG D 292 -12.85 39.39 27.46
N LYS D 293 -13.67 38.37 27.76
CA LYS D 293 -14.07 38.19 29.15
C LYS D 293 -12.90 37.76 30.04
N ILE D 294 -12.10 36.77 29.57
CA ILE D 294 -10.91 36.34 30.28
C ILE D 294 -9.99 37.52 30.54
N CYS D 295 -9.74 38.32 29.51
CA CYS D 295 -8.84 39.43 29.69
C CYS D 295 -9.42 40.52 30.62
N ALA D 296 -10.71 40.74 30.57
CA ALA D 296 -11.38 41.67 31.50
C ALA D 296 -11.26 41.22 32.95
N PHE D 297 -11.44 39.94 33.19
CA PHE D 297 -11.26 39.40 34.48
C PHE D 297 -9.84 39.69 35.08
N PHE D 298 -8.82 39.54 34.20
CA PHE D 298 -7.41 39.67 34.67
C PHE D 298 -6.86 41.08 34.54
N GLY D 299 -7.59 41.92 33.88
CA GLY D 299 -7.17 43.36 33.68
C GLY D 299 -6.11 43.49 32.59
N ILE D 300 -6.17 42.60 31.56
CA ILE D 300 -5.26 42.60 30.44
C ILE D 300 -5.98 42.82 29.06
N GLU D 301 -6.93 43.72 29.10
CA GLU D 301 -7.81 44.04 27.94
C GLU D 301 -7.04 44.32 26.66
N GLU D 302 -6.00 45.17 26.74
CA GLU D 302 -5.24 45.52 25.54
C GLU D 302 -4.57 44.33 24.93
N LYS D 303 -3.99 43.44 25.74
CA LYS D 303 -3.39 42.21 25.19
C LYS D 303 -4.40 41.36 24.41
N GLY D 304 -5.59 41.26 24.99
CA GLY D 304 -6.64 40.58 24.31
C GLY D 304 -7.08 41.17 23.01
N GLU D 305 -7.10 42.50 22.97
CA GLU D 305 -7.45 43.16 21.69
C GLU D 305 -6.41 42.96 20.62
N GLU D 306 -5.15 42.87 21.00
CA GLU D 306 -4.08 42.69 20.03
C GLU D 306 -4.23 41.29 19.45
N LEU D 307 -4.49 40.29 20.33
N LEU D 307 -4.49 40.29 20.33
CA LEU D 307 -4.62 38.90 19.90
CA LEU D 307 -4.62 38.90 19.88
C LEU D 307 -5.81 38.79 18.93
C LEU D 307 -5.81 38.80 18.94
N ILE D 308 -6.95 39.35 19.36
CA ILE D 308 -8.12 39.27 18.53
C ILE D 308 -7.98 39.93 17.13
N ALA D 309 -7.32 41.11 17.14
CA ALA D 309 -7.09 41.81 15.87
C ALA D 309 -6.24 40.96 14.95
N GLU D 310 -5.19 40.31 15.53
CA GLU D 310 -4.29 39.49 14.68
C GLU D 310 -5.00 38.25 14.10
N GLU D 311 -5.82 37.63 14.97
CA GLU D 311 -6.53 36.47 14.49
C GLU D 311 -7.61 36.80 13.49
N TYR D 312 -8.32 37.93 13.67
CA TYR D 312 -9.25 38.31 12.65
C TYR D 312 -8.53 38.58 11.30
N ALA D 313 -7.42 39.31 11.38
CA ALA D 313 -6.71 39.56 10.11
C ALA D 313 -6.25 38.30 9.40
N LYS D 314 -5.89 37.29 10.23
CA LYS D 314 -5.42 36.02 9.65
C LYS D 314 -6.55 35.20 9.04
N TRP D 315 -7.69 35.15 9.72
CA TRP D 315 -8.71 34.13 9.48
C TRP D 315 -10.06 34.58 9.04
N LYS D 316 -10.37 35.81 9.39
CA LYS D 316 -11.70 36.32 8.95
C LYS D 316 -11.99 36.35 7.45
N PRO D 317 -11.00 36.78 6.64
CA PRO D 317 -11.30 36.62 5.19
C PRO D 317 -11.69 35.23 4.69
N LYS D 318 -10.94 34.20 5.13
CA LYS D 318 -11.38 32.82 4.82
C LYS D 318 -12.75 32.47 5.33
N LEU D 319 -13.00 32.85 6.58
CA LEU D 319 -14.38 32.56 7.14
C LEU D 319 -15.46 33.19 6.30
N ASP D 320 -15.22 34.47 5.87
CA ASP D 320 -16.19 35.12 5.05
C ASP D 320 -16.34 34.52 3.67
N TRP D 321 -15.27 33.98 3.11
CA TRP D 321 -15.36 33.25 1.84
C TRP D 321 -16.36 32.09 1.99
N TYR D 322 -16.17 31.33 3.08
CA TYR D 322 -17.09 30.18 3.29
C TYR D 322 -18.53 30.65 3.53
N LYS D 323 -18.66 31.71 4.31
CA LYS D 323 -20.00 32.27 4.60
C LYS D 323 -20.76 32.56 3.29
N GLU D 324 -20.05 33.21 2.34
CA GLU D 324 -20.74 33.51 1.09
C GLU D 324 -21.33 32.29 0.40
N ARG D 325 -20.63 31.13 0.50
CA ARG D 325 -21.06 29.91 -0.19
C ARG D 325 -21.91 29.00 0.66
N LEU D 326 -21.88 29.16 1.98
CA LEU D 326 -22.72 28.36 2.92
C LEU D 326 -24.00 29.04 3.34
N GLN D 327 -24.14 30.35 3.09
N GLN D 327 -24.13 30.35 3.11
CA GLN D 327 -25.30 31.11 3.55
CA GLN D 327 -25.31 31.16 3.42
C GLN D 327 -26.55 30.42 3.04
C GLN D 327 -26.56 30.41 3.03
N GLY D 328 -27.49 30.19 3.97
CA GLY D 328 -28.74 29.55 3.63
C GLY D 328 -28.78 28.07 3.61
N LYS D 329 -27.66 27.40 3.70
CA LYS D 329 -27.68 25.94 3.73
C LYS D 329 -28.29 25.51 5.08
N LYS D 330 -28.93 24.36 5.08
CA LYS D 330 -29.66 23.84 6.24
C LYS D 330 -28.75 22.70 6.85
N MET D 331 -28.64 22.72 8.17
CA MET D 331 -27.77 21.83 8.91
C MET D 331 -28.60 21.13 10.02
N ALA D 332 -28.26 19.88 10.28
CA ALA D 332 -28.74 19.23 11.45
C ALA D 332 -27.55 18.88 12.35
N ILE D 333 -27.74 18.91 13.68
CA ILE D 333 -26.69 18.55 14.62
C ILE D 333 -27.26 17.46 15.53
N TRP D 334 -26.67 16.29 15.45
CA TRP D 334 -27.12 15.13 16.17
C TRP D 334 -25.91 14.57 16.94
N THR D 335 -25.64 15.16 18.11
CA THR D 335 -24.48 14.86 18.94
C THR D 335 -24.83 14.64 20.38
N GLY D 336 -23.95 14.81 21.34
CA GLY D 336 -24.30 14.57 22.71
C GLY D 336 -25.21 15.55 23.39
N GLY D 337 -25.03 16.84 23.10
CA GLY D 337 -25.87 17.90 23.72
C GLY D 337 -25.27 19.26 23.61
N PRO D 338 -24.18 19.53 24.31
CA PRO D 338 -23.62 20.88 24.29
C PRO D 338 -23.30 21.50 22.98
N ARG D 339 -22.85 20.66 22.05
CA ARG D 339 -22.44 21.23 20.72
C ARG D 339 -23.67 21.87 20.04
N LEU D 340 -24.88 21.38 20.39
CA LEU D 340 -26.06 21.98 19.81
C LEU D 340 -26.10 23.50 20.21
N TRP D 341 -25.95 23.78 21.51
CA TRP D 341 -26.02 25.16 21.96
C TRP D 341 -24.78 25.95 21.65
N HIS D 342 -23.64 25.29 21.56
CA HIS D 342 -22.42 25.99 21.10
C HIS D 342 -22.42 26.37 19.64
N TRP D 343 -23.11 25.61 18.82
CA TRP D 343 -23.03 25.75 17.37
C TRP D 343 -24.24 26.37 16.68
N THR D 344 -25.47 26.27 17.25
CA THR D 344 -26.65 26.69 16.50
C THR D 344 -26.55 28.14 16.03
N LYS D 345 -26.19 29.03 16.94
CA LYS D 345 -26.14 30.45 16.61
C LYS D 345 -24.79 30.87 16.05
N SER D 346 -23.73 30.20 16.42
CA SER D 346 -22.41 30.54 15.81
C SER D 346 -22.37 30.18 14.33
N VAL D 347 -22.88 29.03 13.89
CA VAL D 347 -22.88 28.75 12.49
C VAL D 347 -23.83 29.78 11.77
N GLU D 348 -24.88 30.21 12.43
CA GLU D 348 -25.83 31.18 11.81
C GLU D 348 -25.12 32.53 11.68
N ASP D 349 -24.50 33.01 12.74
CA ASP D 349 -23.89 34.32 12.76
C ASP D 349 -22.68 34.37 11.79
N ASP D 350 -21.84 33.35 11.88
CA ASP D 350 -20.52 33.42 11.22
C ASP D 350 -20.51 32.79 9.87
N LEU D 351 -21.42 31.88 9.56
CA LEU D 351 -21.46 31.18 8.27
C LEU D 351 -22.80 31.30 7.51
N GLY D 352 -23.83 31.95 8.16
CA GLY D 352 -25.11 32.04 7.53
C GLY D 352 -25.91 30.76 7.44
N VAL D 353 -25.46 29.73 8.21
CA VAL D 353 -26.07 28.44 8.12
C VAL D 353 -27.28 28.31 9.11
N GLN D 354 -28.34 27.68 8.64
CA GLN D 354 -29.61 27.52 9.35
C GLN D 354 -29.75 26.09 9.90
N VAL D 355 -29.70 26.03 11.24
CA VAL D 355 -29.79 24.73 11.89
C VAL D 355 -31.27 24.40 12.03
N VAL D 356 -31.70 23.38 11.34
CA VAL D 356 -33.13 22.99 11.21
C VAL D 356 -33.55 21.82 12.08
N ALA D 357 -32.59 21.09 12.67
CA ALA D 357 -32.96 19.94 13.50
C ALA D 357 -31.79 19.64 14.42
N MET D 358 -32.03 19.38 15.69
CA MET D 358 -30.99 19.10 16.60
C MET D 358 -31.46 17.93 17.50
N SER D 359 -30.55 17.04 17.82
CA SER D 359 -30.85 15.90 18.72
C SER D 359 -29.68 15.76 19.67
N SER D 360 -30.02 15.51 20.96
CA SER D 360 -29.08 15.31 22.03
C SER D 360 -29.18 13.94 22.60
N LYS D 361 -28.10 13.19 22.63
CA LYS D 361 -28.14 11.85 23.20
C LYS D 361 -28.49 11.90 24.69
N PHE D 362 -27.93 12.84 25.44
CA PHE D 362 -27.90 12.77 26.89
C PHE D 362 -28.03 14.12 27.61
N GLY D 363 -28.34 15.16 26.84
CA GLY D 363 -28.40 16.47 27.46
C GLY D 363 -29.47 16.49 28.57
N HIS D 364 -29.26 17.38 29.49
CA HIS D 364 -30.20 17.65 30.57
C HIS D 364 -31.15 18.77 30.12
N GLU D 365 -32.14 19.03 31.00
CA GLU D 365 -33.04 20.13 30.71
C GLU D 365 -32.26 21.50 30.59
N GLU D 366 -31.19 21.66 31.35
CA GLU D 366 -30.41 22.80 31.19
C GLU D 366 -29.88 23.00 29.79
N ASP D 367 -29.44 21.92 29.19
CA ASP D 367 -28.92 22.03 27.84
C ASP D 367 -30.04 22.38 26.87
N PHE D 368 -31.26 21.89 27.05
CA PHE D 368 -32.36 22.32 26.23
C PHE D 368 -32.72 23.78 26.43
N GLU D 369 -32.62 24.26 27.69
CA GLU D 369 -32.90 25.69 27.89
C GLU D 369 -31.96 26.51 27.00
N LYS D 370 -30.68 26.14 27.05
CA LYS D 370 -29.68 26.88 26.26
C LYS D 370 -29.93 26.79 24.78
N VAL D 371 -30.17 25.57 24.27
CA VAL D 371 -30.28 25.42 22.85
C VAL D 371 -31.55 26.13 22.32
N ILE D 372 -32.65 26.02 23.06
CA ILE D 372 -33.90 26.67 22.62
C ILE D 372 -33.78 28.19 22.70
N ALA D 373 -33.06 28.72 23.67
CA ALA D 373 -32.81 30.13 23.74
C ALA D 373 -32.10 30.63 22.53
N ARG D 374 -31.11 29.87 22.03
CA ARG D 374 -30.26 30.30 20.94
C ARG D 374 -30.78 29.86 19.57
N GLY D 375 -31.65 28.89 19.49
CA GLY D 375 -32.04 28.30 18.27
C GLY D 375 -33.20 28.99 17.55
N LYS D 376 -33.49 28.48 16.39
CA LYS D 376 -34.46 29.08 15.48
C LYS D 376 -35.87 28.57 15.65
N GLU D 377 -36.84 29.40 15.23
CA GLU D 377 -38.20 28.93 15.04
C GLU D 377 -38.24 28.03 13.81
N GLY D 378 -39.08 27.02 13.88
CA GLY D 378 -39.22 26.06 12.88
C GLY D 378 -38.28 24.87 12.97
N THR D 379 -37.37 24.94 13.92
CA THR D 379 -36.41 23.87 14.19
C THR D 379 -37.00 22.83 15.17
N TYR D 380 -36.62 21.56 14.95
CA TYR D 380 -36.90 20.44 15.84
C TYR D 380 -35.82 20.30 16.86
N TYR D 381 -36.21 20.12 18.12
CA TYR D 381 -35.31 19.94 19.21
C TYR D 381 -35.63 18.61 19.87
N ILE D 382 -34.75 17.60 19.81
CA ILE D 382 -35.06 16.23 20.15
C ILE D 382 -34.18 15.79 21.29
N ASP D 383 -34.77 15.28 22.37
CA ASP D 383 -33.99 14.67 23.44
C ASP D 383 -34.03 13.12 23.21
N ASP D 384 -32.86 12.50 23.29
CA ASP D 384 -32.62 11.07 23.23
C ASP D 384 -33.28 10.53 21.93
N GLY D 385 -32.90 11.10 20.78
CA GLY D 385 -33.40 10.69 19.48
C GLY D 385 -33.02 9.22 19.15
N ASN D 386 -33.84 8.60 18.30
CA ASN D 386 -33.58 7.27 17.87
C ASN D 386 -33.60 7.21 16.32
N GLU D 387 -33.16 6.08 15.81
CA GLU D 387 -32.85 6.00 14.41
C GLU D 387 -34.07 6.27 13.49
N LEU D 388 -35.21 5.67 13.84
CA LEU D 388 -36.38 5.95 12.98
C LEU D 388 -36.81 7.40 12.98
N GLU D 389 -36.63 8.06 14.11
CA GLU D 389 -36.95 9.47 14.22
C GLU D 389 -36.05 10.25 13.30
N PHE D 390 -34.76 9.88 13.24
CA PHE D 390 -33.87 10.58 12.33
C PHE D 390 -34.34 10.54 10.87
N PHE D 391 -34.83 9.41 10.42
CA PHE D 391 -35.35 9.36 9.08
C PHE D 391 -36.54 10.27 8.88
N GLU D 392 -37.44 10.34 9.88
CA GLU D 392 -38.63 11.16 9.73
C GLU D 392 -38.25 12.63 9.76
N ILE D 393 -37.31 13.00 10.62
CA ILE D 393 -36.87 14.38 10.70
C ILE D 393 -36.21 14.80 9.34
N ILE D 394 -35.39 13.89 8.72
CA ILE D 394 -34.83 14.19 7.45
C ILE D 394 -35.94 14.56 6.43
N ASP D 395 -36.99 13.76 6.40
CA ASP D 395 -38.10 14.07 5.50
C ASP D 395 -38.70 15.40 5.75
N LEU D 396 -38.87 15.73 7.04
CA LEU D 396 -39.49 16.99 7.43
C LEU D 396 -38.64 18.26 7.13
N VAL D 397 -37.31 18.21 7.30
CA VAL D 397 -36.52 19.38 7.22
C VAL D 397 -35.51 19.39 6.09
N LYS D 398 -35.23 18.30 5.51
CA LYS D 398 -34.39 18.23 4.29
C LYS D 398 -32.99 18.90 4.43
N PRO D 399 -32.20 18.45 5.41
CA PRO D 399 -30.90 19.10 5.59
C PRO D 399 -29.94 18.89 4.40
N ASP D 400 -29.12 19.91 4.27
CA ASP D 400 -28.01 19.88 3.32
C ASP D 400 -26.76 19.19 3.84
N VAL D 401 -26.64 19.20 5.16
CA VAL D 401 -25.54 18.59 5.85
C VAL D 401 -25.96 18.18 7.26
N ILE D 402 -25.37 17.11 7.75
CA ILE D 402 -25.67 16.68 9.13
C ILE D 402 -24.29 16.51 9.87
N PHE D 403 -24.18 17.12 11.06
CA PHE D 403 -23.07 16.95 11.94
C PHE D 403 -23.43 15.92 12.96
N THR D 404 -22.82 14.77 12.89
CA THR D 404 -23.13 13.64 13.70
C THR D 404 -22.00 12.61 13.78
N GLY D 405 -22.15 11.50 14.43
CA GLY D 405 -21.11 10.51 14.43
C GLY D 405 -20.96 9.73 13.13
N PRO D 406 -19.85 9.02 13.00
CA PRO D 406 -19.59 8.40 11.71
C PRO D 406 -20.51 7.32 11.30
N ARG D 407 -21.07 6.54 12.25
CA ARG D 407 -22.00 5.48 11.81
C ARG D 407 -23.31 6.08 11.27
N VAL D 408 -23.80 7.14 11.92
CA VAL D 408 -25.00 7.82 11.41
C VAL D 408 -24.65 8.50 10.10
N GLY D 409 -23.45 9.04 10.01
CA GLY D 409 -22.99 9.58 8.71
C GLY D 409 -23.05 8.61 7.55
N GLU D 410 -22.61 7.37 7.84
CA GLU D 410 -22.64 6.34 6.86
C GLU D 410 -24.04 5.91 6.49
N LEU D 411 -24.96 6.04 7.43
CA LEU D 411 -26.39 5.75 7.09
C LEU D 411 -26.99 6.84 6.21
N VAL D 412 -26.82 8.11 6.61
CA VAL D 412 -27.46 9.17 5.84
C VAL D 412 -26.82 9.37 4.45
N LYS D 413 -25.60 8.90 4.26
CA LYS D 413 -25.03 8.88 2.94
C LYS D 413 -25.85 8.19 1.92
N LYS D 414 -26.58 7.16 2.32
CA LYS D 414 -27.42 6.39 1.40
C LYS D 414 -28.58 7.28 0.83
N LEU D 415 -28.94 8.30 1.63
CA LEU D 415 -29.95 9.27 1.27
C LEU D 415 -29.42 10.47 0.53
N HIS D 416 -28.12 10.42 0.28
CA HIS D 416 -27.33 11.43 -0.47
C HIS D 416 -27.16 12.65 0.35
N ILE D 417 -27.14 12.50 1.69
CA ILE D 417 -26.90 13.65 2.61
C ILE D 417 -25.47 13.53 3.16
N PRO D 418 -24.64 14.51 2.92
CA PRO D 418 -23.29 14.43 3.41
C PRO D 418 -23.24 14.74 4.94
N TYR D 419 -22.15 14.28 5.55
CA TYR D 419 -21.98 14.53 6.98
C TYR D 419 -20.64 15.12 7.26
N VAL D 420 -20.55 15.76 8.38
CA VAL D 420 -19.30 16.10 9.06
C VAL D 420 -19.32 15.44 10.41
N ASN D 421 -18.22 14.86 10.88
CA ASN D 421 -18.16 14.22 12.16
C ASN D 421 -18.24 15.22 13.27
N GLY D 422 -19.42 15.34 13.89
CA GLY D 422 -19.66 16.35 14.91
C GLY D 422 -19.02 16.04 16.23
N HIS D 423 -18.45 14.82 16.40
CA HIS D 423 -17.83 14.37 17.57
C HIS D 423 -16.26 14.45 17.53
N GLY D 424 -15.73 13.70 16.57
CA GLY D 424 -14.29 13.60 16.39
C GLY D 424 -13.75 14.47 15.28
N TYR D 425 -14.60 15.19 14.60
CA TYR D 425 -14.26 16.08 13.52
C TYR D 425 -13.86 15.37 12.25
N HIS D 426 -13.89 16.11 11.14
CA HIS D 426 -13.24 15.60 9.90
C HIS D 426 -11.73 16.04 9.94
N ASN D 427 -11.48 17.31 9.57
CA ASN D 427 -10.15 17.87 9.61
C ASN D 427 -10.10 19.01 10.56
N GLY D 428 -9.94 18.64 11.82
CA GLY D 428 -9.87 19.59 12.90
C GLY D 428 -8.50 20.16 13.18
N PRO D 429 -8.29 20.85 14.26
CA PRO D 429 -9.24 21.18 15.33
C PRO D 429 -10.33 22.11 14.85
N TYR D 430 -11.43 22.16 15.60
CA TYR D 430 -12.55 23.03 15.31
C TYR D 430 -12.72 24.21 16.32
N MET D 431 -12.07 24.15 17.46
CA MET D 431 -12.18 25.30 18.40
C MET D 431 -11.32 26.49 17.93
N GLY D 432 -11.61 27.63 18.53
CA GLY D 432 -10.84 28.84 18.25
C GLY D 432 -11.18 29.46 16.90
N PHE D 433 -10.35 30.50 16.56
CA PHE D 433 -10.55 31.19 15.32
C PHE D 433 -10.27 30.35 14.07
N GLU D 434 -9.02 29.81 14.07
CA GLU D 434 -8.58 28.87 12.96
C GLU D 434 -9.56 27.69 12.89
N GLY D 435 -9.96 27.20 14.08
CA GLY D 435 -10.81 25.99 14.09
C GLY D 435 -12.16 26.18 13.46
N PHE D 436 -12.75 27.40 13.61
CA PHE D 436 -14.03 27.60 12.96
C PHE D 436 -13.91 27.65 11.45
N VAL D 437 -12.75 28.18 10.99
CA VAL D 437 -12.45 28.10 9.55
C VAL D 437 -12.34 26.61 9.09
N ASN D 438 -11.67 25.81 9.91
CA ASN D 438 -11.59 24.39 9.59
C ASN D 438 -12.99 23.73 9.48
N LEU D 439 -13.82 24.06 10.44
CA LEU D 439 -15.20 23.55 10.39
C LEU D 439 -15.94 23.95 9.15
N ALA D 440 -15.80 25.26 8.84
CA ALA D 440 -16.44 25.77 7.67
C ALA D 440 -15.97 25.05 6.38
N ARG D 441 -14.63 24.86 6.30
CA ARG D 441 -14.06 24.16 5.13
C ARG D 441 -14.63 22.77 4.96
N ASP D 442 -14.70 22.04 6.08
CA ASP D 442 -15.25 20.71 5.99
C ASP D 442 -16.75 20.71 5.59
N MET D 443 -17.53 21.64 6.17
CA MET D 443 -18.89 21.77 5.75
C MET D 443 -19.03 22.09 4.26
N TYR D 444 -18.19 23.01 3.79
CA TYR D 444 -18.21 23.36 2.36
C TYR D 444 -17.87 22.18 1.42
N ASN D 445 -16.78 21.50 1.81
CA ASN D 445 -16.41 20.33 0.98
C ASN D 445 -17.39 19.19 1.06
N ALA D 446 -18.04 19.03 2.20
CA ALA D 446 -19.06 18.02 2.31
C ALA D 446 -20.28 18.32 1.39
N VAL D 447 -20.72 19.58 1.42
CA VAL D 447 -21.92 19.94 0.64
C VAL D 447 -21.60 20.11 -0.83
N HIS D 448 -20.50 20.77 -1.17
CA HIS D 448 -20.18 21.02 -2.58
C HIS D 448 -19.31 19.90 -3.13
N ASN D 449 -19.88 18.72 -3.29
CA ASN D 449 -19.19 17.48 -3.54
C ASN D 449 -19.72 16.81 -4.73
N PRO D 450 -18.91 16.63 -5.77
CA PRO D 450 -19.44 16.03 -7.00
C PRO D 450 -20.11 14.71 -6.81
N LEU D 451 -19.64 13.93 -5.82
CA LEU D 451 -20.17 12.61 -5.66
C LEU D 451 -21.68 12.55 -5.36
N ARG D 452 -22.15 13.58 -4.65
CA ARG D 452 -23.53 13.68 -4.31
C ARG D 452 -24.41 13.86 -5.52
N HIS D 453 -23.95 14.70 -6.45
CA HIS D 453 -24.68 14.93 -7.68
C HIS D 453 -24.63 13.69 -8.58
N LEU D 454 -23.46 13.03 -8.61
CA LEU D 454 -23.33 11.85 -9.41
C LEU D 454 -24.26 10.71 -8.95
N ALA D 455 -24.37 10.60 -7.58
CA ALA D 455 -25.15 9.50 -7.04
C ALA D 455 -26.65 9.58 -7.42
N ALA D 456 -27.12 10.80 -7.65
CA ALA D 456 -28.52 11.03 -8.05
C ALA D 456 -28.89 10.61 -9.44
N VAL D 457 -27.85 10.55 -10.29
CA VAL D 457 -28.07 10.21 -11.70
C VAL D 457 -28.35 8.72 -11.89
N ASP D 458 -29.46 8.36 -12.57
CA ASP D 458 -29.68 7.01 -12.96
C ASP D 458 -29.27 6.96 -14.43
N ILE D 459 -28.23 6.21 -14.64
CA ILE D 459 -27.68 6.08 -16.00
C ILE D 459 -28.61 5.40 -16.98
N ARG D 460 -29.62 4.70 -16.46
CA ARG D 460 -30.59 4.05 -17.35
C ARG D 460 -31.62 5.06 -17.92
N ASP D 461 -31.66 6.27 -17.39
CA ASP D 461 -32.72 7.23 -17.73
C ASP D 461 -32.20 8.04 -18.94
N LYS D 462 -32.82 7.82 -20.10
CA LYS D 462 -32.35 8.43 -21.35
C LYS D 462 -32.50 9.93 -21.30
N SER D 463 -33.38 10.43 -20.49
CA SER D 463 -33.59 11.87 -20.38
C SER D 463 -32.56 12.53 -19.49
N GLN D 464 -31.75 11.72 -18.77
CA GLN D 464 -30.76 12.29 -17.81
C GLN D 464 -29.33 12.29 -18.42
N THR D 465 -28.58 13.33 -18.12
CA THR D 465 -27.14 13.34 -18.44
C THR D 465 -26.42 13.28 -17.10
N THR D 466 -25.11 13.21 -17.15
CA THR D 466 -24.25 13.29 -15.93
C THR D 466 -23.66 14.72 -15.82
N PRO D 467 -23.89 15.43 -14.67
CA PRO D 467 -23.44 16.84 -14.56
C PRO D 467 -21.97 16.84 -14.19
N VAL D 468 -21.44 18.06 -14.32
CA VAL D 468 -20.10 18.48 -13.91
C VAL D 468 -20.34 19.62 -12.95
N ILE D 469 -19.72 19.55 -11.73
CA ILE D 469 -19.96 20.61 -10.79
C ILE D 469 -18.63 21.39 -10.62
N VAL D 470 -18.80 22.68 -10.48
CA VAL D 470 -17.75 23.67 -10.23
C VAL D 470 -17.58 23.99 -8.73
N ARG D 471 -16.40 23.80 -8.26
CA ARG D 471 -16.24 24.07 -6.84
C ARG D 471 -15.42 25.29 -6.73
N GLY D 472 -14.97 25.56 -5.51
CA GLY D 472 -14.13 26.64 -5.16
C GLY D 472 -13.25 26.23 -3.99
N ALA D 473 -12.36 27.17 -3.63
CA ALA D 473 -11.52 27.08 -2.42
C ALA D 473 -11.21 28.48 -1.90
N ALA D 474 -11.28 28.64 -0.56
CA ALA D 474 -11.00 29.95 0.08
C ALA D 474 -9.60 30.42 -0.04
N ALA E 12 -9.70 31.19 -13.09
CA ALA E 12 -8.56 30.17 -13.01
C ALA E 12 -8.14 29.68 -14.39
N GLU E 13 -6.85 29.45 -14.50
CA GLU E 13 -6.38 29.16 -15.84
C GLU E 13 -5.77 27.82 -16.03
N VAL E 14 -6.12 27.17 -17.13
CA VAL E 14 -5.49 25.99 -17.56
C VAL E 14 -4.57 26.43 -18.71
N LYS E 15 -3.29 26.34 -18.37
CA LYS E 15 -2.23 26.83 -19.30
C LYS E 15 -1.48 25.61 -19.90
N LEU E 16 -1.24 25.64 -21.19
CA LEU E 16 -0.44 24.57 -21.90
C LEU E 16 0.89 25.21 -22.17
N SER E 17 1.97 24.52 -21.80
CA SER E 17 3.25 25.08 -22.11
C SER E 17 4.19 23.92 -22.48
N PRO E 18 5.17 24.20 -23.33
CA PRO E 18 6.09 23.20 -23.75
C PRO E 18 7.23 23.13 -22.71
N ARG E 19 7.96 22.04 -22.69
CA ARG E 19 9.26 21.98 -21.99
C ARG E 19 10.14 23.09 -22.58
N ASP E 20 10.84 23.75 -21.69
CA ASP E 20 11.71 24.89 -22.18
C ASP E 20 13.13 24.48 -22.49
N ARG E 21 13.55 23.27 -22.30
CA ARG E 21 14.83 22.80 -22.62
C ARG E 21 14.78 21.96 -23.95
N GLU E 22 15.91 21.99 -24.68
CA GLU E 22 16.06 21.17 -25.82
C GLU E 22 16.26 19.70 -25.50
N GLY E 23 17.09 19.43 -24.56
CA GLY E 23 17.38 18.06 -24.21
C GLY E 23 16.31 17.50 -23.22
N ILE E 24 16.39 16.23 -23.00
CA ILE E 24 15.57 15.49 -22.06
C ILE E 24 16.39 14.99 -20.90
N ILE E 25 15.86 15.09 -19.72
CA ILE E 25 16.37 14.38 -18.57
C ILE E 25 15.22 13.50 -18.03
N ASN E 26 15.37 12.19 -18.01
CA ASN E 26 14.33 11.26 -17.45
C ASN E 26 13.10 11.23 -18.33
N PRO E 27 13.16 10.59 -19.53
CA PRO E 27 12.07 10.56 -20.46
C PRO E 27 10.84 9.84 -19.87
N MET E 28 9.70 10.43 -20.23
CA MET E 28 8.41 9.84 -19.75
C MET E 28 7.98 8.65 -20.54
N TYR E 29 8.26 8.58 -21.85
CA TYR E 29 7.86 7.53 -22.74
C TYR E 29 9.10 6.95 -23.44
N ASP E 30 8.91 5.76 -24.01
CA ASP E 30 9.83 5.17 -24.91
C ASP E 30 9.52 5.67 -26.33
N CYS E 31 10.35 5.19 -27.30
CA CYS E 31 10.18 5.59 -28.68
C CYS E 31 9.10 4.80 -29.42
N GLN E 32 8.80 5.26 -30.63
CA GLN E 32 7.75 4.61 -31.39
C GLN E 32 7.82 3.13 -31.56
N PRO E 33 9.01 2.56 -31.87
CA PRO E 33 9.05 1.12 -32.13
C PRO E 33 8.65 0.30 -30.87
N ALA E 34 8.90 0.84 -29.68
CA ALA E 34 8.49 0.13 -28.49
C ALA E 34 6.95 0.00 -28.41
N GLY E 35 6.24 1.05 -28.80
CA GLY E 35 4.77 1.00 -28.80
C GLY E 35 4.25 0.07 -29.89
N ALA E 36 4.98 0.03 -31.02
CA ALA E 36 4.56 -0.87 -32.04
C ALA E 36 4.68 -2.30 -31.62
N GLN E 37 5.76 -2.60 -30.87
CA GLN E 37 5.95 -3.92 -30.31
C GLN E 37 4.79 -4.24 -29.38
N TYR E 38 4.44 -3.29 -28.55
CA TYR E 38 3.33 -3.55 -27.58
C TYR E 38 2.06 -3.92 -28.30
N ALA E 39 1.75 -3.21 -29.36
CA ALA E 39 0.58 -3.53 -30.14
C ALA E 39 0.57 -4.93 -30.66
N GLY E 40 1.74 -5.32 -31.20
CA GLY E 40 1.86 -6.58 -31.83
C GLY E 40 1.76 -7.77 -30.91
N ILE E 41 2.28 -7.67 -29.68
CA ILE E 41 2.27 -8.82 -28.75
C ILE E 41 0.86 -9.17 -28.24
N GLY E 42 -0.13 -8.32 -28.53
CA GLY E 42 -1.53 -8.63 -28.21
C GLY E 42 -2.21 -9.48 -29.25
N ILE E 43 -1.56 -9.81 -30.36
CA ILE E 43 -2.16 -10.59 -31.46
C ILE E 43 -1.73 -12.06 -31.30
N LYS E 44 -2.68 -12.98 -31.32
N LYS E 44 -2.66 -12.98 -31.36
CA LYS E 44 -2.36 -14.40 -31.32
CA LYS E 44 -2.36 -14.39 -31.33
C LYS E 44 -1.55 -14.79 -32.56
C LYS E 44 -1.55 -14.81 -32.54
N ASP E 45 -0.52 -15.62 -32.33
CA ASP E 45 0.28 -16.13 -33.44
C ASP E 45 1.01 -15.03 -34.21
N CYS E 46 1.43 -14.05 -33.45
CA CYS E 46 2.15 -12.87 -33.94
C CYS E 46 3.48 -12.82 -33.21
N ILE E 47 4.53 -12.60 -34.01
CA ILE E 47 5.89 -12.24 -33.53
C ILE E 47 6.34 -11.01 -34.30
N PRO E 48 6.35 -9.85 -33.70
CA PRO E 48 6.86 -8.66 -34.36
C PRO E 48 8.35 -8.85 -34.72
N LEU E 49 8.74 -8.21 -35.81
CA LEU E 49 10.15 -8.21 -36.30
C LEU E 49 10.57 -6.76 -36.38
N VAL E 50 11.52 -6.43 -35.51
CA VAL E 50 11.98 -5.03 -35.37
C VAL E 50 13.26 -4.88 -36.18
N HIS E 51 13.13 -4.06 -37.22
CA HIS E 51 14.21 -3.92 -38.21
C HIS E 51 15.10 -2.74 -37.79
N GLY E 52 16.23 -3.14 -37.22
CA GLY E 52 17.19 -2.20 -36.62
C GLY E 52 18.22 -2.98 -35.83
N GLY E 53 18.95 -2.19 -35.01
CA GLY E 53 19.88 -2.81 -34.12
C GLY E 53 19.21 -3.62 -33.04
N GLN E 54 19.98 -4.43 -32.42
CA GLN E 54 19.51 -5.47 -31.45
C GLN E 54 18.95 -4.86 -30.20
N GLY E 55 19.43 -3.74 -29.75
CA GLY E 55 18.96 -3.12 -28.51
C GLY E 55 17.51 -2.69 -28.65
N CYS E 56 17.10 -2.33 -29.87
CA CYS E 56 15.75 -1.86 -30.09
C CYS E 56 14.74 -2.94 -29.78
N THR E 57 15.09 -4.20 -29.88
CA THR E 57 14.26 -5.34 -29.50
C THR E 57 14.53 -5.69 -28.08
N MET E 58 15.77 -6.00 -27.71
CA MET E 58 16.02 -6.60 -26.38
C MET E 58 15.60 -5.71 -25.21
N PHE E 59 15.82 -4.42 -25.34
CA PHE E 59 15.46 -3.52 -24.24
C PHE E 59 13.94 -3.45 -24.03
N VAL E 60 13.17 -3.59 -25.13
CA VAL E 60 11.71 -3.53 -25.06
C VAL E 60 11.18 -4.83 -24.54
N ARG E 61 11.74 -5.95 -24.93
CA ARG E 61 11.32 -7.21 -24.33
C ARG E 61 11.54 -7.13 -22.79
N LEU E 62 12.64 -6.51 -22.34
CA LEU E 62 12.87 -6.32 -20.93
C LEU E 62 11.83 -5.43 -20.30
N LEU E 63 11.50 -4.33 -20.91
CA LEU E 63 10.48 -3.42 -20.41
C LEU E 63 9.16 -4.14 -20.25
N PHE E 64 8.78 -4.97 -21.19
CA PHE E 64 7.51 -5.69 -20.99
C PHE E 64 7.63 -6.69 -19.85
N ALA E 65 8.75 -7.32 -19.63
CA ALA E 65 8.98 -8.23 -18.51
C ALA E 65 8.94 -7.41 -17.23
N GLN E 66 9.34 -6.17 -17.19
CA GLN E 66 9.30 -5.37 -15.98
C GLN E 66 7.82 -5.12 -15.63
N HIS E 67 7.02 -4.71 -16.60
CA HIS E 67 5.64 -4.36 -16.34
C HIS E 67 4.77 -5.58 -16.00
N PHE E 68 4.87 -6.63 -16.82
CA PHE E 68 4.02 -7.80 -16.71
C PHE E 68 4.57 -8.98 -16.01
N LYS E 69 5.90 -9.01 -15.74
CA LYS E 69 6.57 -10.15 -15.18
C LYS E 69 6.32 -11.44 -16.07
N GLU E 70 6.37 -11.20 -17.41
CA GLU E 70 6.26 -12.22 -18.41
C GLU E 70 7.17 -11.94 -19.57
N ASN E 71 7.52 -13.05 -20.24
CA ASN E 71 8.21 -13.01 -21.49
C ASN E 71 7.21 -12.81 -22.64
N PHE E 72 7.56 -11.99 -23.63
CA PHE E 72 6.83 -11.83 -24.88
C PHE E 72 7.85 -11.97 -26.01
N ASP E 73 7.49 -12.72 -27.06
CA ASP E 73 8.34 -12.99 -28.22
C ASP E 73 8.27 -11.85 -29.20
N VAL E 74 9.49 -11.27 -29.45
CA VAL E 74 9.72 -10.19 -30.44
C VAL E 74 11.08 -10.50 -31.04
N ALA E 75 11.26 -10.46 -32.35
CA ALA E 75 12.54 -10.78 -32.97
C ALA E 75 13.14 -9.49 -33.52
N SER E 76 14.45 -9.57 -33.77
CA SER E 76 15.26 -8.50 -34.38
C SER E 76 15.77 -8.91 -35.75
N THR E 77 15.96 -7.91 -36.62
CA THR E 77 16.73 -8.15 -37.86
C THR E 77 18.23 -8.06 -37.66
N SER E 78 18.66 -7.66 -36.45
CA SER E 78 20.13 -7.68 -36.17
C SER E 78 20.91 -6.85 -37.22
N LEU E 79 20.57 -5.63 -37.39
CA LEU E 79 21.30 -4.72 -38.27
C LEU E 79 22.77 -4.64 -37.75
N HIS E 80 23.74 -4.86 -38.64
CA HIS E 80 25.13 -4.75 -38.29
C HIS E 80 25.84 -3.76 -39.29
N GLU E 81 27.16 -3.61 -39.18
CA GLU E 81 27.81 -2.56 -39.90
C GLU E 81 27.69 -2.60 -41.43
N GLU E 82 27.68 -3.79 -42.00
CA GLU E 82 27.57 -3.96 -43.44
C GLU E 82 26.26 -3.38 -44.00
N SER E 83 25.19 -3.62 -43.22
CA SER E 83 23.87 -3.14 -43.61
C SER E 83 23.80 -1.63 -43.46
N ALA E 84 24.52 -1.05 -42.50
CA ALA E 84 24.55 0.41 -42.39
C ALA E 84 25.17 1.11 -43.54
N VAL E 85 26.06 0.45 -44.30
CA VAL E 85 26.75 0.98 -45.45
C VAL E 85 26.01 0.69 -46.74
N PHE E 86 25.45 -0.53 -46.86
CA PHE E 86 24.83 -0.95 -48.08
C PHE E 86 23.29 -1.14 -48.08
N GLY E 87 22.66 -0.99 -46.94
CA GLY E 87 21.21 -1.15 -46.71
C GLY E 87 20.99 -2.54 -46.07
N GLY E 88 19.83 -2.61 -45.43
CA GLY E 88 19.43 -3.69 -44.56
C GLY E 88 18.36 -4.58 -45.07
N ALA E 89 17.91 -4.39 -46.28
CA ALA E 89 16.81 -5.26 -46.78
C ALA E 89 17.02 -6.79 -46.65
N LYS E 90 18.26 -7.29 -46.86
CA LYS E 90 18.51 -8.69 -46.76
C LYS E 90 18.31 -9.20 -45.30
N ARG E 91 18.52 -8.33 -44.34
CA ARG E 91 18.28 -8.68 -42.92
C ARG E 91 16.81 -8.86 -42.64
N VAL E 92 15.96 -8.03 -43.21
CA VAL E 92 14.46 -8.16 -43.09
C VAL E 92 14.02 -9.42 -43.68
N GLU E 93 14.52 -9.70 -44.91
CA GLU E 93 14.06 -10.83 -45.66
C GLU E 93 14.51 -12.14 -45.03
N GLU E 94 15.76 -12.18 -44.52
CA GLU E 94 16.19 -13.34 -43.80
C GLU E 94 15.39 -13.49 -42.53
N GLY E 95 15.18 -12.42 -41.80
CA GLY E 95 14.46 -12.55 -40.52
C GLY E 95 13.05 -13.09 -40.68
N VAL E 96 12.34 -12.59 -41.72
CA VAL E 96 10.96 -13.14 -41.95
C VAL E 96 11.00 -14.64 -42.21
N LEU E 97 11.96 -15.10 -43.11
CA LEU E 97 12.00 -16.52 -43.37
C LEU E 97 12.42 -17.37 -42.20
N VAL E 98 13.42 -16.90 -41.45
CA VAL E 98 13.87 -17.65 -40.28
C VAL E 98 12.71 -17.76 -39.22
N LEU E 99 11.94 -16.69 -39.07
CA LEU E 99 10.71 -16.78 -38.22
C LEU E 99 9.74 -17.82 -38.77
N ALA E 100 9.43 -17.72 -40.01
CA ALA E 100 8.44 -18.61 -40.55
C ALA E 100 8.83 -20.08 -40.53
N ARG E 101 10.14 -20.34 -40.75
CA ARG E 101 10.67 -21.70 -40.74
C ARG E 101 10.71 -22.36 -39.40
N ARG E 102 10.87 -21.54 -38.36
CA ARG E 102 11.09 -22.05 -37.01
C ARG E 102 9.87 -21.94 -36.11
N TYR E 103 8.84 -21.18 -36.56
CA TYR E 103 7.59 -21.03 -35.83
C TYR E 103 6.46 -21.40 -36.79
N PRO E 104 6.14 -22.71 -36.84
CA PRO E 104 5.15 -23.14 -37.87
C PRO E 104 3.73 -22.60 -37.69
N ASN E 105 3.41 -22.13 -36.47
CA ASN E 105 2.08 -21.57 -36.25
C ASN E 105 2.01 -20.04 -36.40
N LEU E 106 3.11 -19.41 -36.72
CA LEU E 106 3.14 -17.96 -36.90
C LEU E 106 2.25 -17.55 -38.05
N ARG E 107 1.46 -16.52 -37.81
CA ARG E 107 0.49 -15.92 -38.79
C ARG E 107 0.71 -14.49 -39.13
N VAL E 108 1.27 -13.66 -38.17
CA VAL E 108 1.35 -12.24 -38.41
C VAL E 108 2.69 -11.76 -37.98
N ILE E 109 3.32 -10.96 -38.85
CA ILE E 109 4.61 -10.34 -38.56
C ILE E 109 4.49 -8.88 -38.93
N PRO E 110 4.30 -7.98 -37.95
CA PRO E 110 4.46 -6.53 -38.15
C PRO E 110 5.99 -6.34 -38.26
N ILE E 111 6.38 -5.67 -39.34
CA ILE E 111 7.76 -5.34 -39.64
C ILE E 111 7.94 -3.89 -39.27
N ILE E 112 8.59 -3.68 -38.14
CA ILE E 112 8.62 -2.39 -37.43
C ILE E 112 9.96 -1.71 -37.71
N THR E 113 9.96 -0.52 -38.22
CA THR E 113 11.19 0.15 -38.50
C THR E 113 11.66 0.88 -37.25
N THR E 114 12.93 1.30 -37.28
CA THR E 114 13.53 1.99 -36.20
C THR E 114 14.22 3.25 -36.69
N CYS E 115 14.87 4.04 -35.80
CA CYS E 115 15.63 5.17 -36.28
C CYS E 115 16.64 4.73 -37.38
N SER E 116 17.40 3.69 -37.18
CA SER E 116 18.44 3.31 -38.15
C SER E 116 17.89 3.05 -39.51
N THR E 117 16.82 2.27 -39.59
CA THR E 117 16.33 1.79 -40.85
C THR E 117 15.44 2.85 -41.52
N GLU E 118 14.84 3.78 -40.77
CA GLU E 118 14.26 4.99 -41.33
C GLU E 118 15.37 5.89 -41.97
N VAL E 119 16.46 6.11 -41.24
CA VAL E 119 17.49 6.93 -41.79
C VAL E 119 18.07 6.35 -43.04
N ILE E 120 18.38 5.06 -43.04
CA ILE E 120 18.97 4.53 -44.25
C ILE E 120 17.97 4.25 -45.35
N GLY E 121 16.70 4.35 -45.09
CA GLY E 121 15.73 4.25 -46.18
C GLY E 121 15.45 2.88 -46.74
N ASP E 122 15.54 1.84 -45.94
CA ASP E 122 15.29 0.56 -46.48
C ASP E 122 13.82 0.50 -46.96
N ASP E 123 13.62 -0.18 -48.07
CA ASP E 123 12.29 -0.27 -48.75
C ASP E 123 11.53 -1.44 -48.14
N ILE E 124 10.74 -1.16 -47.11
CA ILE E 124 10.07 -2.22 -46.40
C ILE E 124 8.99 -2.87 -47.29
N GLU E 125 8.25 -2.09 -48.02
CA GLU E 125 7.18 -2.64 -48.84
C GLU E 125 7.78 -3.52 -49.93
N GLY E 126 8.96 -3.12 -50.47
CA GLY E 126 9.65 -3.98 -51.47
C GLY E 126 10.09 -5.29 -50.86
N SER E 127 10.65 -5.23 -49.64
CA SER E 127 10.99 -6.50 -48.96
C SER E 127 9.81 -7.39 -48.65
N ILE E 128 8.69 -6.78 -48.33
CA ILE E 128 7.47 -7.52 -48.14
C ILE E 128 7.02 -8.27 -49.44
N ARG E 129 7.16 -7.57 -50.57
CA ARG E 129 6.83 -8.31 -51.81
C ARG E 129 7.71 -9.54 -52.04
N VAL E 130 9.02 -9.37 -51.81
CA VAL E 130 9.94 -10.48 -51.90
C VAL E 130 9.56 -11.61 -50.95
N CYS E 131 9.32 -11.22 -49.69
CA CYS E 131 8.96 -12.22 -48.74
C CYS E 131 7.60 -12.94 -48.99
N ASN E 132 6.66 -12.18 -49.49
CA ASN E 132 5.36 -12.81 -49.81
C ASN E 132 5.56 -13.85 -50.91
N ARG E 133 6.35 -13.50 -51.93
CA ARG E 133 6.64 -14.53 -52.97
C ARG E 133 7.33 -15.72 -52.40
N ALA E 134 8.36 -15.53 -51.58
CA ALA E 134 9.12 -16.64 -51.02
C ALA E 134 8.27 -17.52 -50.13
N LEU E 135 7.46 -16.87 -49.29
CA LEU E 135 6.58 -17.62 -48.37
C LEU E 135 5.49 -18.42 -49.09
N GLU E 136 4.97 -17.82 -50.17
CA GLU E 136 3.96 -18.52 -50.99
C GLU E 136 4.50 -19.76 -51.61
N ALA E 137 5.79 -19.66 -52.05
CA ALA E 137 6.42 -20.81 -52.72
C ALA E 137 6.79 -21.89 -51.71
N GLU E 138 7.33 -21.46 -50.52
CA GLU E 138 7.90 -22.43 -49.59
C GLU E 138 6.80 -23.08 -48.69
N PHE E 139 5.71 -22.36 -48.42
CA PHE E 139 4.65 -22.79 -47.46
C PHE E 139 3.28 -22.60 -48.15
N PRO E 140 2.97 -23.46 -49.14
CA PRO E 140 1.76 -23.24 -49.97
C PRO E 140 0.44 -23.20 -49.21
N ASP E 141 0.38 -23.94 -48.11
CA ASP E 141 -0.87 -23.96 -47.37
C ASP E 141 -0.92 -23.04 -46.17
N ARG E 142 -0.04 -22.08 -46.14
CA ARG E 142 0.04 -21.12 -45.05
C ARG E 142 -0.14 -19.75 -45.55
N LYS E 143 -0.76 -18.90 -44.75
CA LYS E 143 -0.82 -17.49 -45.01
C LYS E 143 -0.22 -16.69 -43.85
N ILE E 144 0.81 -15.93 -44.15
CA ILE E 144 1.45 -15.05 -43.15
C ILE E 144 1.23 -13.65 -43.60
N TYR E 145 0.75 -12.78 -42.68
CA TYR E 145 0.42 -11.43 -42.98
C TYR E 145 1.60 -10.55 -42.50
N LEU E 146 2.25 -9.88 -43.43
CA LEU E 146 3.36 -8.99 -43.19
C LEU E 146 2.87 -7.56 -43.28
N ALA E 147 2.92 -6.84 -42.15
CA ALA E 147 2.45 -5.48 -42.08
C ALA E 147 3.60 -4.49 -41.94
N PRO E 148 3.71 -3.54 -42.86
CA PRO E 148 4.81 -2.56 -42.75
C PRO E 148 4.42 -1.53 -41.70
N VAL E 149 5.29 -1.34 -40.74
CA VAL E 149 5.03 -0.39 -39.65
C VAL E 149 6.15 0.64 -39.61
N HIS E 150 5.89 1.82 -40.10
CA HIS E 150 6.87 2.89 -40.13
C HIS E 150 6.87 3.68 -38.84
N THR E 151 7.90 3.49 -38.04
CA THR E 151 7.99 4.05 -36.71
C THR E 151 9.33 4.72 -36.40
N PRO E 152 9.69 5.74 -37.22
CA PRO E 152 10.94 6.46 -36.78
C PRO E 152 10.90 7.00 -35.35
N SER E 153 11.97 6.78 -34.60
CA SER E 153 11.95 7.15 -33.22
C SER E 153 12.12 8.60 -32.92
N PHE E 154 12.55 9.32 -33.97
CA PHE E 154 12.85 10.76 -33.90
C PHE E 154 11.56 11.60 -34.11
N LYS E 155 10.37 10.97 -34.10
CA LYS E 155 9.13 11.74 -33.93
C LYS E 155 8.23 10.92 -33.02
N GLY E 156 7.27 11.62 -32.43
CA GLY E 156 6.28 10.94 -31.62
C GLY E 156 6.90 10.20 -30.41
N SER E 157 6.30 9.03 -30.12
CA SER E 157 6.65 8.27 -28.93
C SER E 157 6.03 6.89 -29.02
N HIS E 158 6.18 6.11 -27.94
CA HIS E 158 5.59 4.82 -27.97
C HIS E 158 4.03 4.89 -28.10
N VAL E 159 3.43 6.03 -27.70
CA VAL E 159 1.97 6.20 -27.86
C VAL E 159 1.59 6.20 -29.34
N THR E 160 2.36 7.02 -30.09
CA THR E 160 2.15 7.14 -31.55
C THR E 160 2.46 5.84 -32.26
N GLY E 161 3.52 5.16 -31.79
CA GLY E 161 3.88 3.90 -32.40
C GLY E 161 2.89 2.80 -32.22
N TYR E 162 2.29 2.76 -31.01
CA TYR E 162 1.19 1.81 -30.80
C TYR E 162 0.06 2.08 -31.81
N ALA E 163 -0.33 3.35 -31.91
CA ALA E 163 -1.41 3.69 -32.82
C ALA E 163 -1.14 3.35 -34.27
N GLU E 164 0.11 3.57 -34.66
CA GLU E 164 0.50 3.29 -36.02
C GLU E 164 0.51 1.84 -36.34
N CYS E 165 0.98 1.02 -35.37
CA CYS E 165 1.07 -0.43 -35.56
C CYS E 165 -0.36 -1.04 -35.67
N VAL E 166 -1.25 -0.62 -34.76
CA VAL E 166 -2.63 -1.15 -34.81
C VAL E 166 -3.22 -0.83 -36.21
N LYS E 167 -3.04 0.41 -36.63
CA LYS E 167 -3.61 0.77 -37.90
C LYS E 167 -3.09 -0.01 -39.07
N SER E 168 -1.75 -0.16 -39.09
CA SER E 168 -1.12 -0.95 -40.21
C SER E 168 -1.52 -2.40 -40.24
N VAL E 169 -1.58 -3.02 -39.04
CA VAL E 169 -2.03 -4.38 -38.97
C VAL E 169 -3.49 -4.53 -39.51
N PHE E 170 -4.37 -3.66 -39.02
CA PHE E 170 -5.75 -3.64 -39.44
C PHE E 170 -5.90 -3.44 -40.96
N LYS E 171 -5.12 -2.49 -41.46
CA LYS E 171 -5.09 -2.25 -42.95
C LYS E 171 -4.67 -3.49 -43.69
N THR E 172 -3.59 -4.14 -43.20
CA THR E 172 -3.10 -5.29 -43.90
C THR E 172 -4.07 -6.43 -43.91
N ILE E 173 -4.60 -6.74 -42.74
CA ILE E 173 -5.46 -7.93 -42.66
C ILE E 173 -6.86 -7.64 -43.35
N THR E 174 -7.38 -6.47 -43.18
CA THR E 174 -8.68 -6.15 -43.81
C THR E 174 -8.53 -5.97 -45.33
N ASP E 175 -7.34 -5.59 -45.79
CA ASP E 175 -7.09 -5.44 -47.23
C ASP E 175 -7.21 -6.83 -47.81
N ALA E 176 -6.69 -7.81 -47.13
CA ALA E 176 -6.69 -9.21 -47.60
C ALA E 176 -8.09 -9.82 -47.63
N HIS E 177 -8.94 -9.46 -46.68
CA HIS E 177 -10.22 -10.17 -46.54
C HIS E 177 -11.46 -9.40 -46.95
N GLY E 178 -11.43 -8.08 -46.86
CA GLY E 178 -12.52 -7.21 -47.24
C GLY E 178 -13.76 -7.38 -46.37
N LYS E 179 -14.84 -6.91 -46.93
CA LYS E 179 -16.09 -6.90 -46.29
C LYS E 179 -16.82 -8.17 -46.61
N GLY E 180 -17.52 -8.68 -45.62
CA GLY E 180 -18.15 -9.99 -45.59
C GLY E 180 -19.60 -9.76 -45.14
N GLN E 181 -20.09 -10.75 -44.42
CA GLN E 181 -21.51 -10.65 -43.81
C GLN E 181 -21.45 -9.82 -42.49
N PRO E 182 -22.46 -8.96 -42.21
CA PRO E 182 -22.55 -8.24 -40.89
C PRO E 182 -22.41 -9.15 -39.72
N SER E 183 -21.59 -8.72 -38.76
CA SER E 183 -21.28 -9.56 -37.64
C SER E 183 -22.29 -9.37 -36.45
N GLY E 184 -22.86 -8.15 -36.38
CA GLY E 184 -23.66 -7.72 -35.23
C GLY E 184 -22.82 -7.27 -34.09
N LYS E 185 -21.48 -7.26 -34.22
CA LYS E 185 -20.59 -7.01 -33.06
C LYS E 185 -20.12 -5.55 -33.08
N LEU E 186 -19.65 -5.03 -31.94
CA LEU E 186 -18.94 -3.77 -31.86
C LEU E 186 -17.43 -4.08 -32.00
N ASN E 187 -16.73 -3.18 -32.63
CA ASN E 187 -15.28 -3.11 -32.50
C ASN E 187 -14.99 -2.21 -31.29
N VAL E 188 -14.02 -2.59 -30.47
CA VAL E 188 -13.68 -1.71 -29.34
C VAL E 188 -12.14 -1.55 -29.31
N PHE E 189 -11.70 -0.32 -29.32
CA PHE E 189 -10.25 0.00 -29.20
C PHE E 189 -10.10 0.71 -27.83
N PRO E 190 -9.65 -0.07 -26.82
CA PRO E 190 -9.55 0.61 -25.50
C PRO E 190 -8.30 1.43 -25.35
N GLY E 191 -7.37 1.28 -26.31
CA GLY E 191 -6.08 1.91 -26.18
C GLY E 191 -5.15 1.04 -25.34
N TRP E 192 -4.11 1.69 -24.80
CA TRP E 192 -3.04 1.01 -24.08
C TRP E 192 -3.46 0.93 -22.64
N VAL E 193 -4.00 -0.23 -22.31
CA VAL E 193 -4.61 -0.49 -20.99
C VAL E 193 -4.03 -1.81 -20.46
N ASN E 194 -4.32 -2.12 -19.17
CA ASN E 194 -3.84 -3.31 -18.55
C ASN E 194 -4.77 -4.50 -18.79
N PRO E 195 -4.34 -5.71 -18.63
CA PRO E 195 -5.20 -6.90 -18.66
C PRO E 195 -6.41 -6.69 -17.76
N GLY E 196 -6.23 -6.11 -16.59
CA GLY E 196 -7.38 -5.90 -15.72
C GLY E 196 -8.45 -5.01 -16.32
N ASP E 197 -8.04 -4.01 -17.09
CA ASP E 197 -8.99 -3.11 -17.78
C ASP E 197 -9.78 -3.92 -18.86
N VAL E 198 -9.10 -4.79 -19.59
CA VAL E 198 -9.74 -5.64 -20.58
C VAL E 198 -10.74 -6.56 -19.90
N VAL E 199 -10.38 -7.17 -18.78
CA VAL E 199 -11.30 -8.03 -18.01
C VAL E 199 -12.58 -7.24 -17.66
N LEU E 200 -12.43 -6.03 -17.18
CA LEU E 200 -13.57 -5.19 -16.83
C LEU E 200 -14.44 -4.92 -18.02
N LEU E 201 -13.85 -4.50 -19.16
CA LEU E 201 -14.68 -4.22 -20.31
C LEU E 201 -15.40 -5.46 -20.75
N LYS E 202 -14.77 -6.61 -20.75
CA LYS E 202 -15.47 -7.84 -21.17
C LYS E 202 -16.71 -8.07 -20.30
N ARG E 203 -16.57 -7.79 -19.04
CA ARG E 203 -17.63 -7.97 -18.07
C ARG E 203 -18.76 -7.01 -18.44
N TYR E 204 -18.45 -5.73 -18.67
CA TYR E 204 -19.48 -4.72 -18.99
C TYR E 204 -20.23 -5.14 -20.24
N PHE E 205 -19.57 -5.57 -21.28
CA PHE E 205 -20.23 -5.94 -22.46
C PHE E 205 -21.11 -7.18 -22.21
N LYS E 206 -20.63 -8.14 -21.45
CA LYS E 206 -21.38 -9.32 -21.17
C LYS E 206 -22.67 -8.95 -20.40
N GLU E 207 -22.54 -8.06 -19.41
CA GLU E 207 -23.68 -7.68 -18.57
C GLU E 207 -24.71 -6.88 -19.40
N MET E 208 -24.24 -6.15 -20.41
CA MET E 208 -25.12 -5.42 -21.28
C MET E 208 -25.64 -6.23 -22.49
N ASP E 209 -25.25 -7.47 -22.60
CA ASP E 209 -25.58 -8.41 -23.74
C ASP E 209 -25.23 -7.80 -25.10
N VAL E 210 -23.98 -7.28 -25.13
CA VAL E 210 -23.38 -6.67 -26.30
C VAL E 210 -22.22 -7.54 -26.76
N GLU E 211 -22.27 -8.09 -27.97
CA GLU E 211 -21.12 -8.77 -28.50
C GLU E 211 -20.11 -7.77 -29.05
N ALA E 212 -18.85 -8.04 -28.68
CA ALA E 212 -17.81 -7.07 -29.01
C ALA E 212 -16.44 -7.78 -29.08
N ASN E 213 -15.58 -7.33 -30.01
CA ASN E 213 -14.20 -7.71 -29.99
C ASN E 213 -13.43 -6.51 -29.41
N ILE E 214 -12.58 -6.85 -28.42
CA ILE E 214 -11.71 -5.87 -27.78
C ILE E 214 -10.33 -6.01 -28.42
N TYR E 215 -9.86 -4.94 -29.04
CA TYR E 215 -8.60 -4.99 -29.78
C TYR E 215 -7.51 -4.18 -29.05
N MET E 216 -6.45 -4.81 -28.50
CA MET E 216 -6.17 -6.21 -28.49
C MET E 216 -6.59 -6.81 -27.17
N ASP E 217 -6.87 -8.11 -27.20
CA ASP E 217 -7.37 -8.79 -26.04
C ASP E 217 -6.15 -9.40 -25.32
N THR E 218 -5.70 -8.69 -24.31
CA THR E 218 -4.47 -9.01 -23.60
C THR E 218 -4.73 -9.68 -22.21
N GLU E 219 -5.97 -10.18 -21.98
CA GLU E 219 -6.26 -10.84 -20.70
C GLU E 219 -5.36 -11.92 -20.34
N ASP E 220 -4.88 -12.72 -21.33
CA ASP E 220 -4.06 -13.81 -21.04
C ASP E 220 -2.56 -13.50 -20.86
N PHE E 221 -2.25 -12.21 -20.85
CA PHE E 221 -0.87 -11.87 -20.50
C PHE E 221 -0.62 -12.24 -19.08
N ASP E 222 -1.68 -12.26 -18.22
CA ASP E 222 -1.56 -12.75 -16.87
C ASP E 222 -1.86 -14.26 -16.95
N SER E 223 -0.87 -15.04 -17.27
CA SER E 223 -1.00 -16.43 -17.55
C SER E 223 -0.75 -17.31 -16.39
N PRO E 224 -1.40 -18.44 -16.32
CA PRO E 224 -1.16 -19.37 -15.21
C PRO E 224 0.12 -20.14 -15.34
N MET E 225 0.60 -20.62 -14.20
CA MET E 225 1.55 -21.72 -14.09
C MET E 225 0.73 -23.02 -13.92
N LEU E 226 0.64 -23.84 -14.97
CA LEU E 226 -0.31 -24.95 -15.05
C LEU E 226 0.33 -26.27 -14.82
N PRO E 227 -0.43 -27.26 -14.33
CA PRO E 227 0.19 -28.59 -14.06
C PRO E 227 0.86 -29.22 -15.29
N ASN E 228 0.29 -28.97 -16.47
CA ASN E 228 0.79 -29.52 -17.75
C ASN E 228 1.97 -28.72 -18.38
N LYS E 229 2.40 -27.67 -17.71
CA LYS E 229 3.56 -26.91 -18.17
C LYS E 229 3.29 -26.14 -19.47
N SER E 230 2.04 -25.90 -19.83
CA SER E 230 1.77 -25.22 -21.03
C SER E 230 1.97 -23.70 -20.87
N ILE E 231 2.31 -23.07 -21.95
CA ILE E 231 2.50 -21.63 -22.00
C ILE E 231 1.34 -20.93 -22.69
N GLU E 232 0.64 -20.10 -21.94
CA GLU E 232 -0.57 -19.50 -22.36
C GLU E 232 -0.50 -18.00 -22.48
N THR E 233 0.78 -17.45 -22.44
CA THR E 233 1.01 -16.01 -22.36
C THR E 233 0.94 -15.40 -23.76
N HIS E 234 -0.22 -15.28 -24.31
CA HIS E 234 -0.38 -14.87 -25.68
C HIS E 234 -1.49 -13.85 -25.79
N GLY E 235 -1.51 -13.04 -26.82
CA GLY E 235 -2.63 -12.35 -27.16
C GLY E 235 -3.73 -13.21 -27.67
N ARG E 236 -4.97 -12.81 -27.43
CA ARG E 236 -6.13 -13.61 -27.84
C ARG E 236 -6.78 -13.07 -29.12
N THR E 237 -6.38 -11.89 -29.63
CA THR E 237 -6.98 -11.35 -30.81
C THR E 237 -6.41 -12.08 -32.01
N THR E 238 -7.26 -12.72 -32.81
CA THR E 238 -6.83 -13.51 -33.94
C THR E 238 -6.94 -12.71 -35.22
N VAL E 239 -6.30 -13.28 -36.26
CA VAL E 239 -6.53 -12.78 -37.61
C VAL E 239 -8.00 -12.61 -37.94
N GLU E 240 -8.72 -13.68 -37.62
CA GLU E 240 -10.20 -13.69 -37.95
C GLU E 240 -10.93 -12.61 -37.20
N ASP E 241 -10.55 -12.35 -35.93
CA ASP E 241 -11.15 -11.25 -35.21
C ASP E 241 -10.87 -9.88 -35.82
N ILE E 242 -9.60 -9.66 -36.23
CA ILE E 242 -9.25 -8.40 -36.88
C ILE E 242 -10.00 -8.23 -38.23
N ALA E 243 -10.00 -9.32 -38.99
CA ALA E 243 -10.67 -9.28 -40.34
C ALA E 243 -12.17 -8.94 -40.15
N ASP E 244 -12.75 -9.43 -39.08
CA ASP E 244 -14.21 -9.20 -38.87
C ASP E 244 -14.51 -7.78 -38.48
N SER E 245 -13.48 -6.96 -38.17
CA SER E 245 -13.70 -5.58 -37.93
C SER E 245 -14.48 -4.79 -39.01
N ALA E 246 -14.26 -5.25 -40.27
CA ALA E 246 -14.86 -4.65 -41.42
C ALA E 246 -16.37 -4.84 -41.40
N ASN E 247 -16.83 -5.84 -40.63
CA ASN E 247 -18.25 -6.20 -40.66
C ASN E 247 -18.98 -5.74 -39.38
N ALA E 248 -18.37 -4.92 -38.57
CA ALA E 248 -18.97 -4.55 -37.31
C ALA E 248 -20.14 -3.60 -37.51
N LEU E 249 -20.94 -3.54 -36.45
CA LEU E 249 -22.00 -2.58 -36.37
C LEU E 249 -21.56 -1.13 -36.20
N ALA E 250 -20.45 -1.02 -35.43
CA ALA E 250 -19.87 0.29 -35.04
C ALA E 250 -18.54 -0.03 -34.37
N THR E 251 -17.76 1.05 -34.30
CA THR E 251 -16.48 1.05 -33.50
C THR E 251 -16.67 1.99 -32.34
N LEU E 252 -16.27 1.53 -31.15
CA LEU E 252 -16.17 2.39 -29.98
C LEU E 252 -14.65 2.60 -29.69
N SER E 253 -14.18 3.80 -29.86
CA SER E 253 -12.78 4.16 -29.64
C SER E 253 -12.71 4.91 -28.31
N LEU E 254 -11.95 4.35 -27.36
CA LEU E 254 -11.87 4.91 -26.04
C LEU E 254 -10.68 5.82 -25.87
N ALA E 255 -9.76 5.87 -26.84
CA ALA E 255 -8.51 6.62 -26.65
C ALA E 255 -8.17 7.37 -27.96
N ARG E 256 -8.20 8.67 -27.93
CA ARG E 256 -7.93 9.51 -29.08
C ARG E 256 -6.54 9.25 -29.67
N TYR E 257 -5.59 9.00 -28.80
CA TYR E 257 -4.19 8.87 -29.25
C TYR E 257 -3.74 7.43 -29.37
N GLU E 258 -4.62 6.48 -29.09
CA GLU E 258 -4.25 5.07 -28.98
C GLU E 258 -5.31 4.18 -29.67
N GLY E 259 -5.65 4.46 -30.90
CA GLY E 259 -6.52 3.51 -31.64
C GLY E 259 -7.63 4.20 -32.42
N ASN E 260 -7.97 5.41 -32.04
CA ASN E 260 -9.04 6.10 -32.77
C ASN E 260 -8.72 6.22 -34.24
N THR E 261 -7.42 6.36 -34.60
CA THR E 261 -7.17 6.46 -36.02
C THR E 261 -7.48 5.15 -36.74
N THR E 262 -7.50 3.99 -36.11
CA THR E 262 -7.89 2.76 -36.75
C THR E 262 -9.45 2.78 -36.87
N GLY E 263 -10.18 3.18 -35.80
CA GLY E 263 -11.63 3.32 -35.96
C GLY E 263 -11.93 4.25 -37.15
N GLU E 264 -11.21 5.34 -37.32
CA GLU E 264 -11.43 6.29 -38.46
C GLU E 264 -11.12 5.53 -39.80
N LEU E 265 -10.08 4.74 -39.86
CA LEU E 265 -9.75 3.98 -41.09
C LEU E 265 -10.88 3.03 -41.44
N LEU E 266 -11.43 2.36 -40.46
CA LEU E 266 -12.54 1.40 -40.73
C LEU E 266 -13.82 2.11 -41.13
N GLN E 267 -14.00 3.34 -40.68
CA GLN E 267 -15.14 4.16 -41.07
C GLN E 267 -14.94 4.54 -42.57
N LYS E 268 -13.76 5.03 -42.92
CA LYS E 268 -13.50 5.49 -44.28
C LYS E 268 -13.56 4.34 -45.26
N THR E 269 -13.03 3.18 -44.87
CA THR E 269 -12.90 2.08 -45.81
C THR E 269 -14.18 1.24 -45.92
N PHE E 270 -14.83 0.96 -44.78
CA PHE E 270 -15.87 -0.02 -44.74
C PHE E 270 -17.25 0.54 -44.26
N ALA E 271 -17.26 1.84 -44.02
CA ALA E 271 -18.46 2.61 -43.53
C ALA E 271 -18.91 2.08 -42.18
N VAL E 272 -17.99 1.57 -41.34
CA VAL E 272 -18.34 1.20 -39.95
C VAL E 272 -18.28 2.50 -39.17
N PRO E 273 -19.38 2.95 -38.57
CA PRO E 273 -19.29 4.27 -37.93
C PRO E 273 -18.44 4.17 -36.64
N ASN E 274 -17.56 5.13 -36.51
CA ASN E 274 -16.62 5.22 -35.34
C ASN E 274 -17.21 6.24 -34.37
N ALA E 275 -17.27 5.85 -33.12
CA ALA E 275 -17.62 6.77 -32.02
C ALA E 275 -16.44 6.85 -30.99
N LEU E 276 -15.81 7.99 -30.99
CA LEU E 276 -14.75 8.29 -30.06
C LEU E 276 -15.43 8.91 -28.81
N VAL E 277 -15.10 8.32 -27.66
CA VAL E 277 -15.60 8.88 -26.39
C VAL E 277 -14.41 9.20 -25.48
N ASN E 278 -14.64 9.97 -24.42
CA ASN E 278 -13.59 10.21 -23.46
C ASN E 278 -13.16 8.85 -22.87
N THR E 279 -11.83 8.68 -22.64
CA THR E 279 -11.34 7.49 -22.05
C THR E 279 -12.00 7.32 -20.65
N PRO E 280 -12.47 6.11 -20.33
CA PRO E 280 -13.42 5.97 -19.15
C PRO E 280 -12.73 5.83 -17.80
N TYR E 281 -12.02 6.88 -17.47
CA TYR E 281 -11.43 7.07 -16.11
C TYR E 281 -12.49 7.98 -15.41
N GLY E 282 -12.90 7.48 -14.24
CA GLY E 282 -13.89 8.15 -13.41
C GLY E 282 -15.28 7.81 -13.74
N ILE E 283 -16.16 8.42 -13.01
CA ILE E 283 -17.57 8.07 -13.12
C ILE E 283 -18.27 8.64 -14.33
N LYS E 284 -18.17 9.96 -14.52
CA LYS E 284 -18.81 10.54 -15.66
C LYS E 284 -18.35 9.93 -16.99
N ASN E 285 -17.04 9.79 -17.14
CA ASN E 285 -16.56 9.23 -18.43
C ASN E 285 -17.03 7.83 -18.62
N THR E 286 -17.19 7.00 -17.56
CA THR E 286 -17.71 5.70 -17.71
C THR E 286 -19.25 5.76 -18.06
N ASP E 287 -19.95 6.61 -17.38
CA ASP E 287 -21.39 6.84 -17.65
C ASP E 287 -21.56 7.14 -19.17
N ASP E 288 -20.75 8.06 -19.68
CA ASP E 288 -20.85 8.53 -21.04
C ASP E 288 -20.47 7.42 -22.06
N MET E 289 -19.51 6.58 -21.69
CA MET E 289 -19.20 5.43 -22.48
C MET E 289 -20.46 4.51 -22.61
N LEU E 290 -21.00 4.11 -21.43
CA LEU E 290 -22.12 3.23 -21.43
C LEU E 290 -23.31 3.83 -22.18
N ARG E 291 -23.55 5.12 -22.10
CA ARG E 291 -24.62 5.74 -22.86
C ARG E 291 -24.39 5.58 -24.35
N LYS E 292 -23.15 5.78 -24.77
CA LYS E 292 -22.78 5.59 -26.19
C LYS E 292 -23.02 4.16 -26.68
N ILE E 293 -22.62 3.19 -25.85
CA ILE E 293 -22.86 1.78 -26.19
C ILE E 293 -24.36 1.58 -26.36
N ALA E 294 -25.14 2.06 -25.41
CA ALA E 294 -26.59 1.88 -25.48
C ALA E 294 -27.16 2.50 -26.78
N GLU E 295 -26.69 3.67 -27.14
CA GLU E 295 -27.17 4.40 -28.26
C GLU E 295 -26.86 3.59 -29.57
N VAL E 296 -25.64 3.13 -29.76
CA VAL E 296 -25.29 2.44 -30.98
C VAL E 296 -25.86 1.03 -31.07
N THR E 297 -26.10 0.34 -29.95
CA THR E 297 -26.52 -1.03 -29.97
C THR E 297 -28.03 -1.14 -29.77
N GLY E 298 -28.63 -0.09 -29.20
CA GLY E 298 -30.07 -0.14 -28.82
C GLY E 298 -30.30 -1.02 -27.56
N LYS E 299 -29.23 -1.44 -26.86
CA LYS E 299 -29.35 -2.27 -25.68
C LYS E 299 -29.39 -1.33 -24.45
N GLU E 300 -30.17 -1.69 -23.44
CA GLU E 300 -30.27 -0.93 -22.20
C GLU E 300 -29.06 -1.16 -21.31
N ILE E 301 -28.74 -0.17 -20.53
CA ILE E 301 -27.73 -0.33 -19.45
C ILE E 301 -28.39 -1.19 -18.37
N PRO E 302 -27.70 -2.21 -17.94
CA PRO E 302 -28.28 -3.16 -16.92
C PRO E 302 -28.21 -2.61 -15.50
N GLU E 303 -29.12 -3.10 -14.64
CA GLU E 303 -29.15 -2.81 -13.23
C GLU E 303 -27.76 -3.13 -12.55
N SER E 304 -27.09 -4.19 -12.98
CA SER E 304 -25.82 -4.60 -12.35
C SER E 304 -24.78 -3.48 -12.44
N LEU E 305 -24.82 -2.71 -13.53
CA LEU E 305 -23.85 -1.61 -13.71
C LEU E 305 -24.24 -0.39 -12.83
N VAL E 306 -25.59 -0.16 -12.70
CA VAL E 306 -26.06 0.85 -11.73
C VAL E 306 -25.58 0.51 -10.34
N ARG E 307 -25.61 -0.77 -9.96
CA ARG E 307 -25.16 -1.18 -8.66
C ARG E 307 -23.60 -1.05 -8.56
N GLU E 308 -22.82 -1.48 -9.57
CA GLU E 308 -21.36 -1.33 -9.46
C GLU E 308 -20.99 0.15 -9.35
N ARG E 309 -21.68 1.01 -10.11
CA ARG E 309 -21.46 2.42 -9.98
C ARG E 309 -21.73 2.96 -8.57
N GLY E 310 -22.85 2.46 -8.01
CA GLY E 310 -23.18 2.89 -6.68
C GLY E 310 -22.26 2.41 -5.57
N ILE E 311 -21.71 1.22 -5.77
CA ILE E 311 -20.70 0.70 -4.85
C ILE E 311 -19.43 1.56 -4.93
N ALA E 312 -19.05 1.91 -6.14
CA ALA E 312 -17.90 2.83 -6.30
C ALA E 312 -18.09 4.17 -5.62
N LEU E 313 -19.30 4.75 -5.91
CA LEU E 313 -19.62 6.03 -5.30
C LEU E 313 -19.59 5.93 -3.78
N ASP E 314 -20.16 4.87 -3.23
CA ASP E 314 -20.19 4.75 -1.80
C ASP E 314 -18.74 4.71 -1.22
N ALA E 315 -17.83 3.97 -1.87
CA ALA E 315 -16.47 3.84 -1.42
C ALA E 315 -15.73 5.18 -1.52
N LEU E 316 -15.96 5.89 -2.62
CA LEU E 316 -15.29 7.15 -2.81
C LEU E 316 -15.81 8.22 -1.89
N ALA E 317 -17.10 8.12 -1.51
CA ALA E 317 -17.63 9.10 -0.60
C ALA E 317 -17.06 8.98 0.81
N ASP E 318 -16.51 7.79 1.18
CA ASP E 318 -15.83 7.64 2.44
C ASP E 318 -14.50 8.38 2.51
N LEU E 319 -14.01 8.79 1.33
CA LEU E 319 -12.65 9.37 1.10
C LEU E 319 -12.58 10.82 0.73
N ALA E 320 -13.53 11.29 -0.06
CA ALA E 320 -13.34 12.57 -0.81
C ALA E 320 -13.19 13.77 0.06
N HIS E 321 -14.20 14.12 0.87
CA HIS E 321 -14.09 15.31 1.66
C HIS E 321 -13.17 15.14 2.89
N MET E 322 -13.09 13.92 3.39
CA MET E 322 -12.17 13.73 4.53
C MET E 322 -10.71 13.76 4.17
N PHE E 323 -10.29 13.02 3.17
CA PHE E 323 -8.88 12.88 2.89
C PHE E 323 -8.38 13.51 1.61
N PHE E 324 -9.25 13.75 0.63
CA PHE E 324 -8.81 14.17 -0.66
C PHE E 324 -8.97 15.66 -0.85
N ALA E 325 -9.97 16.31 -0.27
CA ALA E 325 -10.26 17.68 -0.62
C ALA E 325 -9.14 18.60 -0.43
N ASN E 326 -8.92 19.38 -1.49
CA ASN E 326 -7.86 20.40 -1.51
C ASN E 326 -6.44 19.88 -1.58
N LYS E 327 -6.27 18.62 -1.75
CA LYS E 327 -4.96 18.02 -1.92
C LYS E 327 -4.48 18.19 -3.37
N LYS E 328 -3.20 18.56 -3.53
CA LYS E 328 -2.66 18.93 -4.83
C LYS E 328 -2.00 17.71 -5.48
N VAL E 329 -2.30 17.42 -6.74
CA VAL E 329 -1.88 16.27 -7.40
C VAL E 329 -1.09 16.66 -8.73
N ALA E 330 -0.02 15.91 -8.93
CA ALA E 330 0.62 15.89 -10.24
C ALA E 330 0.39 14.52 -10.93
N ILE E 331 0.10 14.54 -12.23
CA ILE E 331 -0.19 13.31 -13.00
C ILE E 331 0.64 13.28 -14.27
N PHE E 332 1.26 12.17 -14.48
CA PHE E 332 1.99 11.93 -15.73
C PHE E 332 1.73 10.59 -16.32
N GLY E 333 1.84 10.47 -17.64
CA GLY E 333 1.58 9.26 -18.33
C GLY E 333 1.03 9.55 -19.75
N HIS E 334 0.42 8.54 -20.36
CA HIS E 334 -0.13 8.71 -21.67
C HIS E 334 -1.15 9.82 -21.69
N PRO E 335 -1.33 10.50 -22.81
CA PRO E 335 -2.24 11.61 -22.83
C PRO E 335 -3.71 11.29 -22.48
N ASP E 336 -4.20 10.17 -22.97
CA ASP E 336 -5.59 9.77 -22.65
C ASP E 336 -5.74 9.47 -21.17
N LEU E 337 -4.75 8.91 -20.57
CA LEU E 337 -4.73 8.60 -19.12
C LEU E 337 -4.60 9.83 -18.32
N VAL E 338 -3.77 10.82 -18.68
CA VAL E 338 -3.52 11.99 -17.91
C VAL E 338 -4.81 12.80 -17.93
N LEU E 339 -5.42 13.03 -19.06
CA LEU E 339 -6.63 13.84 -19.16
C LEU E 339 -7.80 13.15 -18.44
N GLY E 340 -7.89 11.86 -18.55
CA GLY E 340 -8.98 11.13 -17.90
C GLY E 340 -8.80 11.12 -16.39
N LEU E 341 -7.59 10.86 -15.90
CA LEU E 341 -7.35 10.85 -14.50
C LEU E 341 -7.57 12.25 -13.92
N ALA E 342 -7.22 13.34 -14.58
CA ALA E 342 -7.48 14.67 -14.08
C ALA E 342 -9.03 14.82 -13.83
N GLN E 343 -9.87 14.35 -14.74
CA GLN E 343 -11.27 14.44 -14.54
C GLN E 343 -11.72 13.60 -13.33
N PHE E 344 -11.24 12.42 -13.21
CA PHE E 344 -11.54 11.54 -12.05
C PHE E 344 -11.13 12.28 -10.78
N CYS E 345 -9.91 12.81 -10.71
CA CYS E 345 -9.48 13.51 -9.52
C CYS E 345 -10.44 14.57 -9.11
N MET E 346 -10.95 15.34 -10.04
CA MET E 346 -11.83 16.42 -9.64
C MET E 346 -13.14 15.85 -9.11
N GLU E 347 -13.63 14.72 -9.55
CA GLU E 347 -14.86 14.15 -9.03
C GLU E 347 -14.72 13.82 -7.59
N VAL E 348 -13.55 13.52 -7.10
CA VAL E 348 -13.27 13.14 -5.71
C VAL E 348 -12.63 14.25 -4.91
N GLU E 349 -12.68 15.49 -5.41
CA GLU E 349 -12.24 16.68 -4.76
C GLU E 349 -10.68 16.87 -4.69
N LEU E 350 -9.94 15.96 -5.38
CA LEU E 350 -8.51 16.22 -5.59
C LEU E 350 -8.33 17.39 -6.60
N GLU E 351 -7.15 18.01 -6.51
CA GLU E 351 -6.82 19.17 -7.35
C GLU E 351 -5.61 18.85 -8.23
N PRO E 352 -5.85 18.44 -9.44
CA PRO E 352 -4.72 18.10 -10.35
C PRO E 352 -4.06 19.36 -10.96
N VAL E 353 -3.10 19.89 -10.25
CA VAL E 353 -2.52 21.16 -10.59
C VAL E 353 -1.41 21.09 -11.63
N LEU E 354 -0.88 19.91 -11.89
CA LEU E 354 0.24 19.76 -12.84
C LEU E 354 0.00 18.48 -13.59
N LEU E 355 -0.17 18.59 -14.93
CA LEU E 355 -0.34 17.47 -15.80
C LEU E 355 0.78 17.46 -16.76
N LEU E 356 1.48 16.34 -16.83
CA LEU E 356 2.64 16.20 -17.75
C LEU E 356 2.37 15.18 -18.81
N ILE E 357 2.57 15.58 -20.10
CA ILE E 357 2.40 14.76 -21.23
C ILE E 357 3.71 14.79 -22.04
N GLY E 358 4.19 13.62 -22.39
CA GLY E 358 5.59 13.44 -22.66
C GLY E 358 6.10 13.42 -24.09
N ASP E 359 5.35 13.95 -25.04
CA ASP E 359 5.79 13.91 -26.46
C ASP E 359 5.43 15.15 -27.19
N ASP E 360 5.87 15.14 -28.45
CA ASP E 360 5.84 16.29 -29.35
C ASP E 360 4.50 16.52 -30.05
N GLN E 361 3.38 16.01 -29.54
CA GLN E 361 2.08 16.08 -30.24
C GLN E 361 1.27 17.26 -29.63
N GLY E 362 1.90 18.25 -29.09
CA GLY E 362 1.27 19.47 -28.50
C GLY E 362 0.25 20.15 -29.42
N ASN E 363 0.55 20.18 -30.72
CA ASN E 363 -0.37 20.79 -31.63
C ASN E 363 -1.77 20.04 -31.63
N LYS E 364 -1.77 18.73 -31.39
CA LYS E 364 -3.00 17.95 -31.18
C LYS E 364 -3.59 18.16 -29.83
N TYR E 365 -2.79 18.15 -28.80
CA TYR E 365 -3.29 18.25 -27.45
C TYR E 365 -3.99 19.57 -27.24
N LYS E 366 -3.57 20.66 -27.89
CA LYS E 366 -4.22 21.97 -27.70
C LYS E 366 -5.59 21.92 -28.19
N LYS E 367 -5.97 20.97 -29.06
CA LYS E 367 -7.34 20.86 -29.57
C LYS E 367 -8.19 19.80 -28.85
N ASP E 368 -7.63 19.13 -27.84
CA ASP E 368 -8.38 18.01 -27.20
C ASP E 368 -9.56 18.65 -26.44
N PRO E 369 -10.74 18.17 -26.65
CA PRO E 369 -11.96 18.76 -25.95
C PRO E 369 -11.92 18.61 -24.47
N ARG E 370 -11.12 17.71 -23.97
CA ARG E 370 -11.06 17.57 -22.54
C ARG E 370 -10.33 18.71 -21.88
N ILE E 371 -9.44 19.41 -22.62
CA ILE E 371 -8.81 20.62 -22.08
C ILE E 371 -9.85 21.68 -21.79
N GLU E 372 -10.78 21.88 -22.72
CA GLU E 372 -11.93 22.80 -22.53
C GLU E 372 -12.71 22.33 -21.36
N GLU E 373 -12.95 21.02 -21.28
CA GLU E 373 -13.75 20.49 -20.13
C GLU E 373 -13.05 20.83 -18.78
N LEU E 374 -11.74 20.79 -18.73
CA LEU E 374 -10.99 21.27 -17.56
C LEU E 374 -11.07 22.73 -17.32
N LYS E 375 -10.96 23.47 -18.38
CA LYS E 375 -10.98 24.96 -18.32
C LYS E 375 -12.33 25.46 -17.74
N ASN E 376 -13.37 24.65 -18.05
CA ASN E 376 -14.72 25.14 -17.52
C ASN E 376 -15.12 24.55 -16.17
N THR E 377 -14.23 23.66 -15.60
CA THR E 377 -14.59 23.05 -14.32
C THR E 377 -13.64 23.36 -13.23
N ALA E 378 -12.41 23.72 -13.53
CA ALA E 378 -11.43 23.81 -12.47
C ALA E 378 -11.50 25.16 -11.76
N HIS E 379 -11.23 25.10 -10.48
CA HIS E 379 -11.18 26.36 -9.64
C HIS E 379 -9.88 26.72 -9.14
N PHE E 380 -8.87 26.08 -9.74
CA PHE E 380 -7.48 26.22 -9.33
C PHE E 380 -6.75 26.23 -10.65
N ASP E 381 -5.59 26.87 -10.65
CA ASP E 381 -4.85 26.90 -11.93
C ASP E 381 -4.28 25.50 -12.20
N ILE E 382 -4.24 25.16 -13.49
CA ILE E 382 -3.68 23.86 -13.88
C ILE E 382 -2.59 24.25 -14.93
N GLU E 383 -1.40 23.69 -14.73
CA GLU E 383 -0.36 23.72 -15.75
C GLU E 383 -0.29 22.38 -16.45
N ILE E 384 -0.41 22.37 -17.78
CA ILE E 384 -0.25 21.17 -18.59
C ILE E 384 1.05 21.37 -19.39
N VAL E 385 2.04 20.58 -19.03
CA VAL E 385 3.30 20.66 -19.73
C VAL E 385 3.34 19.58 -20.74
N HIS E 386 3.45 19.93 -22.02
CA HIS E 386 3.56 18.94 -23.10
C HIS E 386 5.05 18.92 -23.55
N ASN E 387 5.41 17.87 -24.24
CA ASN E 387 6.78 17.53 -24.53
C ASN E 387 7.57 17.45 -23.21
N ALA E 388 6.92 17.01 -22.13
CA ALA E 388 7.54 16.95 -20.83
C ALA E 388 8.41 15.78 -20.61
N ASP E 389 9.41 15.95 -19.85
CA ASP E 389 10.18 14.87 -19.26
C ASP E 389 9.89 14.82 -17.70
N LEU E 390 10.46 13.87 -17.00
CA LEU E 390 10.19 13.79 -15.58
C LEU E 390 11.07 14.68 -14.78
N TRP E 391 12.14 15.21 -15.40
CA TRP E 391 12.85 16.30 -14.76
C TRP E 391 11.98 17.52 -14.63
N GLU E 392 11.02 17.73 -15.51
CA GLU E 392 10.16 18.87 -15.36
C GLU E 392 9.35 18.78 -14.05
N LEU E 393 8.97 17.57 -13.62
CA LEU E 393 8.30 17.40 -12.31
C LEU E 393 9.28 17.66 -11.18
N GLU E 394 10.47 17.03 -11.21
CA GLU E 394 11.44 17.21 -10.16
C GLU E 394 11.89 18.65 -9.94
N LYS E 395 12.11 19.31 -11.06
CA LYS E 395 12.56 20.69 -10.99
C LYS E 395 11.48 21.59 -10.35
N ARG E 396 10.19 21.38 -10.68
CA ARG E 396 9.14 22.18 -10.15
C ARG E 396 9.01 21.93 -8.64
N ILE E 397 9.15 20.66 -8.17
CA ILE E 397 9.18 20.37 -6.75
C ILE E 397 10.34 21.05 -6.09
N ASN E 398 11.52 21.00 -6.70
CA ASN E 398 12.67 21.62 -6.11
C ASN E 398 12.54 23.15 -6.00
N ALA E 399 11.76 23.78 -6.88
CA ALA E 399 11.52 25.22 -6.90
C ALA E 399 10.43 25.62 -5.96
N GLY E 400 9.79 24.63 -5.31
CA GLY E 400 8.82 24.90 -4.27
C GLY E 400 7.38 24.49 -4.60
N LEU E 401 7.07 23.74 -5.67
CA LEU E 401 5.64 23.31 -5.90
C LEU E 401 5.33 22.33 -4.78
N GLN E 402 4.20 22.60 -4.11
CA GLN E 402 3.75 21.75 -2.95
C GLN E 402 2.72 20.74 -3.51
N LEU E 403 3.07 19.49 -3.46
CA LEU E 403 2.24 18.40 -3.88
C LEU E 403 1.95 17.49 -2.73
N ASP E 404 0.70 16.97 -2.73
CA ASP E 404 0.30 15.92 -1.81
C ASP E 404 0.32 14.55 -2.36
N LEU E 405 0.35 14.43 -3.69
CA LEU E 405 0.21 13.13 -4.39
C LEU E 405 0.81 13.27 -5.80
N ILE E 406 1.47 12.18 -6.18
CA ILE E 406 1.86 12.00 -7.59
C ILE E 406 1.14 10.75 -8.11
N MET E 407 0.63 10.83 -9.34
CA MET E 407 0.12 9.62 -9.99
C MET E 407 0.89 9.50 -11.30
N GLY E 408 1.52 8.34 -11.44
CA GLY E 408 2.30 8.10 -12.65
C GLY E 408 2.93 6.76 -12.62
N HIS E 409 3.73 6.47 -13.67
CA HIS E 409 4.38 5.22 -13.81
C HIS E 409 5.68 5.10 -12.98
N SER E 410 6.20 3.87 -12.90
CA SER E 410 7.25 3.55 -12.00
C SER E 410 8.59 4.24 -12.34
N LYS E 411 8.81 4.71 -13.59
CA LYS E 411 10.06 5.36 -13.84
C LYS E 411 10.14 6.73 -13.15
N GLY E 412 9.03 7.22 -12.59
CA GLY E 412 9.10 8.41 -11.76
C GLY E 412 9.33 8.18 -10.28
N ARG E 413 9.55 6.90 -9.89
CA ARG E 413 9.51 6.58 -8.48
C ARG E 413 10.47 7.37 -7.62
N TYR E 414 11.73 7.62 -8.15
CA TYR E 414 12.69 8.27 -7.28
C TYR E 414 12.35 9.73 -7.03
N VAL E 415 11.58 10.37 -7.91
CA VAL E 415 11.12 11.73 -7.66
C VAL E 415 10.27 11.79 -6.42
N ALA E 416 9.31 10.88 -6.36
CA ALA E 416 8.39 10.81 -5.23
C ALA E 416 9.13 10.36 -3.96
N ILE E 417 9.99 9.35 -4.03
CA ILE E 417 10.70 8.83 -2.90
C ILE E 417 11.50 9.95 -2.27
N GLU E 418 12.30 10.65 -3.09
N GLU E 418 12.31 10.64 -3.09
CA GLU E 418 13.20 11.65 -2.54
CA GLU E 418 13.20 11.65 -2.55
C GLU E 418 12.48 12.88 -2.01
C GLU E 418 12.48 12.88 -2.01
N ALA E 419 11.36 13.22 -2.62
CA ALA E 419 10.55 14.40 -2.19
C ALA E 419 9.65 14.04 -1.04
N ASN E 420 9.56 12.76 -0.68
CA ASN E 420 8.66 12.26 0.35
C ASN E 420 7.19 12.60 0.04
N ILE E 421 6.76 12.31 -1.14
CA ILE E 421 5.41 12.49 -1.57
C ILE E 421 4.79 11.12 -1.92
N PRO E 422 3.59 10.82 -1.38
CA PRO E 422 3.03 9.58 -1.78
C PRO E 422 2.73 9.46 -3.25
N MET E 423 2.87 8.28 -3.80
CA MET E 423 2.72 8.09 -5.26
C MET E 423 1.88 6.85 -5.57
N VAL E 424 0.87 7.03 -6.40
CA VAL E 424 0.12 5.92 -6.89
C VAL E 424 0.63 5.58 -8.28
N ARG E 425 0.90 4.28 -8.50
CA ARG E 425 1.38 3.80 -9.73
C ARG E 425 0.24 3.53 -10.71
N VAL E 426 0.23 4.27 -11.82
CA VAL E 426 -0.74 4.12 -12.92
C VAL E 426 -0.05 4.13 -14.26
N GLY E 427 -0.71 3.62 -15.25
CA GLY E 427 -0.17 3.63 -16.58
C GLY E 427 0.93 2.59 -16.74
N PHE E 428 1.85 2.95 -17.61
CA PHE E 428 2.89 1.98 -18.08
C PHE E 428 4.28 2.59 -18.05
N PRO E 429 5.26 1.89 -17.49
CA PRO E 429 5.24 0.61 -16.79
C PRO E 429 5.17 0.78 -15.27
N THR E 430 4.50 -0.18 -14.66
CA THR E 430 4.35 -0.21 -13.20
C THR E 430 5.03 -1.37 -12.59
N PHE E 431 6.33 -1.39 -12.67
CA PHE E 431 7.17 -2.46 -12.27
C PHE E 431 7.55 -2.55 -10.78
N ASP E 432 7.39 -1.46 -10.07
CA ASP E 432 7.88 -1.42 -8.69
C ASP E 432 6.78 -1.71 -7.63
N ARG E 433 5.64 -2.25 -8.12
CA ARG E 433 4.64 -2.76 -7.18
C ARG E 433 4.14 -4.04 -7.82
N ALA E 434 3.52 -4.91 -7.02
CA ALA E 434 3.06 -6.21 -7.45
C ALA E 434 1.60 -6.17 -7.83
N GLY E 435 1.31 -6.78 -8.95
CA GLY E 435 -0.03 -7.07 -9.39
C GLY E 435 -0.87 -6.01 -10.01
N LEU E 436 -0.30 -4.84 -10.30
CA LEU E 436 -1.11 -3.75 -10.74
C LEU E 436 -1.71 -3.98 -12.11
N TYR E 437 -1.06 -4.75 -12.97
CA TYR E 437 -1.60 -5.09 -14.23
C TYR E 437 -2.91 -5.83 -14.22
N ARG E 438 -3.22 -6.44 -13.08
CA ARG E 438 -4.48 -7.21 -12.92
C ARG E 438 -5.62 -6.34 -12.39
N LYS E 439 -5.37 -5.16 -11.93
CA LYS E 439 -6.38 -4.29 -11.28
C LYS E 439 -6.85 -3.34 -12.32
N PRO E 440 -8.17 -3.18 -12.43
CA PRO E 440 -8.69 -2.17 -13.36
C PRO E 440 -8.45 -0.79 -12.82
N SER E 441 -8.25 0.15 -13.72
CA SER E 441 -8.23 1.57 -13.46
C SER E 441 -9.40 2.34 -14.13
N ILE E 442 -9.93 1.79 -15.22
CA ILE E 442 -11.08 2.38 -15.91
C ILE E 442 -12.39 1.80 -15.30
N GLY E 443 -13.50 2.40 -15.71
CA GLY E 443 -14.79 1.94 -15.24
C GLY E 443 -15.10 2.32 -13.79
N TYR E 444 -16.22 1.74 -13.32
CA TYR E 444 -16.64 2.05 -11.96
C TYR E 444 -15.76 1.32 -10.95
N GLN E 445 -15.56 0.01 -11.15
CA GLN E 445 -14.64 -0.72 -10.30
C GLN E 445 -13.24 -0.12 -10.31
N GLY E 446 -12.82 0.30 -11.49
CA GLY E 446 -11.48 0.96 -11.57
C GLY E 446 -11.38 2.27 -10.78
N ALA E 447 -12.42 3.12 -10.90
CA ALA E 447 -12.43 4.36 -10.13
C ALA E 447 -12.29 4.05 -8.63
N MET E 448 -13.09 3.08 -8.20
CA MET E 448 -13.05 2.68 -6.75
C MET E 448 -11.63 2.19 -6.37
N GLU E 449 -11.02 1.32 -7.23
CA GLU E 449 -9.72 0.83 -6.90
C GLU E 449 -8.68 1.92 -6.92
N LEU E 450 -8.74 2.85 -7.85
CA LEU E 450 -7.83 4.00 -7.86
C LEU E 450 -7.95 4.85 -6.61
N GLY E 451 -9.21 5.15 -6.28
CA GLY E 451 -9.45 5.95 -5.07
C GLY E 451 -8.91 5.33 -3.83
N GLU E 452 -9.14 4.01 -3.69
CA GLU E 452 -8.62 3.28 -2.59
C GLU E 452 -7.11 3.22 -2.53
N MET E 453 -6.46 3.06 -3.73
CA MET E 453 -4.99 3.10 -3.78
C MET E 453 -4.48 4.43 -3.32
N ILE E 454 -5.16 5.49 -3.76
CA ILE E 454 -4.77 6.81 -3.29
C ILE E 454 -4.85 6.95 -1.80
N ALA E 455 -6.01 6.59 -1.28
CA ALA E 455 -6.16 6.70 0.17
C ALA E 455 -5.15 5.88 0.93
N ASN E 456 -4.96 4.61 0.54
CA ASN E 456 -4.03 3.76 1.25
C ASN E 456 -2.61 4.26 1.19
N ALA E 457 -2.21 4.84 0.02
CA ALA E 457 -0.92 5.47 -0.05
C ALA E 457 -0.80 6.66 0.93
N MET E 458 -1.84 7.50 1.00
CA MET E 458 -1.85 8.57 1.96
C MET E 458 -1.78 8.07 3.41
N PHE E 459 -2.54 7.01 3.66
CA PHE E 459 -2.59 6.50 5.04
C PHE E 459 -1.22 5.98 5.50
N ALA E 460 -0.58 5.22 4.61
CA ALA E 460 0.75 4.75 4.97
C ALA E 460 1.71 5.94 5.17
N HIS E 461 1.58 6.94 4.30
CA HIS E 461 2.42 8.11 4.45
C HIS E 461 2.23 8.79 5.81
N MET E 462 0.95 8.91 6.21
CA MET E 462 0.66 9.51 7.53
C MET E 462 1.32 8.75 8.65
N GLU E 463 1.34 7.43 8.57
CA GLU E 463 1.99 6.59 9.55
C GLU E 463 3.47 6.76 9.58
N TYR E 464 4.09 6.67 8.39
CA TYR E 464 5.56 6.75 8.32
C TYR E 464 6.06 8.14 8.81
N THR E 465 5.29 9.19 8.46
CA THR E 465 5.66 10.56 8.84
C THR E 465 5.08 11.06 10.13
N ARG E 466 4.27 10.23 10.77
CA ARG E 466 3.61 10.61 12.03
C ARG E 466 2.81 11.89 11.87
N ASN E 467 2.00 11.97 10.80
CA ASN E 467 1.23 13.11 10.49
C ASN E 467 -0.30 12.75 10.77
N LYS E 468 -0.65 13.01 12.02
CA LYS E 468 -2.03 12.78 12.51
C LYS E 468 -2.42 11.31 12.30
N GLU E 469 -1.49 10.39 12.54
CA GLU E 469 -1.76 8.99 12.22
C GLU E 469 -2.87 8.38 13.10
N TRP E 470 -3.15 9.05 14.20
CA TRP E 470 -4.24 8.70 15.10
C TRP E 470 -5.61 8.90 14.47
N ILE E 471 -5.70 9.56 13.32
CA ILE E 471 -7.01 9.91 12.72
C ILE E 471 -7.63 8.75 11.97
N LEU E 472 -6.87 7.69 11.74
CA LEU E 472 -7.33 6.59 10.85
C LEU E 472 -8.21 5.58 11.57
N ASN E 473 -8.93 6.01 12.57
CA ASN E 473 -9.74 5.13 13.41
C ASN E 473 -11.22 5.17 13.11
N THR E 474 -11.85 6.32 12.99
CA THR E 474 -13.33 6.48 12.90
C THR E 474 -13.70 7.38 11.74
N TRP E 475 -13.02 7.25 10.62
CA TRP E 475 -13.37 7.85 9.38
C TRP E 475 -14.37 7.06 8.69
N GLN F 3 -41.77 46.18 27.83
CA GLN F 3 -41.68 47.51 26.99
C GLN F 3 -40.65 47.37 25.77
N SER F 4 -40.54 48.24 24.77
CA SER F 4 -39.83 47.77 23.58
C SER F 4 -38.28 47.76 23.98
N HIS F 5 -37.72 48.70 24.74
CA HIS F 5 -36.29 48.68 25.19
C HIS F 5 -36.00 47.47 26.05
N LEU F 6 -36.91 47.15 26.96
CA LEU F 6 -36.78 45.99 27.82
C LEU F 6 -36.90 44.73 26.98
N ASP F 7 -37.76 44.75 25.98
CA ASP F 7 -37.87 43.58 25.07
C ASP F 7 -36.54 43.37 24.32
N ASP F 8 -35.89 44.41 23.88
CA ASP F 8 -34.60 44.29 23.16
C ASP F 8 -33.53 43.72 24.11
N LEU F 9 -33.47 44.18 25.32
CA LEU F 9 -32.47 43.64 26.27
C LEU F 9 -32.71 42.19 26.55
N PHE F 10 -33.96 41.85 26.81
CA PHE F 10 -34.33 40.48 27.10
C PHE F 10 -33.92 39.56 25.99
N ALA F 11 -34.26 39.95 24.77
CA ALA F 11 -33.95 39.16 23.58
C ALA F 11 -32.46 39.00 23.43
N TYR F 12 -31.67 40.04 23.68
CA TYR F 12 -30.24 39.92 23.60
C TYR F 12 -29.74 38.88 24.62
N VAL F 13 -30.16 39.02 25.87
CA VAL F 13 -29.61 38.12 26.92
C VAL F 13 -29.97 36.69 26.53
N GLU F 14 -31.20 36.42 26.12
CA GLU F 14 -31.62 35.07 25.86
C GLU F 14 -30.79 34.47 24.76
N GLU F 15 -30.55 35.19 23.69
CA GLU F 15 -29.84 34.62 22.64
C GLU F 15 -28.34 34.57 22.74
N ARG F 16 -27.80 35.34 23.62
CA ARG F 16 -26.35 35.46 23.70
C ARG F 16 -25.72 34.91 24.99
N CYS F 17 -26.36 35.13 26.15
CA CYS F 17 -25.66 34.96 27.39
C CYS F 17 -25.90 33.50 27.96
N LEU F 18 -24.92 33.11 28.80
CA LEU F 18 -24.96 31.79 29.45
C LEU F 18 -25.05 31.87 30.94
N TRP F 19 -24.78 33.03 31.54
CA TRP F 19 -24.74 33.14 32.99
C TRP F 19 -26.09 32.97 33.64
N GLN F 20 -27.18 33.19 32.96
CA GLN F 20 -28.50 33.03 33.51
C GLN F 20 -28.95 31.56 33.46
N PHE F 21 -28.13 30.68 32.89
CA PHE F 21 -28.37 29.25 32.68
C PHE F 21 -27.46 28.33 33.51
N PHE F 22 -26.91 28.87 34.59
CA PHE F 22 -26.06 28.07 35.49
C PHE F 22 -26.90 26.91 36.11
N SER F 23 -26.20 26.04 36.84
CA SER F 23 -26.74 24.73 37.13
C SER F 23 -27.90 24.73 38.14
N ARG F 24 -27.94 25.71 39.02
CA ARG F 24 -28.88 25.72 40.12
C ARG F 24 -29.47 27.12 40.29
N THR F 25 -30.63 27.13 40.91
CA THR F 25 -31.39 28.36 41.22
C THR F 25 -30.55 29.45 41.87
N TRP F 26 -29.79 29.05 42.87
CA TRP F 26 -29.02 30.00 43.67
C TRP F 26 -27.92 30.66 42.79
N ASP F 27 -27.36 29.88 41.85
CA ASP F 27 -26.28 30.43 41.02
C ASP F 27 -26.92 31.32 39.97
N ARG F 28 -28.10 30.95 39.40
CA ARG F 28 -28.78 31.82 38.48
C ARG F 28 -29.09 33.18 39.15
N GLU F 29 -29.64 33.14 40.34
CA GLU F 29 -30.02 34.33 41.08
C GLU F 29 -28.79 35.19 41.29
N GLU F 30 -27.68 34.56 41.75
CA GLU F 30 -26.49 35.33 41.98
C GLU F 30 -25.96 36.03 40.73
N ASN F 31 -26.03 35.31 39.62
CA ASN F 31 -25.50 35.89 38.40
C ASN F 31 -26.38 36.99 37.84
N ILE F 32 -27.70 36.80 37.87
CA ILE F 32 -28.66 37.79 37.32
C ILE F 32 -28.47 39.11 38.09
N GLU F 33 -28.35 39.03 39.44
CA GLU F 33 -28.14 40.14 40.21
C GLU F 33 -26.76 40.81 39.96
N GLY F 34 -25.70 39.99 40.00
CA GLY F 34 -24.31 40.48 39.92
C GLY F 34 -23.96 41.01 38.61
N VAL F 35 -24.28 40.32 37.54
CA VAL F 35 -23.99 40.79 36.22
C VAL F 35 -24.79 42.03 35.86
N LEU F 36 -26.06 42.06 36.14
CA LEU F 36 -26.88 43.21 35.74
C LEU F 36 -26.61 44.46 36.64
N ASN F 37 -26.14 44.29 37.85
CA ASN F 37 -25.72 45.47 38.60
C ASN F 37 -24.49 46.11 37.95
N GLN F 38 -23.54 45.28 37.50
CA GLN F 38 -22.39 45.78 36.82
C GLN F 38 -22.80 46.44 35.48
N VAL F 39 -23.72 45.85 34.75
CA VAL F 39 -24.16 46.44 33.52
C VAL F 39 -24.68 47.86 33.78
N GLY F 40 -25.49 48.02 34.83
CA GLY F 40 -26.07 49.31 35.18
C GLY F 40 -24.97 50.31 35.46
N ARG F 41 -23.93 49.91 36.15
CA ARG F 41 -22.76 50.81 36.35
C ARG F 41 -22.09 51.26 35.04
N LEU F 42 -21.84 50.31 34.18
CA LEU F 42 -21.11 50.60 32.97
C LEU F 42 -21.92 51.42 32.04
N LEU F 43 -23.22 51.22 31.93
CA LEU F 43 -24.11 51.99 31.03
C LEU F 43 -24.42 53.38 31.48
N THR F 44 -24.14 53.67 32.73
CA THR F 44 -24.36 55.02 33.23
C THR F 44 -23.05 55.69 33.65
N GLY F 45 -21.92 55.20 33.12
CA GLY F 45 -20.61 55.76 33.40
C GLY F 45 -20.10 55.69 34.82
N GLN F 46 -20.62 54.81 35.64
CA GLN F 46 -20.05 54.56 37.00
C GLN F 46 -18.94 53.50 37.01
N GLU F 47 -18.14 53.52 38.05
CA GLU F 47 -16.97 52.61 38.13
C GLU F 47 -17.49 51.21 38.47
N PRO F 48 -17.03 50.18 37.78
CA PRO F 48 -17.53 48.86 38.17
C PRO F 48 -16.91 48.40 39.45
N LEU F 49 -17.50 47.43 40.13
CA LEU F 49 -16.84 46.84 41.25
C LEU F 49 -15.78 45.85 40.79
N ARG F 50 -14.56 45.91 41.39
CA ARG F 50 -13.53 45.02 41.00
C ARG F 50 -12.68 44.54 42.18
N GLY F 51 -13.21 44.59 43.37
CA GLY F 51 -12.47 44.28 44.57
C GLY F 51 -12.43 42.82 45.00
N THR F 52 -13.32 41.98 44.52
CA THR F 52 -13.30 40.51 44.80
C THR F 52 -13.22 39.77 43.47
N PRO F 53 -12.72 38.50 43.50
CA PRO F 53 -12.77 37.69 42.26
C PRO F 53 -14.17 37.65 41.63
N GLN F 54 -15.18 37.42 42.47
CA GLN F 54 -16.48 37.30 41.94
C GLN F 54 -16.98 38.63 41.24
N GLU F 55 -16.69 39.78 41.88
CA GLU F 55 -17.04 41.03 41.27
C GLU F 55 -16.35 41.26 39.94
N ARG F 56 -15.09 40.81 39.89
CA ARG F 56 -14.32 40.93 38.68
C ARG F 56 -14.88 40.03 37.59
N LEU F 57 -15.44 38.89 37.96
CA LEU F 57 -16.08 38.07 36.95
C LEU F 57 -17.37 38.67 36.48
N PHE F 58 -18.16 39.19 37.45
CA PHE F 58 -19.39 39.86 37.02
C PHE F 58 -19.04 41.03 36.11
N TYR F 59 -17.98 41.79 36.38
CA TYR F 59 -17.54 42.82 35.46
C TYR F 59 -17.22 42.30 34.05
N ALA F 60 -16.52 41.17 33.96
CA ALA F 60 -16.18 40.65 32.67
C ALA F 60 -17.42 40.29 31.84
N ASP F 61 -18.39 39.62 32.46
CA ASP F 61 -19.66 39.28 31.77
C ASP F 61 -20.47 40.56 31.44
N ALA F 62 -20.49 41.50 32.37
CA ALA F 62 -21.21 42.74 32.08
C ALA F 62 -20.61 43.60 31.03
N LEU F 63 -19.29 43.58 30.93
CA LEU F 63 -18.68 44.40 29.91
C LEU F 63 -18.99 43.95 28.52
N ALA F 64 -19.08 42.62 28.36
CA ALA F 64 -19.56 42.11 27.05
C ALA F 64 -20.96 42.53 26.72
N MET F 65 -21.85 42.41 27.71
CA MET F 65 -23.22 42.79 27.47
C MET F 65 -23.32 44.34 27.24
N ALA F 66 -22.63 45.13 28.03
CA ALA F 66 -22.75 46.58 27.90
C ALA F 66 -22.28 47.03 26.55
N ASN F 67 -21.13 46.51 26.11
CA ASN F 67 -20.61 46.82 24.81
C ASN F 67 -21.53 46.36 23.71
N ASP F 68 -22.04 45.13 23.81
CA ASP F 68 -22.94 44.61 22.81
C ASP F 68 -24.23 45.50 22.68
N VAL F 69 -24.86 45.81 23.80
CA VAL F 69 -26.14 46.56 23.78
C VAL F 69 -25.90 47.93 23.18
N ARG F 70 -24.75 48.56 23.46
CA ARG F 70 -24.39 49.90 22.87
C ARG F 70 -24.19 49.74 21.34
N GLU F 71 -23.62 48.62 20.93
CA GLU F 71 -23.36 48.37 19.50
C GLU F 71 -24.71 48.10 18.75
N ARG F 72 -25.57 47.34 19.41
CA ARG F 72 -26.83 46.92 18.78
C ARG F 72 -27.98 47.90 18.74
N PHE F 73 -28.13 48.68 19.78
CA PHE F 73 -29.37 49.39 20.03
C PHE F 73 -29.07 50.89 20.19
N PRO F 74 -29.50 51.67 19.19
CA PRO F 74 -29.21 53.10 19.27
C PRO F 74 -29.70 53.71 20.55
N TRP F 75 -30.89 53.30 20.95
CA TRP F 75 -31.42 53.91 22.17
C TRP F 75 -30.56 53.74 23.34
N ALA F 76 -29.73 52.73 23.42
CA ALA F 76 -28.93 52.44 24.67
C ALA F 76 -27.84 53.39 24.95
N SER F 77 -27.59 54.29 24.03
CA SER F 77 -26.56 55.28 24.27
C SER F 77 -27.18 56.55 24.87
N GLN F 78 -28.28 56.90 24.21
CA GLN F 78 -29.18 58.08 24.32
C GLN F 78 -30.44 57.80 25.27
N VAL F 79 -30.13 57.17 26.40
CA VAL F 79 -31.14 56.77 27.34
C VAL F 79 -30.82 57.53 28.60
N ASN F 80 -31.88 58.02 29.22
CA ASN F 80 -31.76 58.52 30.60
C ASN F 80 -31.21 57.52 31.61
N LYS F 81 -30.36 57.93 32.56
CA LYS F 81 -29.92 56.95 33.58
C LYS F 81 -31.03 56.31 34.38
N GLU F 82 -32.09 57.05 34.75
CA GLU F 82 -33.21 56.56 35.56
C GLU F 82 -33.88 55.45 34.72
N GLU F 83 -33.78 55.58 33.34
CA GLU F 83 -34.31 54.55 32.46
C GLU F 83 -33.48 53.28 32.71
N ILE F 84 -32.16 53.43 32.94
CA ILE F 84 -31.34 52.20 33.03
C ILE F 84 -31.78 51.38 34.24
N GLU F 85 -32.01 52.05 35.35
CA GLU F 85 -32.49 51.41 36.56
C GLU F 85 -33.81 50.71 36.41
N PHE F 86 -34.77 51.40 35.80
CA PHE F 86 -36.05 50.84 35.43
C PHE F 86 -35.88 49.63 34.56
N LEU F 87 -35.06 49.70 33.51
CA LEU F 87 -34.96 48.56 32.62
C LEU F 87 -34.27 47.40 33.25
N LEU F 88 -33.27 47.68 34.07
CA LEU F 88 -32.51 46.54 34.68
C LEU F 88 -33.34 45.90 35.77
N ASP F 89 -34.18 46.67 36.47
N ASP F 89 -34.14 46.70 36.51
CA ASP F 89 -35.15 46.06 37.44
CA ASP F 89 -35.12 46.12 37.47
C ASP F 89 -36.12 45.12 36.70
C ASP F 89 -36.10 45.15 36.72
N GLY F 90 -36.60 45.61 35.55
CA GLY F 90 -37.54 44.84 34.75
C GLY F 90 -36.85 43.62 34.14
N LEU F 91 -35.58 43.76 33.79
CA LEU F 91 -34.89 42.64 33.16
C LEU F 91 -34.55 41.56 34.23
N LYS F 92 -34.17 41.94 35.41
CA LYS F 92 -33.95 40.98 36.51
C LYS F 92 -35.21 40.20 36.74
N SER F 93 -36.38 40.87 36.79
N SER F 93 -36.36 40.89 36.80
CA SER F 93 -37.67 40.21 37.07
CA SER F 93 -37.63 40.23 37.10
C SER F 93 -38.01 39.22 35.97
C SER F 93 -37.99 39.24 35.98
N ARG F 94 -37.79 39.63 34.71
CA ARG F 94 -38.11 38.75 33.61
C ARG F 94 -37.14 37.55 33.56
N LEU F 95 -35.87 37.77 33.83
CA LEU F 95 -34.91 36.64 33.89
C LEU F 95 -35.21 35.71 35.01
N VAL F 96 -35.53 36.20 36.20
CA VAL F 96 -35.88 35.29 37.25
C VAL F 96 -37.12 34.50 36.84
N ASP F 97 -38.11 35.17 36.25
CA ASP F 97 -39.31 34.48 35.90
C ASP F 97 -39.05 33.32 34.94
N VAL F 98 -38.27 33.54 33.90
CA VAL F 98 -38.10 32.54 32.87
C VAL F 98 -37.04 31.47 33.15
N THR F 99 -36.03 31.83 33.91
CA THR F 99 -34.93 30.92 34.22
C THR F 99 -35.07 30.21 35.56
N ILE F 100 -35.97 30.69 36.41
CA ILE F 100 -36.16 30.13 37.73
C ILE F 100 -37.63 29.80 37.97
N THR F 101 -38.47 30.81 38.05
CA THR F 101 -39.83 30.61 38.59
C THR F 101 -40.66 29.66 37.72
N ARG F 102 -40.53 29.84 36.42
CA ARG F 102 -41.32 29.07 35.45
C ARG F 102 -40.52 28.04 34.65
N SER F 103 -39.25 27.88 35.01
CA SER F 103 -38.47 26.83 34.38
C SER F 103 -38.91 25.50 34.95
N THR F 104 -39.08 24.54 34.06
CA THR F 104 -39.39 23.17 34.45
C THR F 104 -38.10 22.28 34.56
N ASN F 105 -36.93 22.89 34.52
CA ASN F 105 -35.70 22.19 34.73
C ASN F 105 -35.69 21.59 36.15
N ARG F 106 -35.79 20.26 36.21
CA ARG F 106 -36.06 19.64 37.53
C ARG F 106 -34.81 19.59 38.41
N GLU F 107 -33.64 19.97 37.91
CA GLU F 107 -32.42 19.93 38.69
C GLU F 107 -32.14 21.22 39.48
N LEU F 108 -32.93 22.29 39.16
CA LEU F 108 -32.57 23.63 39.67
C LEU F 108 -32.36 23.76 41.16
N ASN F 109 -33.23 23.03 41.90
CA ASN F 109 -33.15 23.16 43.37
C ASN F 109 -32.45 21.97 44.08
N HIS F 110 -31.68 21.19 43.32
CA HIS F 110 -30.90 20.11 43.94
C HIS F 110 -29.73 20.64 44.66
N HIS F 111 -29.75 20.45 45.98
CA HIS F 111 -28.64 20.83 46.81
C HIS F 111 -27.28 20.31 46.39
N LEU F 112 -27.31 19.08 45.93
CA LEU F 112 -26.07 18.40 45.60
C LEU F 112 -25.74 18.75 44.15
N TYR F 113 -24.48 19.22 43.94
CA TYR F 113 -24.02 19.44 42.58
C TYR F 113 -23.68 18.10 41.88
C1 HCA G . 22.15 -5.91 -20.86
C2 HCA G . 22.21 -5.72 -19.35
C3 HCA G . 21.95 -7.11 -18.70
C4 HCA G . 20.56 -7.64 -19.10
C5 HCA G . 20.14 -8.94 -18.38
C6 HCA G . 18.90 -9.53 -19.03
C7 HCA G . 22.06 -7.00 -17.25
O1 HCA G . 22.95 -6.74 -21.40
O2 HCA G . 21.39 -5.17 -21.53
O3 HCA G . 19.00 -10.31 -19.99
O4 HCA G . 17.83 -9.20 -18.54
O5 HCA G . 23.00 -7.65 -16.63
O6 HCA G . 21.25 -6.25 -16.57
O7 HCA G . 22.92 -8.05 -19.18
S4A 8P8 H . 30.61 -9.42 -15.64
FE1 8P8 H . 31.57 -8.55 -17.57
FE3 8P8 H . 29.32 -7.71 -16.41
S5A 8P8 H . 27.95 -6.63 -15.01
S2A 8P8 H . 30.67 -6.49 -17.75
FE4 8P8 H . 29.48 -10.05 -17.59
C1 8P8 H . 28.09 -8.61 -17.77
FE5 8P8 H . 26.72 -10.13 -17.70
S4B 8P8 H . 25.52 -9.51 -15.88
S1A 8P8 H . 30.74 -9.62 -19.44
FE2 8P8 H . 29.39 -7.87 -19.04
FE6 8P8 H . 26.79 -7.95 -19.11
FE7 8P8 H . 26.73 -7.77 -16.55
S2B 8P8 H . 28.09 -7.04 -20.61
S3B 8P8 H . 25.49 -6.56 -17.98
S1B 8P8 H . 25.52 -9.72 -19.58
V1 8P8 H . 24.47 -8.65 -17.78
C CO3 I . 28.15 -12.68 -17.67
O1 CO3 I . 29.21 -12.00 -17.44
O2 CO3 I . 27.04 -12.03 -17.83
O3 CO3 I . 28.29 -13.90 -17.89
FE1 CLF J . 20.47 1.63 -31.77
FE2 CLF J . 18.55 0.48 -30.60
FE3 CLF J . 21.06 0.28 -29.39
FE4 CLF J . 19.68 2.61 -29.53
S1 CLF J . 18.33 2.77 -31.52
S2A CLF J . 20.34 -0.65 -31.39
S4A CLF J . 19.07 0.73 -28.38
S3A CLF J . 21.84 2.35 -30.10
FE5 CLF J . 17.05 3.85 -29.71
FE6 CLF J . 16.33 4.18 -32.15
FE7 CLF J . 14.33 3.66 -30.21
FE8 CLF J . 16.12 1.89 -31.17
S2B CLF J . 15.69 5.53 -30.34
S3B CLF J . 14.47 2.84 -32.36
S4B CLF J . 15.63 2.25 -28.97
FE1 CLF K . -21.49 -2.32 31.00
FE2 CLF K . -21.42 -2.56 28.51
FE3 CLF K . -20.74 -0.06 29.54
FE4 CLF K . -19.17 -2.26 29.83
S1 CLF K . -20.45 -4.31 29.99
S2A CLF K . -22.82 -1.09 29.58
S4A CLF K . -19.68 -1.20 27.86
S3A CLF K . -19.77 -0.86 31.54
FE5 CLF K . -18.40 -4.80 28.75
FE6 CLF K . -19.84 -6.75 29.59
FE7 CLF K . -18.85 -6.90 26.97
FE8 CLF K . -20.79 -5.24 27.81
S2B CLF K . -17.61 -6.93 28.93
S3B CLF K . -20.93 -7.52 27.70
S4B CLF K . -19.00 -4.66 26.54
MG MG L . 2.72 -13.95 -14.26
MG MG M . -19.94 1.48 1.91
MG MG N . 40.46 -31.52 -17.67
C1 HCA O . -19.16 8.01 22.95
C2 HCA O . -17.99 8.75 22.28
C3 HCA O . -18.49 9.55 21.07
C4 HCA O . -19.12 8.64 19.99
C5 HCA O . -19.59 9.39 18.74
C6 HCA O . -20.33 8.45 17.87
C7 HCA O . -17.34 10.38 20.54
O1 HCA O . -19.08 6.79 23.09
O2 HCA O . -20.12 8.76 23.30
O3 HCA O . -19.76 7.72 17.07
O4 HCA O . -21.56 8.43 18.06
O5 HCA O . -16.40 9.74 20.00
O6 HCA O . -17.42 11.63 20.55
O7 HCA O . -19.50 10.47 21.52
S4A 8P8 P . -18.08 18.40 24.49
FE1 8P8 P . -18.85 17.66 26.55
FE3 8P8 P . -17.41 16.27 24.82
S5A 8P8 P . -15.64 15.47 23.72
S2A 8P8 P . -17.53 15.95 27.09
FE4 8P8 P . -19.91 16.94 24.32
C1 8P8 P . -18.96 15.16 24.12
FE5 8P8 P . -19.99 14.94 22.39
S4B 8P8 P . -18.27 14.70 20.97
S1A 8P8 P . -20.91 16.65 26.38
FE2 8P8 P . -19.38 15.07 26.10
FE6 8P8 P . -19.43 13.21 24.24
FE7 8P8 P . -17.49 14.37 23.04
S2B 8P8 P . -19.88 12.92 26.39
S3B 8P8 P . -17.63 12.17 23.50
S1B 8P8 P . -20.99 12.92 22.69
V1 8P8 P . -18.96 12.57 21.61
C CO3 Q . -21.79 17.22 22.15
O1 CO3 Q . -21.41 16.07 21.69
O2 CO3 Q . -22.81 17.82 21.64
O3 CO3 Q . -21.12 17.83 23.11
MG MG R . -35.28 35.23 21.16
#